data_1XN7
#
_entry.id   1XN7
#
_entity_poly.entity_id   1
_entity_poly.type   'polypeptide(L)'
_entity_poly.pdbx_seq_one_letter_code
;MASLIQVRDLLALRGRMEAAQISQTLNTPQPMINAMLQQLESMGKAVRIQEEPDGCLSGSCKSCPEGKACLREWWALR
;
_entity_poly.pdbx_strand_id   A
#
# COMPACT_ATOMS: atom_id res chain seq x y z
N MET A 1 12.21 16.91 -3.95
CA MET A 1 11.74 15.58 -3.60
C MET A 1 12.70 14.90 -2.62
N ALA A 2 12.25 13.77 -2.07
CA ALA A 2 13.05 13.03 -1.12
C ALA A 2 13.73 11.85 -1.85
N SER A 3 14.40 11.03 -1.07
CA SER A 3 15.08 9.88 -1.62
C SER A 3 14.22 8.62 -1.46
N LEU A 4 14.53 7.62 -2.27
CA LEU A 4 13.79 6.37 -2.23
C LEU A 4 14.19 5.57 -0.99
N ILE A 5 15.48 5.68 -0.64
CA ILE A 5 16.00 4.98 0.51
C ILE A 5 15.12 5.27 1.73
N GLN A 6 14.50 6.46 1.70
CA GLN A 6 13.64 6.87 2.79
C GLN A 6 12.43 5.94 2.89
N VAL A 7 11.75 5.78 1.77
CA VAL A 7 10.57 4.93 1.71
C VAL A 7 11.00 3.48 1.95
N ARG A 8 12.17 3.13 1.41
CA ARG A 8 12.70 1.79 1.55
C ARG A 8 13.09 1.53 3.00
N ASP A 9 13.81 2.48 3.57
CA ASP A 9 14.25 2.36 4.95
C ASP A 9 13.03 2.29 5.87
N LEU A 10 12.14 3.25 5.69
CA LEU A 10 10.93 3.31 6.49
C LEU A 10 10.15 2.01 6.32
N LEU A 11 10.08 1.56 5.08
CA LEU A 11 9.37 0.32 4.77
C LEU A 11 9.98 -0.83 5.56
N ALA A 12 11.27 -0.71 5.83
CA ALA A 12 11.97 -1.74 6.59
C ALA A 12 11.84 -1.45 8.08
N LEU A 13 12.18 -0.22 8.44
CA LEU A 13 12.10 0.19 9.83
C LEU A 13 10.66 0.03 10.33
N ARG A 14 9.75 0.73 9.67
CA ARG A 14 8.35 0.67 10.03
C ARG A 14 7.69 -0.57 9.41
N GLY A 15 8.52 -1.36 8.74
CA GLY A 15 8.04 -2.57 8.10
C GLY A 15 6.93 -2.26 7.09
N ARG A 16 5.95 -3.15 7.05
CA ARG A 16 4.83 -2.97 6.13
C ARG A 16 3.95 -1.80 6.58
N MET A 17 3.71 -0.89 5.64
CA MET A 17 2.90 0.28 5.93
C MET A 17 2.51 1.00 4.64
N GLU A 18 1.36 1.67 4.70
CA GLU A 18 0.87 2.40 3.55
C GLU A 18 1.81 3.56 3.22
N ALA A 19 1.69 4.05 1.99
CA ALA A 19 2.52 5.15 1.53
C ALA A 19 2.13 6.43 2.29
N ALA A 20 0.82 6.58 2.50
CA ALA A 20 0.31 7.74 3.21
C ALA A 20 1.19 8.02 4.43
N GLN A 21 1.63 6.94 5.07
CA GLN A 21 2.47 7.05 6.24
C GLN A 21 3.89 7.47 5.84
N ILE A 22 4.45 6.72 4.90
CA ILE A 22 5.79 7.00 4.42
C ILE A 22 5.86 8.45 3.92
N SER A 23 4.89 8.80 3.09
CA SER A 23 4.82 10.14 2.53
C SER A 23 4.86 11.17 3.65
N GLN A 24 4.13 10.87 4.72
CA GLN A 24 4.06 11.76 5.85
C GLN A 24 5.44 11.90 6.50
N THR A 25 6.10 10.76 6.66
CA THR A 25 7.43 10.74 7.25
C THR A 25 8.32 11.80 6.60
N LEU A 26 8.28 11.84 5.27
CA LEU A 26 9.08 12.79 4.53
C LEU A 26 8.19 13.97 4.10
N ASN A 27 7.09 14.13 4.83
CA ASN A 27 6.16 15.20 4.54
C ASN A 27 6.02 15.37 3.03
N THR A 28 6.18 14.26 2.33
CA THR A 28 6.09 14.26 0.87
C THR A 28 4.62 14.16 0.45
N PRO A 29 4.38 14.51 -0.85
CA PRO A 29 3.04 14.46 -1.40
C PRO A 29 2.61 13.02 -1.67
N GLN A 30 1.37 12.73 -1.32
CA GLN A 30 0.82 11.40 -1.51
C GLN A 30 1.15 10.89 -2.92
N PRO A 31 0.82 11.74 -3.93
CA PRO A 31 1.07 11.39 -5.32
C PRO A 31 2.57 11.52 -5.64
N MET A 32 3.38 10.87 -4.84
CA MET A 32 4.82 10.91 -5.03
C MET A 32 5.46 9.56 -4.70
N ILE A 33 5.07 9.02 -3.55
CA ILE A 33 5.60 7.74 -3.10
C ILE A 33 4.93 6.62 -3.90
N ASN A 34 3.65 6.81 -4.17
CA ASN A 34 2.90 5.82 -4.92
C ASN A 34 3.59 5.56 -6.27
N ALA A 35 4.04 6.64 -6.88
CA ALA A 35 4.72 6.56 -8.16
C ALA A 35 5.96 5.66 -8.01
N MET A 36 6.71 5.93 -6.95
CA MET A 36 7.92 5.16 -6.67
C MET A 36 7.59 3.70 -6.39
N LEU A 37 6.59 3.50 -5.54
CA LEU A 37 6.16 2.17 -5.18
C LEU A 37 5.86 1.37 -6.46
N GLN A 38 5.23 2.06 -7.40
CA GLN A 38 4.87 1.43 -8.66
C GLN A 38 6.13 0.96 -9.39
N GLN A 39 7.12 1.85 -9.43
CA GLN A 39 8.37 1.54 -10.10
C GLN A 39 9.03 0.32 -9.44
N LEU A 40 9.18 0.40 -8.12
CA LEU A 40 9.80 -0.68 -7.38
C LEU A 40 9.03 -1.98 -7.64
N GLU A 41 7.70 -1.87 -7.59
CA GLU A 41 6.85 -3.02 -7.82
C GLU A 41 7.16 -3.65 -9.18
N SER A 42 7.19 -2.80 -10.19
CA SER A 42 7.47 -3.25 -11.54
C SER A 42 8.78 -4.04 -11.56
N MET A 43 9.80 -3.45 -10.95
CA MET A 43 11.10 -4.08 -10.89
C MET A 43 11.05 -5.41 -10.14
N GLY A 44 10.48 -5.34 -8.93
CA GLY A 44 10.35 -6.53 -8.10
C GLY A 44 11.20 -6.39 -6.83
N LYS A 45 11.09 -5.23 -6.20
CA LYS A 45 11.84 -4.97 -4.99
C LYS A 45 10.91 -5.11 -3.78
N ALA A 46 9.86 -4.29 -3.78
CA ALA A 46 8.90 -4.32 -2.69
C ALA A 46 7.73 -5.23 -3.08
N VAL A 47 6.84 -5.44 -2.12
CA VAL A 47 5.68 -6.29 -2.34
C VAL A 47 4.43 -5.57 -1.85
N ARG A 48 3.30 -5.97 -2.41
CA ARG A 48 2.02 -5.37 -2.04
C ARG A 48 1.43 -6.09 -0.84
N ILE A 49 0.89 -5.30 0.08
CA ILE A 49 0.29 -5.85 1.29
C ILE A 49 -1.20 -5.52 1.29
N GLN A 50 -1.97 -6.41 1.92
CA GLN A 50 -3.40 -6.22 2.01
C GLN A 50 -3.82 -6.04 3.47
N GLU A 51 -4.90 -5.28 3.66
CA GLU A 51 -5.41 -5.02 4.99
C GLU A 51 -6.68 -5.83 5.24
N GLU A 52 -7.08 -5.88 6.50
CA GLU A 52 -8.27 -6.61 6.88
C GLU A 52 -9.38 -6.41 5.85
N PRO A 53 -10.20 -7.48 5.66
CA PRO A 53 -11.29 -7.42 4.71
C PRO A 53 -12.46 -6.60 5.27
N ASP A 54 -13.61 -6.79 4.66
CA ASP A 54 -14.80 -6.07 5.07
C ASP A 54 -15.93 -7.07 5.35
N GLY A 55 -16.94 -6.59 6.04
CA GLY A 55 -18.09 -7.43 6.39
C GLY A 55 -19.34 -6.58 6.63
N CYS A 56 -20.44 -7.27 6.86
CA CYS A 56 -21.71 -6.60 7.11
C CYS A 56 -22.73 -7.65 7.56
N LEU A 57 -23.81 -7.16 8.14
CA LEU A 57 -24.86 -8.03 8.63
C LEU A 57 -26.07 -7.95 7.68
N SER A 58 -26.90 -8.97 7.75
CA SER A 58 -28.09 -9.03 6.91
C SER A 58 -28.90 -10.28 7.23
N GLY A 59 -30.18 -10.07 7.47
CA GLY A 59 -31.07 -11.18 7.79
C GLY A 59 -31.28 -12.10 6.58
N SER A 60 -32.51 -12.12 6.10
CA SER A 60 -32.85 -12.94 4.95
C SER A 60 -32.94 -12.07 3.69
N CYS A 61 -31.82 -11.97 3.00
CA CYS A 61 -31.76 -11.17 1.79
C CYS A 61 -30.34 -11.23 1.23
N LYS A 62 -30.23 -10.95 -0.06
CA LYS A 62 -28.94 -10.98 -0.73
C LYS A 62 -28.76 -9.69 -1.52
N SER A 63 -27.57 -9.11 -1.38
CA SER A 63 -27.25 -7.88 -2.07
C SER A 63 -25.76 -7.54 -1.87
N CYS A 64 -25.05 -7.45 -2.99
CA CYS A 64 -23.64 -7.13 -2.94
C CYS A 64 -23.43 -5.79 -3.67
N PRO A 65 -22.23 -5.20 -3.43
CA PRO A 65 -21.89 -3.93 -4.04
C PRO A 65 -21.55 -4.11 -5.52
N GLU A 66 -20.88 -3.10 -6.07
CA GLU A 66 -20.49 -3.14 -7.46
C GLU A 66 -18.96 -3.03 -7.59
N GLY A 67 -18.29 -3.99 -6.98
CA GLY A 67 -16.84 -4.02 -7.02
C GLY A 67 -16.24 -3.06 -5.99
N LYS A 68 -16.40 -1.76 -6.26
CA LYS A 68 -15.90 -0.74 -5.37
C LYS A 68 -14.37 -0.88 -5.25
N ALA A 69 -13.76 0.15 -4.69
CA ALA A 69 -12.32 0.16 -4.53
C ALA A 69 -11.91 -1.06 -3.69
N CYS A 70 -10.61 -1.33 -3.71
CA CYS A 70 -10.07 -2.46 -2.97
C CYS A 70 -9.61 -1.95 -1.60
N LEU A 71 -9.40 -2.89 -0.70
CA LEU A 71 -8.95 -2.56 0.65
C LEU A 71 -7.68 -1.71 0.56
N ARG A 72 -7.40 -1.01 1.65
CA ARG A 72 -6.22 -0.16 1.70
C ARG A 72 -4.94 -1.01 1.59
N GLU A 73 -4.53 -1.24 0.36
CA GLU A 73 -3.34 -2.02 0.11
C GLU A 73 -2.11 -1.33 0.70
N TRP A 74 -1.32 -2.10 1.43
CA TRP A 74 -0.12 -1.58 2.06
C TRP A 74 1.07 -1.98 1.19
N TRP A 75 2.22 -1.42 1.53
CA TRP A 75 3.44 -1.71 0.79
C TRP A 75 4.50 -2.17 1.80
N ALA A 76 5.39 -3.02 1.32
CA ALA A 76 6.46 -3.54 2.16
C ALA A 76 7.64 -3.96 1.29
N LEU A 77 8.69 -4.43 1.94
CA LEU A 77 9.88 -4.87 1.23
C LEU A 77 9.80 -6.38 0.97
N ARG A 78 10.61 -6.84 0.04
CA ARG A 78 10.64 -8.24 -0.31
C ARG A 78 11.66 -8.99 0.55
N MET A 1 9.79 15.78 -2.89
CA MET A 1 10.80 15.08 -3.66
C MET A 1 12.00 14.71 -2.79
N ALA A 2 11.90 13.52 -2.18
CA ALA A 2 12.97 13.04 -1.32
C ALA A 2 13.64 11.84 -1.98
N SER A 3 14.48 11.16 -1.21
CA SER A 3 15.19 10.00 -1.71
C SER A 3 14.37 8.73 -1.45
N LEU A 4 14.70 7.70 -2.20
CA LEU A 4 13.99 6.43 -2.06
C LEU A 4 14.45 5.73 -0.78
N ILE A 5 15.73 5.91 -0.47
CA ILE A 5 16.31 5.31 0.72
C ILE A 5 15.39 5.59 1.92
N GLN A 6 14.85 6.80 1.94
CA GLN A 6 13.96 7.20 3.02
C GLN A 6 12.77 6.25 3.10
N VAL A 7 12.12 6.05 1.95
CA VAL A 7 10.98 5.18 1.88
C VAL A 7 11.42 3.73 2.11
N ARG A 8 12.47 3.35 1.40
CA ARG A 8 13.00 2.01 1.52
C ARG A 8 13.32 1.69 2.98
N ASP A 9 13.95 2.65 3.64
CA ASP A 9 14.32 2.48 5.03
C ASP A 9 13.04 2.37 5.88
N LEU A 10 12.17 3.34 5.68
CA LEU A 10 10.91 3.37 6.41
C LEU A 10 10.15 2.06 6.18
N LEU A 11 10.14 1.64 4.92
CA LEU A 11 9.47 0.41 4.55
C LEU A 11 10.02 -0.74 5.39
N ALA A 12 11.30 -0.64 5.72
CA ALA A 12 11.95 -1.66 6.51
C ALA A 12 11.73 -1.37 8.00
N LEU A 13 12.12 -0.17 8.40
CA LEU A 13 11.96 0.24 9.78
C LEU A 13 10.52 0.05 10.22
N ARG A 14 9.62 0.73 9.50
CA ARG A 14 8.20 0.65 9.80
C ARG A 14 7.61 -0.60 9.15
N GLY A 15 8.47 -1.39 8.53
CA GLY A 15 8.04 -2.61 7.86
C GLY A 15 6.93 -2.32 6.85
N ARG A 16 5.98 -3.23 6.78
CA ARG A 16 4.86 -3.09 5.87
C ARG A 16 3.95 -1.94 6.30
N MET A 17 3.81 -0.96 5.42
CA MET A 17 2.98 0.19 5.72
C MET A 17 2.42 0.79 4.43
N GLU A 18 1.57 1.80 4.60
CA GLU A 18 0.96 2.47 3.47
C GLU A 18 1.81 3.68 3.05
N ALA A 19 1.57 4.14 1.83
CA ALA A 19 2.30 5.27 1.30
C ALA A 19 1.94 6.52 2.11
N ALA A 20 0.65 6.66 2.39
CA ALA A 20 0.16 7.80 3.14
C ALA A 20 1.09 8.04 4.34
N GLN A 21 1.51 6.94 4.95
CA GLN A 21 2.40 7.01 6.10
C GLN A 21 3.81 7.40 5.66
N ILE A 22 4.32 6.66 4.70
CA ILE A 22 5.65 6.90 4.17
C ILE A 22 5.76 8.37 3.74
N SER A 23 4.71 8.83 3.06
CA SER A 23 4.67 10.20 2.58
C SER A 23 4.78 11.17 3.77
N GLN A 24 4.04 10.85 4.81
CA GLN A 24 4.04 11.69 6.01
C GLN A 24 5.45 11.75 6.61
N THR A 25 6.09 10.58 6.67
CA THR A 25 7.43 10.50 7.21
C THR A 25 8.32 11.59 6.62
N LEU A 26 8.22 11.74 5.30
CA LEU A 26 9.00 12.75 4.61
C LEU A 26 8.10 13.89 4.18
N ASN A 27 6.98 14.01 4.87
CA ASN A 27 6.01 15.06 4.58
C ASN A 27 5.93 15.25 3.05
N THR A 28 6.13 14.14 2.34
CA THR A 28 6.09 14.18 0.89
C THR A 28 4.63 14.15 0.40
N PRO A 29 4.45 14.54 -0.89
CA PRO A 29 3.13 14.56 -1.48
C PRO A 29 2.63 13.14 -1.80
N GLN A 30 1.39 12.90 -1.43
CA GLN A 30 0.79 11.59 -1.68
C GLN A 30 1.18 11.07 -3.06
N PRO A 31 0.93 11.94 -4.08
CA PRO A 31 1.25 11.59 -5.45
C PRO A 31 2.76 11.65 -5.71
N MET A 32 3.50 10.98 -4.85
CA MET A 32 4.95 10.96 -4.96
C MET A 32 5.51 9.58 -4.59
N ILE A 33 5.00 9.04 -3.50
CA ILE A 33 5.44 7.73 -3.04
C ILE A 33 4.79 6.64 -3.89
N ASN A 34 3.59 6.95 -4.37
CA ASN A 34 2.86 6.01 -5.20
C ASN A 34 3.66 5.73 -6.47
N ALA A 35 4.18 6.80 -7.04
CA ALA A 35 4.98 6.69 -8.27
C ALA A 35 6.19 5.80 -8.00
N MET A 36 6.84 6.05 -6.87
CA MET A 36 8.01 5.28 -6.49
C MET A 36 7.65 3.82 -6.26
N LEU A 37 6.65 3.60 -5.43
CA LEU A 37 6.20 2.25 -5.11
C LEU A 37 5.90 1.52 -6.42
N GLN A 38 5.31 2.25 -7.36
CA GLN A 38 4.96 1.68 -8.65
C GLN A 38 6.21 1.12 -9.33
N GLN A 39 7.32 1.82 -9.14
CA GLN A 39 8.57 1.42 -9.74
C GLN A 39 9.08 0.14 -9.08
N LEU A 40 9.10 0.15 -7.76
CA LEU A 40 9.56 -1.00 -7.00
C LEU A 40 8.69 -2.21 -7.34
N GLU A 41 7.39 -1.95 -7.44
CA GLU A 41 6.45 -3.00 -7.76
C GLU A 41 6.74 -3.58 -9.14
N SER A 42 6.82 -2.68 -10.12
CA SER A 42 7.10 -3.09 -11.48
C SER A 42 8.37 -3.94 -11.54
N MET A 43 9.42 -3.41 -10.93
CA MET A 43 10.69 -4.12 -10.91
C MET A 43 10.57 -5.44 -10.16
N GLY A 44 9.97 -5.36 -8.98
CA GLY A 44 9.79 -6.54 -8.15
C GLY A 44 10.68 -6.49 -6.91
N LYS A 45 10.69 -5.33 -6.27
CA LYS A 45 11.49 -5.14 -5.08
C LYS A 45 10.59 -5.27 -3.84
N ALA A 46 9.53 -4.49 -3.84
CA ALA A 46 8.59 -4.50 -2.73
C ALA A 46 7.42 -5.44 -3.06
N VAL A 47 6.60 -5.68 -2.06
CA VAL A 47 5.44 -6.55 -2.23
C VAL A 47 4.19 -5.84 -1.71
N ARG A 48 3.06 -6.21 -2.28
CA ARG A 48 1.80 -5.62 -1.89
C ARG A 48 1.21 -6.36 -0.68
N ILE A 49 0.67 -5.58 0.24
CA ILE A 49 0.08 -6.15 1.44
C ILE A 49 -1.40 -5.77 1.50
N GLN A 50 -2.19 -6.69 2.05
CA GLN A 50 -3.62 -6.47 2.17
C GLN A 50 -3.98 -6.12 3.61
N GLU A 51 -5.04 -5.33 3.75
CA GLU A 51 -5.50 -4.92 5.06
C GLU A 51 -6.89 -5.49 5.35
N GLU A 52 -7.30 -5.37 6.60
CA GLU A 52 -8.60 -5.87 7.01
C GLU A 52 -9.66 -5.53 5.96
N PRO A 53 -10.31 -6.60 5.45
CA PRO A 53 -11.34 -6.44 4.44
C PRO A 53 -12.64 -5.91 5.07
N ASP A 54 -13.73 -6.07 4.33
CA ASP A 54 -15.02 -5.62 4.80
C ASP A 54 -16.02 -6.78 4.73
N GLY A 55 -17.14 -6.59 5.42
CA GLY A 55 -18.17 -7.62 5.45
C GLY A 55 -18.36 -8.25 4.07
N CYS A 56 -18.91 -9.45 4.07
CA CYS A 56 -19.14 -10.18 2.84
C CYS A 56 -20.40 -11.03 3.01
N LEU A 57 -20.35 -11.90 4.00
CA LEU A 57 -21.47 -12.78 4.28
C LEU A 57 -21.72 -13.68 3.08
N SER A 58 -21.67 -14.98 3.34
CA SER A 58 -21.88 -15.97 2.29
C SER A 58 -23.37 -16.05 1.95
N GLY A 59 -23.65 -16.58 0.76
CA GLY A 59 -25.02 -16.73 0.31
C GLY A 59 -25.26 -18.11 -0.29
N SER A 60 -26.03 -18.13 -1.37
CA SER A 60 -26.34 -19.38 -2.05
C SER A 60 -25.14 -19.83 -2.89
N CYS A 61 -25.18 -21.10 -3.28
CA CYS A 61 -24.11 -21.66 -4.09
C CYS A 61 -24.18 -21.05 -5.48
N LYS A 62 -23.02 -20.95 -6.12
CA LYS A 62 -22.94 -20.38 -7.46
C LYS A 62 -23.35 -18.91 -7.40
N SER A 63 -22.40 -18.06 -7.76
CA SER A 63 -22.64 -16.63 -7.76
C SER A 63 -21.43 -15.89 -8.35
N CYS A 64 -21.63 -14.61 -8.60
CA CYS A 64 -20.58 -13.78 -9.16
C CYS A 64 -20.95 -12.31 -8.95
N PRO A 65 -20.84 -11.87 -7.67
CA PRO A 65 -21.16 -10.49 -7.33
C PRO A 65 -20.06 -9.54 -7.78
N GLU A 66 -20.07 -8.35 -7.20
CA GLU A 66 -19.08 -7.34 -7.54
C GLU A 66 -18.36 -6.86 -6.28
N GLY A 67 -17.92 -5.61 -6.34
CA GLY A 67 -17.22 -5.01 -5.21
C GLY A 67 -16.36 -3.83 -5.66
N LYS A 68 -16.30 -2.82 -4.82
CA LYS A 68 -15.52 -1.63 -5.12
C LYS A 68 -14.03 -1.98 -5.03
N ALA A 69 -13.21 -0.95 -5.26
CA ALA A 69 -11.77 -1.13 -5.21
C ALA A 69 -11.41 -2.00 -4.00
N CYS A 70 -10.23 -2.60 -4.08
CA CYS A 70 -9.76 -3.45 -3.01
C CYS A 70 -9.27 -2.55 -1.87
N LEU A 71 -9.25 -3.13 -0.67
CA LEU A 71 -8.80 -2.40 0.51
C LEU A 71 -7.46 -1.73 0.20
N ARG A 72 -7.14 -0.73 1.01
CA ARG A 72 -5.90 0.01 0.84
C ARG A 72 -4.70 -0.91 1.11
N GLU A 73 -4.23 -1.53 0.05
CA GLU A 73 -3.10 -2.44 0.16
C GLU A 73 -1.86 -1.68 0.64
N TRP A 74 -1.12 -2.34 1.52
CA TRP A 74 0.09 -1.75 2.07
C TRP A 74 1.27 -2.18 1.20
N TRP A 75 2.41 -1.55 1.45
CA TRP A 75 3.62 -1.86 0.70
C TRP A 75 4.70 -2.24 1.70
N ALA A 76 5.59 -3.13 1.27
CA ALA A 76 6.67 -3.59 2.11
C ALA A 76 7.82 -4.09 1.23
N LEU A 77 8.88 -4.52 1.89
CA LEU A 77 10.05 -5.03 1.19
C LEU A 77 9.98 -6.55 1.13
N ARG A 78 10.60 -7.11 0.09
CA ARG A 78 10.61 -8.55 -0.09
C ARG A 78 11.56 -9.20 0.92
N MET A 1 14.51 16.59 3.21
CA MET A 1 15.20 15.40 2.75
C MET A 1 14.19 14.31 2.35
N ALA A 2 14.42 13.75 1.17
CA ALA A 2 13.54 12.71 0.67
C ALA A 2 14.31 11.84 -0.34
N SER A 3 13.95 10.57 -0.38
CA SER A 3 14.60 9.63 -1.28
C SER A 3 14.04 8.22 -1.04
N LEU A 4 14.26 7.37 -2.04
CA LEU A 4 13.79 5.99 -1.95
C LEU A 4 14.36 5.35 -0.69
N ILE A 5 15.62 5.68 -0.40
CA ILE A 5 16.29 5.14 0.77
C ILE A 5 15.45 5.44 2.01
N GLN A 6 14.95 6.66 2.08
CA GLN A 6 14.14 7.08 3.21
C GLN A 6 12.92 6.17 3.35
N VAL A 7 12.19 6.03 2.25
CA VAL A 7 11.00 5.19 2.24
C VAL A 7 11.42 3.73 2.46
N ARG A 8 12.42 3.31 1.70
CA ARG A 8 12.91 1.96 1.79
C ARG A 8 13.26 1.61 3.25
N ASP A 9 13.95 2.55 3.90
CA ASP A 9 14.34 2.36 5.27
C ASP A 9 13.09 2.29 6.16
N LEU A 10 12.23 3.29 5.99
CA LEU A 10 11.00 3.35 6.76
C LEU A 10 10.19 2.07 6.53
N LEU A 11 10.00 1.75 5.25
CA LEU A 11 9.26 0.55 4.88
C LEU A 11 9.88 -0.66 5.58
N ALA A 12 11.17 -0.55 5.87
CA ALA A 12 11.88 -1.62 6.53
C ALA A 12 11.71 -1.50 8.04
N LEU A 13 12.15 -0.36 8.56
CA LEU A 13 12.05 -0.11 9.98
C LEU A 13 10.60 -0.26 10.42
N ARG A 14 9.73 0.54 9.83
CA ARG A 14 8.31 0.50 10.15
C ARG A 14 7.67 -0.74 9.53
N GLY A 15 8.42 -1.38 8.65
CA GLY A 15 7.93 -2.58 7.98
C GLY A 15 6.81 -2.23 7.00
N ARG A 16 5.87 -3.17 6.89
CA ARG A 16 4.74 -2.98 5.99
C ARG A 16 3.87 -1.81 6.47
N MET A 17 3.65 -0.87 5.56
CA MET A 17 2.85 0.30 5.87
C MET A 17 2.30 0.94 4.59
N GLU A 18 1.46 1.95 4.79
CA GLU A 18 0.87 2.66 3.68
C GLU A 18 1.74 3.84 3.25
N ALA A 19 1.50 4.31 2.04
CA ALA A 19 2.25 5.43 1.51
C ALA A 19 1.93 6.69 2.32
N ALA A 20 0.65 6.83 2.64
CA ALA A 20 0.20 7.97 3.41
C ALA A 20 1.17 8.23 4.57
N GLN A 21 1.62 7.13 5.16
CA GLN A 21 2.57 7.22 6.27
C GLN A 21 3.97 7.54 5.76
N ILE A 22 4.35 6.83 4.71
CA ILE A 22 5.67 7.03 4.12
C ILE A 22 5.82 8.49 3.69
N SER A 23 4.82 8.97 2.96
CA SER A 23 4.83 10.34 2.50
C SER A 23 4.91 11.31 3.69
N GLN A 24 4.21 10.94 4.74
CA GLN A 24 4.21 11.77 5.95
C GLN A 24 5.62 11.91 6.51
N THR A 25 6.32 10.79 6.54
CA THR A 25 7.69 10.77 7.05
C THR A 25 8.52 11.86 6.37
N LEU A 26 8.37 11.94 5.05
CA LEU A 26 9.10 12.93 4.28
C LEU A 26 8.14 14.05 3.86
N ASN A 27 7.04 14.15 4.60
CA ASN A 27 6.03 15.17 4.32
C ASN A 27 5.89 15.32 2.81
N THR A 28 6.11 14.24 2.10
CA THR A 28 6.00 14.23 0.65
C THR A 28 4.53 14.15 0.23
N PRO A 29 4.30 14.51 -1.07
CA PRO A 29 2.95 14.48 -1.61
C PRO A 29 2.51 13.04 -1.89
N GLN A 30 1.26 12.76 -1.52
CA GLN A 30 0.70 11.44 -1.72
C GLN A 30 1.08 10.91 -3.11
N PRO A 31 0.77 11.73 -4.14
CA PRO A 31 1.07 11.35 -5.51
C PRO A 31 2.57 11.49 -5.80
N MET A 32 3.36 10.85 -4.96
CA MET A 32 4.81 10.90 -5.11
C MET A 32 5.44 9.55 -4.75
N ILE A 33 5.01 9.01 -3.61
CA ILE A 33 5.51 7.74 -3.15
C ILE A 33 4.88 6.61 -3.97
N ASN A 34 3.63 6.82 -4.36
CA ASN A 34 2.91 5.84 -5.14
C ASN A 34 3.69 5.56 -6.43
N ALA A 35 4.19 6.64 -7.03
CA ALA A 35 4.96 6.52 -8.26
C ALA A 35 6.15 5.58 -8.04
N MET A 36 6.84 5.80 -6.93
CA MET A 36 7.99 4.99 -6.60
C MET A 36 7.58 3.53 -6.37
N LEU A 37 6.56 3.36 -5.54
CA LEU A 37 6.07 2.02 -5.24
C LEU A 37 5.72 1.30 -6.54
N GLN A 38 5.12 2.05 -7.46
CA GLN A 38 4.73 1.50 -8.74
C GLN A 38 5.96 1.02 -9.51
N GLN A 39 6.99 1.86 -9.50
CA GLN A 39 8.22 1.55 -10.20
C GLN A 39 8.86 0.29 -9.59
N LEU A 40 8.98 0.29 -8.28
CA LEU A 40 9.56 -0.82 -7.57
C LEU A 40 8.76 -2.09 -7.88
N GLU A 41 7.44 -1.91 -7.94
CA GLU A 41 6.55 -3.03 -8.22
C GLU A 41 6.89 -3.65 -9.57
N SER A 42 6.94 -2.80 -10.59
CA SER A 42 7.25 -3.24 -11.94
C SER A 42 8.59 -3.99 -11.94
N MET A 43 9.57 -3.39 -11.27
CA MET A 43 10.89 -3.99 -11.19
C MET A 43 10.86 -5.28 -10.38
N GLY A 44 10.25 -5.19 -9.21
CA GLY A 44 10.15 -6.34 -8.33
C GLY A 44 11.04 -6.17 -7.10
N LYS A 45 10.93 -5.01 -6.48
CA LYS A 45 11.73 -4.70 -5.30
C LYS A 45 10.85 -4.88 -4.06
N ALA A 46 9.77 -4.11 -4.01
CA ALA A 46 8.86 -4.16 -2.89
C ALA A 46 7.76 -5.18 -3.18
N VAL A 47 6.87 -5.34 -2.23
CA VAL A 47 5.76 -6.28 -2.37
C VAL A 47 4.47 -5.62 -1.89
N ARG A 48 3.36 -6.15 -2.38
CA ARG A 48 2.05 -5.63 -2.01
C ARG A 48 1.55 -6.31 -0.74
N ILE A 49 0.96 -5.50 0.13
CA ILE A 49 0.43 -6.01 1.39
C ILE A 49 -1.08 -5.79 1.43
N GLN A 50 -1.77 -6.66 2.16
CA GLN A 50 -3.20 -6.57 2.29
C GLN A 50 -3.59 -6.18 3.71
N GLU A 51 -4.75 -5.55 3.83
CA GLU A 51 -5.24 -5.13 5.13
C GLU A 51 -6.39 -6.02 5.59
N GLU A 52 -6.72 -5.93 6.87
CA GLU A 52 -7.79 -6.73 7.44
C GLU A 52 -9.02 -6.67 6.53
N PRO A 53 -9.27 -7.81 5.84
CA PRO A 53 -10.41 -7.90 4.94
C PRO A 53 -11.72 -8.06 5.73
N ASP A 54 -12.75 -8.51 5.02
CA ASP A 54 -14.05 -8.69 5.64
C ASP A 54 -14.10 -10.08 6.30
N GLY A 55 -15.08 -10.25 7.17
CA GLY A 55 -15.26 -11.50 7.87
C GLY A 55 -16.73 -11.85 8.03
N CYS A 56 -17.24 -12.60 7.07
CA CYS A 56 -18.64 -13.00 7.09
C CYS A 56 -18.88 -13.97 5.92
N LEU A 57 -19.86 -14.83 6.11
CA LEU A 57 -20.20 -15.81 5.09
C LEU A 57 -20.45 -15.08 3.76
N SER A 58 -19.66 -15.46 2.76
CA SER A 58 -19.79 -14.85 1.45
C SER A 58 -20.26 -15.89 0.43
N GLY A 59 -21.55 -15.84 0.13
CA GLY A 59 -22.13 -16.77 -0.82
C GLY A 59 -22.06 -18.21 -0.30
N SER A 60 -22.96 -19.04 -0.81
CA SER A 60 -22.99 -20.43 -0.41
C SER A 60 -22.64 -21.33 -1.59
N CYS A 61 -21.51 -22.01 -1.47
CA CYS A 61 -21.05 -22.91 -2.51
C CYS A 61 -20.47 -22.06 -3.65
N LYS A 62 -21.33 -21.24 -4.24
CA LYS A 62 -20.91 -20.38 -5.33
C LYS A 62 -20.33 -19.09 -4.75
N SER A 63 -19.29 -18.60 -5.41
CA SER A 63 -18.64 -17.37 -4.99
C SER A 63 -19.02 -16.22 -5.93
N CYS A 64 -18.75 -15.01 -5.46
CA CYS A 64 -19.04 -13.82 -6.25
C CYS A 64 -17.88 -13.59 -7.22
N PRO A 65 -18.14 -12.69 -8.22
CA PRO A 65 -17.13 -12.37 -9.21
C PRO A 65 -16.05 -11.45 -8.61
N GLU A 66 -15.31 -10.83 -9.51
CA GLU A 66 -14.24 -9.92 -9.10
C GLU A 66 -14.42 -8.55 -9.74
N GLY A 67 -14.84 -7.60 -8.92
CA GLY A 67 -15.05 -6.24 -9.39
C GLY A 67 -15.61 -5.35 -8.28
N LYS A 68 -14.71 -4.99 -7.36
CA LYS A 68 -15.09 -4.14 -6.25
C LYS A 68 -13.85 -3.52 -5.63
N ALA A 69 -14.03 -2.34 -5.04
CA ALA A 69 -12.92 -1.64 -4.40
C ALA A 69 -12.16 -2.61 -3.51
N CYS A 70 -10.88 -2.78 -3.82
CA CYS A 70 -10.03 -3.67 -3.05
C CYS A 70 -9.63 -2.95 -1.75
N LEU A 71 -9.41 -3.75 -0.73
CA LEU A 71 -9.02 -3.22 0.57
C LEU A 71 -7.78 -2.34 0.40
N ARG A 72 -7.56 -1.48 1.39
CA ARG A 72 -6.41 -0.60 1.37
C ARG A 72 -5.11 -1.39 1.40
N GLU A 73 -4.64 -1.76 0.22
CA GLU A 73 -3.42 -2.52 0.10
C GLU A 73 -2.23 -1.72 0.67
N TRP A 74 -1.36 -2.42 1.37
CA TRP A 74 -0.20 -1.80 1.97
C TRP A 74 1.02 -2.17 1.12
N TRP A 75 2.14 -1.54 1.44
CA TRP A 75 3.38 -1.80 0.72
C TRP A 75 4.44 -2.22 1.74
N ALA A 76 5.34 -3.06 1.28
CA ALA A 76 6.42 -3.56 2.14
C ALA A 76 7.59 -3.99 1.27
N LEU A 77 8.68 -4.34 1.93
CA LEU A 77 9.89 -4.78 1.25
C LEU A 77 9.79 -6.28 0.99
N ARG A 78 10.56 -6.72 -0.01
CA ARG A 78 10.58 -8.13 -0.36
C ARG A 78 11.27 -8.95 0.73
N MET A 1 14.97 16.90 2.37
CA MET A 1 14.50 16.37 1.10
C MET A 1 14.13 14.88 1.23
N ALA A 2 13.26 14.44 0.35
CA ALA A 2 12.82 13.06 0.35
C ALA A 2 13.87 12.19 -0.35
N SER A 3 13.61 10.89 -0.38
CA SER A 3 14.52 9.96 -1.01
C SER A 3 13.89 8.56 -1.06
N LEU A 4 14.41 7.74 -1.95
CA LEU A 4 13.91 6.39 -2.10
C LEU A 4 14.43 5.52 -0.96
N ILE A 5 15.65 5.83 -0.54
CA ILE A 5 16.27 5.09 0.55
C ILE A 5 15.46 5.28 1.83
N GLN A 6 14.77 6.41 1.89
CA GLN A 6 13.94 6.72 3.04
C GLN A 6 12.74 5.79 3.10
N VAL A 7 11.99 5.77 2.00
CA VAL A 7 10.81 4.92 1.92
C VAL A 7 11.23 3.45 2.04
N ARG A 8 12.40 3.15 1.49
CA ARG A 8 12.91 1.81 1.53
C ARG A 8 13.28 1.41 2.97
N ASP A 9 13.88 2.36 3.67
CA ASP A 9 14.27 2.14 5.05
C ASP A 9 13.04 2.14 5.94
N LEU A 10 12.19 3.14 5.72
CA LEU A 10 10.97 3.27 6.50
C LEU A 10 10.14 1.99 6.35
N LEU A 11 9.95 1.59 5.10
CA LEU A 11 9.18 0.39 4.82
C LEU A 11 9.78 -0.79 5.58
N ALA A 12 11.08 -0.68 5.85
CA ALA A 12 11.78 -1.73 6.56
C ALA A 12 11.62 -1.51 8.07
N LEU A 13 12.08 -0.36 8.52
CA LEU A 13 12.00 -0.01 9.93
C LEU A 13 10.55 -0.11 10.39
N ARG A 14 9.69 0.68 9.74
CA ARG A 14 8.28 0.68 10.08
C ARG A 14 7.60 -0.58 9.54
N GLY A 15 8.33 -1.29 8.69
CA GLY A 15 7.82 -2.52 8.11
C GLY A 15 6.70 -2.22 7.12
N ARG A 16 5.75 -3.15 7.06
CA ARG A 16 4.61 -3.00 6.16
C ARG A 16 3.75 -1.80 6.58
N MET A 17 3.62 -0.85 5.67
CA MET A 17 2.83 0.34 5.93
C MET A 17 2.29 0.93 4.63
N GLU A 18 1.48 1.97 4.79
CA GLU A 18 0.89 2.64 3.63
C GLU A 18 1.77 3.82 3.20
N ALA A 19 1.52 4.28 1.98
CA ALA A 19 2.28 5.39 1.43
C ALA A 19 1.96 6.66 2.23
N ALA A 20 0.69 6.78 2.59
CA ALA A 20 0.24 7.94 3.34
C ALA A 20 1.19 8.18 4.53
N GLN A 21 1.63 7.08 5.12
CA GLN A 21 2.53 7.16 6.25
C GLN A 21 3.94 7.54 5.78
N ILE A 22 4.44 6.80 4.80
CA ILE A 22 5.75 7.06 4.25
C ILE A 22 5.82 8.52 3.77
N SER A 23 4.84 8.88 2.95
CA SER A 23 4.79 10.23 2.42
C SER A 23 4.86 11.25 3.56
N GLN A 24 4.14 10.95 4.64
CA GLN A 24 4.11 11.82 5.79
C GLN A 24 5.52 11.96 6.39
N THR A 25 6.19 10.83 6.50
CA THR A 25 7.54 10.81 7.05
C THR A 25 8.38 11.94 6.43
N LEU A 26 8.18 12.14 5.14
CA LEU A 26 8.90 13.18 4.42
C LEU A 26 7.93 14.28 4.00
N ASN A 27 6.84 14.37 4.74
CA ASN A 27 5.83 15.38 4.45
C ASN A 27 5.68 15.53 2.94
N THR A 28 5.89 14.42 2.24
CA THR A 28 5.78 14.41 0.79
C THR A 28 4.32 14.25 0.36
N PRO A 29 4.06 14.58 -0.93
CA PRO A 29 2.72 14.47 -1.48
C PRO A 29 2.36 13.01 -1.74
N GLN A 30 1.14 12.66 -1.36
CA GLN A 30 0.65 11.31 -1.55
C GLN A 30 1.01 10.81 -2.96
N PRO A 31 0.64 11.64 -3.97
CA PRO A 31 0.91 11.30 -5.35
C PRO A 31 2.39 11.50 -5.69
N MET A 32 3.24 10.88 -4.88
CA MET A 32 4.67 10.98 -5.08
C MET A 32 5.37 9.66 -4.73
N ILE A 33 4.98 9.11 -3.59
CA ILE A 33 5.56 7.85 -3.13
C ILE A 33 4.95 6.70 -3.94
N ASN A 34 3.66 6.82 -4.21
CA ASN A 34 2.95 5.80 -4.96
C ASN A 34 3.70 5.55 -6.27
N ALA A 35 4.18 6.62 -6.87
CA ALA A 35 4.90 6.53 -8.13
C ALA A 35 6.12 5.62 -7.94
N MET A 36 6.84 5.87 -6.86
CA MET A 36 8.02 5.10 -6.55
C MET A 36 7.67 3.64 -6.24
N LEU A 37 6.68 3.48 -5.38
CA LEU A 37 6.23 2.15 -4.99
C LEU A 37 5.84 1.37 -6.25
N GLN A 38 5.22 2.08 -7.18
CA GLN A 38 4.78 1.47 -8.43
C GLN A 38 6.00 0.98 -9.22
N GLN A 39 7.00 1.83 -9.30
CA GLN A 39 8.21 1.49 -10.03
C GLN A 39 8.86 0.24 -9.43
N LEU A 40 9.00 0.25 -8.12
CA LEU A 40 9.59 -0.88 -7.42
C LEU A 40 8.81 -2.15 -7.74
N GLU A 41 7.48 -2.01 -7.72
CA GLU A 41 6.61 -3.13 -8.02
C GLU A 41 6.94 -3.71 -9.39
N SER A 42 6.92 -2.83 -10.39
CA SER A 42 7.20 -3.24 -11.75
C SER A 42 8.55 -3.97 -11.81
N MET A 43 9.55 -3.36 -11.19
CA MET A 43 10.88 -3.93 -11.17
C MET A 43 10.90 -5.25 -10.38
N GLY A 44 10.25 -5.20 -9.22
CA GLY A 44 10.18 -6.38 -8.36
C GLY A 44 11.11 -6.23 -7.15
N LYS A 45 11.07 -5.06 -6.56
CA LYS A 45 11.90 -4.78 -5.40
C LYS A 45 11.06 -4.90 -4.13
N ALA A 46 9.97 -4.15 -4.11
CA ALA A 46 9.06 -4.16 -2.97
C ALA A 46 7.94 -5.17 -3.22
N VAL A 47 7.15 -5.39 -2.19
CA VAL A 47 6.04 -6.32 -2.28
C VAL A 47 4.74 -5.62 -1.86
N ARG A 48 3.63 -6.13 -2.37
CA ARG A 48 2.34 -5.57 -2.05
C ARG A 48 1.77 -6.21 -0.79
N ILE A 49 1.17 -5.37 0.04
CA ILE A 49 0.58 -5.85 1.29
C ILE A 49 -0.92 -5.57 1.28
N GLN A 50 -1.65 -6.41 2.00
CA GLN A 50 -3.09 -6.27 2.08
C GLN A 50 -3.52 -5.90 3.50
N GLU A 51 -4.65 -5.22 3.59
CA GLU A 51 -5.16 -4.80 4.88
C GLU A 51 -6.25 -5.76 5.35
N GLU A 52 -6.65 -5.58 6.61
CA GLU A 52 -7.69 -6.42 7.18
C GLU A 52 -8.98 -6.31 6.37
N PRO A 53 -9.42 -7.49 5.83
CA PRO A 53 -10.64 -7.53 5.04
C PRO A 53 -11.88 -7.43 5.92
N ASP A 54 -13.01 -7.82 5.35
CA ASP A 54 -14.27 -7.77 6.08
C ASP A 54 -15.39 -8.29 5.17
N GLY A 55 -16.53 -8.57 5.79
CA GLY A 55 -17.68 -9.06 5.06
C GLY A 55 -18.01 -10.50 5.46
N CYS A 56 -19.10 -10.63 6.21
CA CYS A 56 -19.54 -11.95 6.67
C CYS A 56 -20.56 -12.49 5.68
N LEU A 57 -20.47 -13.79 5.43
CA LEU A 57 -21.38 -14.44 4.50
C LEU A 57 -22.69 -14.77 5.23
N SER A 58 -23.73 -14.04 4.88
CA SER A 58 -25.04 -14.25 5.49
C SER A 58 -26.15 -14.00 4.46
N GLY A 59 -26.42 -15.02 3.66
CA GLY A 59 -27.44 -14.92 2.64
C GLY A 59 -26.90 -15.35 1.28
N SER A 60 -27.73 -16.10 0.56
CA SER A 60 -27.34 -16.57 -0.76
C SER A 60 -28.40 -16.16 -1.79
N CYS A 61 -28.06 -15.14 -2.55
CA CYS A 61 -28.97 -14.64 -3.57
C CYS A 61 -28.20 -14.52 -4.89
N LYS A 62 -28.76 -15.12 -5.93
CA LYS A 62 -28.13 -15.10 -7.24
C LYS A 62 -27.78 -13.65 -7.60
N SER A 63 -26.67 -13.50 -8.29
CA SER A 63 -26.21 -12.18 -8.70
C SER A 63 -25.77 -11.37 -7.48
N CYS A 64 -24.50 -10.96 -7.53
CA CYS A 64 -23.94 -10.18 -6.44
C CYS A 64 -22.78 -9.35 -6.98
N PRO A 65 -23.08 -8.06 -7.27
CA PRO A 65 -22.07 -7.15 -7.80
C PRO A 65 -21.09 -6.72 -6.71
N GLU A 66 -20.38 -5.64 -6.98
CA GLU A 66 -19.41 -5.12 -6.04
C GLU A 66 -19.72 -3.65 -5.72
N GLY A 67 -18.66 -2.91 -5.43
CA GLY A 67 -18.80 -1.49 -5.11
C GLY A 67 -17.44 -0.87 -4.80
N LYS A 68 -17.21 -0.63 -3.52
CA LYS A 68 -15.96 -0.03 -3.08
C LYS A 68 -14.79 -0.82 -3.66
N ALA A 69 -13.70 -0.11 -3.93
CA ALA A 69 -12.52 -0.73 -4.48
C ALA A 69 -11.90 -1.65 -3.44
N CYS A 70 -10.85 -2.34 -3.85
CA CYS A 70 -10.15 -3.26 -2.97
C CYS A 70 -9.70 -2.49 -1.72
N LEU A 71 -9.49 -3.22 -0.65
CA LEU A 71 -9.05 -2.62 0.60
C LEU A 71 -7.76 -1.83 0.35
N ARG A 72 -7.48 -0.91 1.27
CA ARG A 72 -6.29 -0.08 1.17
C ARG A 72 -5.03 -0.94 1.27
N GLU A 73 -4.57 -1.39 0.10
CA GLU A 73 -3.38 -2.21 0.04
C GLU A 73 -2.18 -1.46 0.61
N TRP A 74 -1.36 -2.20 1.35
CA TRP A 74 -0.18 -1.62 1.97
C TRP A 74 1.03 -2.04 1.14
N TRP A 75 2.17 -1.43 1.46
CA TRP A 75 3.41 -1.74 0.76
C TRP A 75 4.42 -2.24 1.79
N ALA A 76 5.33 -3.09 1.32
CA ALA A 76 6.35 -3.65 2.19
C ALA A 76 7.56 -4.05 1.35
N LEU A 77 8.60 -4.48 2.04
CA LEU A 77 9.83 -4.90 1.37
C LEU A 77 9.77 -6.41 1.11
N ARG A 78 10.56 -6.84 0.14
CA ARG A 78 10.60 -8.26 -0.20
C ARG A 78 11.22 -9.07 0.94
N MET A 1 13.07 16.91 2.95
CA MET A 1 13.83 15.94 2.18
C MET A 1 12.93 14.79 1.71
N ALA A 2 13.44 14.04 0.75
CA ALA A 2 12.70 12.92 0.21
C ALA A 2 13.62 12.12 -0.74
N SER A 3 13.50 10.81 -0.65
CA SER A 3 14.29 9.93 -1.49
C SER A 3 13.75 8.50 -1.42
N LEU A 4 14.23 7.67 -2.34
CA LEU A 4 13.79 6.29 -2.40
C LEU A 4 14.31 5.55 -1.16
N ILE A 5 15.52 5.94 -0.74
CA ILE A 5 16.14 5.32 0.42
C ILE A 5 15.29 5.61 1.66
N GLN A 6 14.67 6.78 1.65
CA GLN A 6 13.83 7.20 2.77
C GLN A 6 12.64 6.24 2.91
N VAL A 7 11.93 6.06 1.82
CA VAL A 7 10.76 5.18 1.82
C VAL A 7 11.23 3.74 2.00
N ARG A 8 12.35 3.42 1.38
CA ARG A 8 12.91 2.08 1.47
C ARG A 8 13.32 1.78 2.91
N ASP A 9 13.86 2.80 3.58
CA ASP A 9 14.29 2.65 4.96
C ASP A 9 13.06 2.63 5.87
N LEU A 10 12.12 3.51 5.56
CA LEU A 10 10.89 3.61 6.35
C LEU A 10 10.12 2.30 6.24
N LEU A 11 9.91 1.87 5.00
CA LEU A 11 9.19 0.64 4.74
C LEU A 11 9.89 -0.53 5.45
N ALA A 12 11.19 -0.33 5.70
CA ALA A 12 11.98 -1.35 6.36
C ALA A 12 11.86 -1.16 7.88
N LEU A 13 12.26 0.02 8.33
CA LEU A 13 12.19 0.33 9.75
C LEU A 13 10.76 0.14 10.25
N ARG A 14 9.86 0.91 9.65
CA ARG A 14 8.46 0.83 10.03
C ARG A 14 7.83 -0.46 9.51
N GLY A 15 8.58 -1.14 8.64
CA GLY A 15 8.11 -2.38 8.07
C GLY A 15 6.90 -2.15 7.17
N ARG A 16 6.04 -3.16 7.11
CA ARG A 16 4.83 -3.09 6.30
C ARG A 16 3.95 -1.94 6.78
N MET A 17 3.61 -1.06 5.84
CA MET A 17 2.77 0.09 6.16
C MET A 17 2.38 0.85 4.88
N GLU A 18 1.22 1.48 4.94
CA GLU A 18 0.74 2.25 3.80
C GLU A 18 1.73 3.36 3.45
N ALA A 19 1.66 3.79 2.19
CA ALA A 19 2.54 4.85 1.72
C ALA A 19 2.17 6.16 2.41
N ALA A 20 0.87 6.36 2.60
CA ALA A 20 0.38 7.56 3.24
C ALA A 20 1.24 7.86 4.47
N GLN A 21 1.63 6.80 5.16
CA GLN A 21 2.45 6.93 6.35
C GLN A 21 3.88 7.32 5.97
N ILE A 22 4.45 6.53 5.07
CA ILE A 22 5.81 6.78 4.62
C ILE A 22 5.90 8.20 4.05
N SER A 23 4.94 8.52 3.20
CA SER A 23 4.89 9.84 2.59
C SER A 23 4.88 10.93 3.66
N GLN A 24 4.15 10.65 4.73
CA GLN A 24 4.05 11.59 5.84
C GLN A 24 5.42 11.77 6.50
N THR A 25 6.09 10.65 6.72
CA THR A 25 7.40 10.67 7.35
C THR A 25 8.27 11.77 6.73
N LEU A 26 8.27 11.80 5.40
CA LEU A 26 9.04 12.79 4.68
C LEU A 26 8.13 13.93 4.24
N ASN A 27 7.02 14.08 4.97
CA ASN A 27 6.06 15.12 4.66
C ASN A 27 5.93 15.26 3.15
N THR A 28 6.12 14.14 2.46
CA THR A 28 6.03 14.13 1.01
C THR A 28 4.56 13.97 0.58
N PRO A 29 4.32 14.30 -0.72
CA PRO A 29 2.97 14.20 -1.27
C PRO A 29 2.59 12.75 -1.53
N GLN A 30 1.36 12.42 -1.18
CA GLN A 30 0.86 11.07 -1.38
C GLN A 30 1.20 10.57 -2.78
N PRO A 31 0.84 11.40 -3.79
CA PRO A 31 1.11 11.06 -5.18
C PRO A 31 2.59 11.24 -5.52
N MET A 32 3.43 10.62 -4.71
CA MET A 32 4.87 10.71 -4.90
C MET A 32 5.55 9.39 -4.55
N ILE A 33 5.14 8.83 -3.42
CA ILE A 33 5.71 7.58 -2.96
C ILE A 33 5.08 6.42 -3.75
N ASN A 34 3.79 6.56 -4.02
CA ASN A 34 3.07 5.55 -4.76
C ASN A 34 3.76 5.31 -6.09
N ALA A 35 4.21 6.40 -6.70
CA ALA A 35 4.91 6.31 -7.98
C ALA A 35 6.14 5.42 -7.83
N MET A 36 6.90 5.69 -6.77
CA MET A 36 8.11 4.92 -6.51
C MET A 36 7.78 3.45 -6.23
N LEU A 37 6.80 3.24 -5.37
CA LEU A 37 6.38 1.90 -5.03
C LEU A 37 6.01 1.13 -6.30
N GLN A 38 5.33 1.83 -7.19
CA GLN A 38 4.91 1.22 -8.45
C GLN A 38 6.14 0.79 -9.25
N GLN A 39 7.12 1.68 -9.31
CA GLN A 39 8.34 1.39 -10.05
C GLN A 39 9.05 0.18 -9.46
N LEU A 40 9.21 0.22 -8.14
CA LEU A 40 9.88 -0.87 -7.44
C LEU A 40 9.11 -2.17 -7.69
N GLU A 41 7.79 -2.06 -7.64
CA GLU A 41 6.93 -3.21 -7.86
C GLU A 41 7.20 -3.82 -9.23
N SER A 42 7.19 -2.97 -10.23
CA SER A 42 7.44 -3.41 -11.60
C SER A 42 8.76 -4.16 -11.67
N MET A 43 9.77 -3.58 -11.06
CA MET A 43 11.09 -4.18 -11.05
C MET A 43 11.08 -5.52 -10.28
N GLY A 44 10.60 -5.45 -9.06
CA GLY A 44 10.53 -6.64 -8.22
C GLY A 44 11.31 -6.45 -6.91
N LYS A 45 11.18 -5.25 -6.37
CA LYS A 45 11.86 -4.92 -5.12
C LYS A 45 10.88 -5.01 -3.96
N ALA A 46 9.88 -4.13 -4.01
CA ALA A 46 8.87 -4.10 -2.97
C ALA A 46 7.70 -5.00 -3.36
N VAL A 47 6.77 -5.16 -2.44
CA VAL A 47 5.60 -5.99 -2.69
C VAL A 47 4.35 -5.27 -2.17
N ARG A 48 3.22 -5.66 -2.73
CA ARG A 48 1.95 -5.08 -2.34
C ARG A 48 1.35 -5.83 -1.15
N ILE A 49 0.79 -5.06 -0.23
CA ILE A 49 0.18 -5.64 0.96
C ILE A 49 -1.30 -5.25 1.01
N GLN A 50 -2.08 -6.11 1.65
CA GLN A 50 -3.51 -5.87 1.77
C GLN A 50 -3.89 -5.67 3.23
N GLU A 51 -5.05 -5.07 3.44
CA GLU A 51 -5.54 -4.81 4.79
C GLU A 51 -6.81 -5.60 5.05
N GLU A 52 -7.23 -5.60 6.31
CA GLU A 52 -8.43 -6.31 6.71
C GLU A 52 -9.53 -6.12 5.67
N PRO A 53 -9.71 -7.18 4.82
CA PRO A 53 -10.72 -7.14 3.78
C PRO A 53 -12.13 -7.32 4.37
N ASP A 54 -13.06 -7.66 3.50
CA ASP A 54 -14.43 -7.87 3.92
C ASP A 54 -14.71 -9.38 4.02
N GLY A 55 -15.85 -9.70 4.61
CA GLY A 55 -16.24 -11.08 4.78
C GLY A 55 -16.80 -11.66 3.47
N CYS A 56 -17.37 -12.85 3.57
CA CYS A 56 -17.93 -13.52 2.41
C CYS A 56 -19.45 -13.29 2.42
N LEU A 57 -19.96 -12.92 1.25
CA LEU A 57 -21.39 -12.67 1.11
C LEU A 57 -22.05 -13.87 0.43
N SER A 58 -23.36 -13.76 0.26
CA SER A 58 -24.12 -14.82 -0.38
C SER A 58 -25.50 -14.31 -0.77
N GLY A 59 -26.06 -14.93 -1.81
CA GLY A 59 -27.37 -14.55 -2.29
C GLY A 59 -28.22 -15.79 -2.62
N SER A 60 -29.52 -15.61 -2.51
CA SER A 60 -30.45 -16.70 -2.79
C SER A 60 -31.12 -16.48 -4.15
N CYS A 61 -30.83 -17.39 -5.07
CA CYS A 61 -31.40 -17.31 -6.41
C CYS A 61 -30.81 -16.08 -7.10
N LYS A 62 -29.87 -16.35 -8.00
CA LYS A 62 -29.22 -15.27 -8.73
C LYS A 62 -28.60 -14.28 -7.75
N SER A 63 -27.95 -13.27 -8.30
CA SER A 63 -27.31 -12.25 -7.49
C SER A 63 -26.70 -11.16 -8.39
N CYS A 64 -26.37 -10.05 -7.77
CA CYS A 64 -25.78 -8.94 -8.49
C CYS A 64 -24.33 -8.77 -8.02
N PRO A 65 -23.50 -8.18 -8.92
CA PRO A 65 -22.11 -7.95 -8.61
C PRO A 65 -21.93 -6.78 -7.64
N GLU A 66 -20.72 -6.27 -7.58
CA GLU A 66 -20.41 -5.15 -6.71
C GLU A 66 -19.70 -4.04 -7.49
N GLY A 67 -18.87 -3.30 -6.77
CA GLY A 67 -18.13 -2.21 -7.38
C GLY A 67 -17.74 -1.15 -6.34
N LYS A 68 -16.45 -1.15 -6.00
CA LYS A 68 -15.94 -0.20 -5.03
C LYS A 68 -14.42 -0.29 -4.99
N ALA A 69 -13.81 0.84 -4.63
CA ALA A 69 -12.36 0.91 -4.57
C ALA A 69 -11.85 -0.16 -3.60
N CYS A 70 -10.80 -0.86 -4.04
CA CYS A 70 -10.21 -1.90 -3.23
C CYS A 70 -9.75 -1.30 -1.91
N LEU A 71 -9.67 -2.15 -0.89
CA LEU A 71 -9.24 -1.71 0.42
C LEU A 71 -7.90 -0.99 0.30
N ARG A 72 -7.59 -0.20 1.32
CA ARG A 72 -6.34 0.55 1.34
C ARG A 72 -5.14 -0.42 1.37
N GLU A 73 -4.69 -0.77 0.17
CA GLU A 73 -3.56 -1.68 0.05
C GLU A 73 -2.32 -1.07 0.69
N TRP A 74 -1.60 -1.92 1.43
CA TRP A 74 -0.40 -1.48 2.11
C TRP A 74 0.80 -1.82 1.21
N TRP A 75 1.95 -1.30 1.60
CA TRP A 75 3.18 -1.54 0.85
C TRP A 75 4.21 -2.14 1.79
N ALA A 76 5.07 -2.97 1.24
CA ALA A 76 6.12 -3.61 2.01
C ALA A 76 7.28 -3.98 1.10
N LEU A 77 8.39 -4.35 1.73
CA LEU A 77 9.58 -4.73 0.99
C LEU A 77 9.68 -6.25 0.93
N ARG A 78 10.46 -6.73 -0.03
CA ARG A 78 10.65 -8.17 -0.20
C ARG A 78 11.76 -8.67 0.73
N MET A 1 13.95 16.19 0.32
CA MET A 1 12.68 15.56 0.00
C MET A 1 12.78 14.04 0.16
N ALA A 2 11.62 13.39 0.15
CA ALA A 2 11.56 11.95 0.28
C ALA A 2 12.54 11.31 -0.70
N SER A 3 12.68 10.00 -0.57
CA SER A 3 13.58 9.25 -1.44
C SER A 3 13.30 7.76 -1.33
N LEU A 4 13.78 7.02 -2.32
CA LEU A 4 13.58 5.58 -2.35
C LEU A 4 14.26 4.96 -1.12
N ILE A 5 15.40 5.53 -0.77
CA ILE A 5 16.15 5.04 0.38
C ILE A 5 15.40 5.39 1.66
N GLN A 6 14.63 6.46 1.58
CA GLN A 6 13.85 6.90 2.73
C GLN A 6 12.62 6.00 2.93
N VAL A 7 11.85 5.86 1.87
CA VAL A 7 10.66 5.03 1.92
C VAL A 7 11.06 3.58 2.19
N ARG A 8 12.21 3.20 1.65
CA ARG A 8 12.72 1.85 1.82
C ARG A 8 13.09 1.61 3.29
N ASP A 9 13.92 2.51 3.81
CA ASP A 9 14.35 2.41 5.19
C ASP A 9 13.13 2.36 6.10
N LEU A 10 12.20 3.29 5.85
CA LEU A 10 10.99 3.37 6.64
C LEU A 10 10.19 2.07 6.48
N LEU A 11 9.99 1.68 5.23
CA LEU A 11 9.26 0.46 4.94
C LEU A 11 9.93 -0.72 5.64
N ALA A 12 11.22 -0.56 5.90
CA ALA A 12 11.99 -1.60 6.56
C ALA A 12 11.86 -1.43 8.08
N LEU A 13 12.28 -0.27 8.55
CA LEU A 13 12.24 0.03 9.97
C LEU A 13 10.78 -0.08 10.46
N ARG A 14 9.93 0.75 9.86
CA ARG A 14 8.53 0.77 10.21
C ARG A 14 7.82 -0.45 9.62
N GLY A 15 8.56 -1.19 8.80
CA GLY A 15 8.02 -2.38 8.17
C GLY A 15 6.95 -2.01 7.15
N ARG A 16 6.01 -2.93 6.96
CA ARG A 16 4.93 -2.72 6.02
C ARG A 16 4.06 -1.54 6.46
N MET A 17 3.66 -0.74 5.49
CA MET A 17 2.83 0.43 5.76
C MET A 17 2.46 1.16 4.47
N GLU A 18 1.27 1.76 4.49
CA GLU A 18 0.79 2.49 3.33
C GLU A 18 1.70 3.69 3.03
N ALA A 19 1.81 4.01 1.76
CA ALA A 19 2.63 5.13 1.33
C ALA A 19 2.14 6.41 2.01
N ALA A 20 0.82 6.53 2.07
CA ALA A 20 0.20 7.70 2.68
C ALA A 20 0.94 8.03 3.98
N GLN A 21 1.34 6.98 4.68
CA GLN A 21 2.05 7.15 5.94
C GLN A 21 3.50 7.54 5.68
N ILE A 22 4.15 6.76 4.83
CA ILE A 22 5.54 7.01 4.49
C ILE A 22 5.69 8.45 3.99
N SER A 23 4.84 8.79 3.03
CA SER A 23 4.87 10.13 2.46
C SER A 23 4.85 11.17 3.57
N GLN A 24 4.02 10.92 4.57
CA GLN A 24 3.90 11.83 5.70
C GLN A 24 5.21 11.89 6.48
N THR A 25 5.78 10.71 6.71
CA THR A 25 7.04 10.63 7.44
C THR A 25 8.13 11.38 6.68
N LEU A 26 8.17 11.17 5.38
CA LEU A 26 9.16 11.82 4.54
C LEU A 26 8.68 13.24 4.19
N ASN A 27 7.59 13.63 4.82
CA ASN A 27 7.02 14.94 4.58
C ASN A 27 6.93 15.19 3.08
N THR A 28 6.32 14.24 2.39
CA THR A 28 6.15 14.35 0.95
C THR A 28 4.69 14.20 0.57
N PRO A 29 4.37 14.61 -0.68
CA PRO A 29 3.00 14.53 -1.18
C PRO A 29 2.63 13.09 -1.53
N GLN A 30 1.45 12.69 -1.07
CA GLN A 30 0.96 11.35 -1.33
C GLN A 30 1.27 10.93 -2.76
N PRO A 31 0.88 11.81 -3.72
CA PRO A 31 1.11 11.55 -5.13
C PRO A 31 2.59 11.76 -5.49
N MET A 32 3.45 11.09 -4.74
CA MET A 32 4.88 11.20 -4.98
C MET A 32 5.58 9.88 -4.67
N ILE A 33 5.23 9.30 -3.52
CA ILE A 33 5.82 8.04 -3.11
C ILE A 33 5.22 6.90 -3.93
N ASN A 34 3.94 7.05 -4.24
CA ASN A 34 3.23 6.03 -5.01
C ASN A 34 4.01 5.76 -6.30
N ALA A 35 4.57 6.82 -6.86
CA ALA A 35 5.35 6.71 -8.08
C ALA A 35 6.47 5.70 -7.87
N MET A 36 7.17 5.87 -6.75
CA MET A 36 8.28 4.98 -6.43
C MET A 36 7.80 3.54 -6.26
N LEU A 37 6.79 3.39 -5.42
CA LEU A 37 6.23 2.07 -5.16
C LEU A 37 5.84 1.41 -6.50
N GLN A 38 5.28 2.22 -7.38
CA GLN A 38 4.86 1.73 -8.68
C GLN A 38 6.07 1.21 -9.46
N GLN A 39 7.16 1.96 -9.37
CA GLN A 39 8.38 1.59 -10.06
C GLN A 39 8.96 0.30 -9.46
N LEU A 40 9.08 0.30 -8.15
CA LEU A 40 9.61 -0.86 -7.45
C LEU A 40 8.76 -2.08 -7.78
N GLU A 41 7.45 -1.89 -7.72
CA GLU A 41 6.52 -2.97 -8.00
C GLU A 41 6.77 -3.52 -9.41
N SER A 42 6.83 -2.61 -10.36
CA SER A 42 7.07 -3.00 -11.75
C SER A 42 8.33 -3.84 -11.85
N MET A 43 9.37 -3.36 -11.18
CA MET A 43 10.65 -4.06 -11.19
C MET A 43 10.57 -5.37 -10.40
N GLY A 44 9.97 -5.27 -9.22
CA GLY A 44 9.82 -6.44 -8.36
C GLY A 44 10.78 -6.37 -7.19
N LYS A 45 10.83 -5.21 -6.56
CA LYS A 45 11.71 -5.01 -5.42
C LYS A 45 10.88 -5.05 -4.14
N ALA A 46 9.74 -4.38 -4.18
CA ALA A 46 8.85 -4.33 -3.03
C ALA A 46 7.74 -5.37 -3.20
N VAL A 47 6.97 -5.55 -2.14
CA VAL A 47 5.88 -6.51 -2.16
C VAL A 47 4.59 -5.82 -1.73
N ARG A 48 3.48 -6.41 -2.12
CA ARG A 48 2.17 -5.86 -1.79
C ARG A 48 1.68 -6.44 -0.46
N ILE A 49 1.09 -5.56 0.34
CA ILE A 49 0.56 -5.97 1.64
C ILE A 49 -0.94 -5.73 1.68
N GLN A 50 -1.63 -6.60 2.41
CA GLN A 50 -3.07 -6.48 2.54
C GLN A 50 -3.45 -6.08 3.96
N GLU A 51 -4.57 -5.38 4.06
CA GLU A 51 -5.05 -4.93 5.36
C GLU A 51 -6.04 -5.94 5.95
N GLU A 52 -6.40 -5.71 7.20
CA GLU A 52 -7.33 -6.59 7.89
C GLU A 52 -8.51 -6.93 6.97
N PRO A 53 -8.91 -8.22 7.01
CA PRO A 53 -10.02 -8.70 6.19
C PRO A 53 -11.36 -8.22 6.76
N ASP A 54 -12.42 -8.88 6.32
CA ASP A 54 -13.76 -8.54 6.77
C ASP A 54 -14.78 -9.44 6.06
N GLY A 55 -15.77 -9.86 6.83
CA GLY A 55 -16.81 -10.72 6.29
C GLY A 55 -17.42 -11.59 7.38
N CYS A 56 -18.62 -12.09 7.10
CA CYS A 56 -19.32 -12.94 8.05
C CYS A 56 -20.38 -13.74 7.29
N LEU A 57 -20.44 -15.02 7.60
CA LEU A 57 -21.40 -15.91 6.95
C LEU A 57 -22.81 -15.33 7.11
N SER A 58 -23.53 -15.31 6.00
CA SER A 58 -24.89 -14.79 6.00
C SER A 58 -25.70 -15.45 4.89
N GLY A 59 -26.98 -15.65 5.17
CA GLY A 59 -27.87 -16.27 4.21
C GLY A 59 -28.95 -15.29 3.74
N SER A 60 -28.50 -14.25 3.04
CA SER A 60 -29.41 -13.24 2.54
C SER A 60 -29.28 -13.11 1.02
N CYS A 61 -30.21 -12.38 0.44
CA CYS A 61 -30.20 -12.18 -1.01
C CYS A 61 -31.09 -10.98 -1.32
N LYS A 62 -30.92 -10.46 -2.54
CA LYS A 62 -31.70 -9.31 -2.97
C LYS A 62 -31.27 -8.08 -2.19
N SER A 63 -31.49 -6.93 -2.80
CA SER A 63 -31.12 -5.67 -2.17
C SER A 63 -29.60 -5.59 -2.01
N CYS A 64 -29.04 -4.50 -2.52
CA CYS A 64 -27.60 -4.29 -2.42
C CYS A 64 -27.30 -2.88 -2.91
N PRO A 65 -26.23 -2.28 -2.31
CA PRO A 65 -25.82 -0.93 -2.68
C PRO A 65 -25.10 -0.92 -4.02
N GLU A 66 -24.39 0.16 -4.26
CA GLU A 66 -23.64 0.31 -5.50
C GLU A 66 -22.22 0.83 -5.22
N GLY A 67 -21.26 -0.06 -5.35
CA GLY A 67 -19.87 0.30 -5.12
C GLY A 67 -19.07 -0.91 -4.61
N LYS A 68 -17.78 -0.88 -4.89
CA LYS A 68 -16.90 -1.95 -4.46
C LYS A 68 -15.44 -1.53 -4.67
N ALA A 69 -14.56 -2.20 -3.95
CA ALA A 69 -13.14 -1.90 -4.05
C ALA A 69 -12.36 -2.81 -3.09
N CYS A 70 -11.09 -3.00 -3.41
CA CYS A 70 -10.23 -3.84 -2.58
C CYS A 70 -9.76 -3.02 -1.38
N LEU A 71 -9.53 -3.71 -0.29
CA LEU A 71 -9.07 -3.06 0.93
C LEU A 71 -7.84 -2.21 0.62
N ARG A 72 -7.55 -1.28 1.52
CA ARG A 72 -6.39 -0.41 1.35
C ARG A 72 -5.11 -1.22 1.37
N GLU A 73 -4.69 -1.65 0.19
CA GLU A 73 -3.47 -2.42 0.06
C GLU A 73 -2.26 -1.64 0.60
N TRP A 74 -1.44 -2.32 1.36
CA TRP A 74 -0.26 -1.70 1.94
C TRP A 74 0.95 -2.10 1.08
N TRP A 75 2.08 -1.48 1.38
CA TRP A 75 3.30 -1.76 0.65
C TRP A 75 4.38 -2.15 1.66
N ALA A 76 5.27 -3.02 1.22
CA ALA A 76 6.34 -3.50 2.07
C ALA A 76 7.52 -3.93 1.21
N LEU A 77 8.58 -4.36 1.88
CA LEU A 77 9.78 -4.80 1.18
C LEU A 77 9.78 -6.32 1.08
N ARG A 78 10.54 -6.83 0.12
CA ARG A 78 10.63 -8.27 -0.09
C ARG A 78 11.29 -8.94 1.11
N MET A 1 14.11 16.38 3.12
CA MET A 1 14.68 15.05 2.93
C MET A 1 13.65 14.10 2.33
N ALA A 2 14.07 13.42 1.27
CA ALA A 2 13.20 12.48 0.59
C ALA A 2 14.02 11.67 -0.42
N SER A 3 13.65 10.40 -0.55
CA SER A 3 14.35 9.51 -1.46
C SER A 3 13.88 8.07 -1.25
N LEU A 4 14.14 7.24 -2.25
CA LEU A 4 13.76 5.84 -2.17
C LEU A 4 14.36 5.21 -0.93
N ILE A 5 15.59 5.63 -0.62
CA ILE A 5 16.28 5.10 0.54
C ILE A 5 15.44 5.36 1.79
N GLN A 6 14.85 6.55 1.84
CA GLN A 6 14.03 6.93 2.97
C GLN A 6 12.86 5.95 3.12
N VAL A 7 12.13 5.76 2.04
CA VAL A 7 11.00 4.85 2.03
C VAL A 7 11.50 3.42 2.24
N ARG A 8 12.51 3.06 1.46
CA ARG A 8 13.08 1.73 1.54
C ARG A 8 13.46 1.40 2.99
N ASP A 9 13.99 2.41 3.67
CA ASP A 9 14.39 2.23 5.06
C ASP A 9 13.14 2.22 5.94
N LEU A 10 12.27 3.18 5.70
CA LEU A 10 11.04 3.29 6.47
C LEU A 10 10.25 1.99 6.34
N LEU A 11 10.06 1.57 5.10
CA LEU A 11 9.33 0.34 4.82
C LEU A 11 9.96 -0.82 5.59
N ALA A 12 11.25 -0.66 5.88
CA ALA A 12 11.98 -1.68 6.61
C ALA A 12 11.81 -1.45 8.11
N LEU A 13 12.23 -0.27 8.55
CA LEU A 13 12.12 0.09 9.96
C LEU A 13 10.67 -0.03 10.40
N ARG A 14 9.82 0.74 9.75
CA ARG A 14 8.39 0.73 10.06
C ARG A 14 7.74 -0.54 9.54
N GLY A 15 8.49 -1.25 8.70
CA GLY A 15 8.00 -2.50 8.13
C GLY A 15 6.91 -2.23 7.09
N ARG A 16 5.91 -3.10 7.07
CA ARG A 16 4.81 -2.98 6.15
C ARG A 16 3.85 -1.89 6.62
N MET A 17 3.64 -0.90 5.77
CA MET A 17 2.75 0.20 6.08
C MET A 17 2.18 0.83 4.81
N GLU A 18 1.28 1.77 5.02
CA GLU A 18 0.64 2.46 3.90
C GLU A 18 1.53 3.59 3.40
N ALA A 19 1.27 4.03 2.17
CA ALA A 19 2.03 5.10 1.57
C ALA A 19 1.74 6.41 2.31
N ALA A 20 0.47 6.59 2.65
CA ALA A 20 0.06 7.78 3.37
C ALA A 20 1.03 8.07 4.51
N GLN A 21 1.48 6.98 5.14
CA GLN A 21 2.42 7.10 6.25
C GLN A 21 3.82 7.44 5.72
N ILE A 22 4.25 6.67 4.73
CA ILE A 22 5.56 6.88 4.14
C ILE A 22 5.68 8.33 3.70
N SER A 23 4.69 8.78 2.95
CA SER A 23 4.69 10.15 2.46
C SER A 23 4.80 11.13 3.62
N GLN A 24 4.09 10.81 4.69
CA GLN A 24 4.11 11.66 5.88
C GLN A 24 5.54 11.77 6.43
N THR A 25 6.20 10.62 6.48
CA THR A 25 7.57 10.58 6.98
C THR A 25 8.39 11.71 6.39
N LEU A 26 8.28 11.87 5.07
CA LEU A 26 9.00 12.91 4.37
C LEU A 26 8.04 14.02 3.97
N ASN A 27 6.95 14.12 4.73
CA ASN A 27 5.94 15.13 4.46
C ASN A 27 5.78 15.31 2.95
N THR A 28 5.94 14.20 2.24
CA THR A 28 5.82 14.23 0.79
C THR A 28 4.36 14.07 0.37
N PRO A 29 4.08 14.44 -0.91
CA PRO A 29 2.73 14.35 -1.44
C PRO A 29 2.36 12.91 -1.73
N GLN A 30 1.14 12.55 -1.36
CA GLN A 30 0.65 11.20 -1.58
C GLN A 30 1.02 10.72 -2.98
N PRO A 31 0.67 11.56 -3.99
CA PRO A 31 0.95 11.24 -5.38
C PRO A 31 2.44 11.44 -5.69
N MET A 32 3.28 10.81 -4.87
CA MET A 32 4.71 10.92 -5.05
C MET A 32 5.40 9.60 -4.74
N ILE A 33 4.98 8.98 -3.64
CA ILE A 33 5.55 7.72 -3.22
C ILE A 33 4.96 6.59 -4.06
N ASN A 34 3.69 6.76 -4.40
CA ASN A 34 3.00 5.77 -5.21
C ASN A 34 3.75 5.56 -6.52
N ALA A 35 4.26 6.67 -7.05
CA ALA A 35 5.00 6.62 -8.30
C ALA A 35 6.23 5.73 -8.13
N MET A 36 6.89 5.90 -7.00
CA MET A 36 8.07 5.11 -6.69
C MET A 36 7.71 3.67 -6.34
N LEU A 37 6.64 3.53 -5.57
CA LEU A 37 6.17 2.22 -5.16
C LEU A 37 5.79 1.41 -6.40
N GLN A 38 5.29 2.11 -7.40
CA GLN A 38 4.88 1.48 -8.63
C GLN A 38 6.10 0.99 -9.40
N GLN A 39 7.11 1.84 -9.48
CA GLN A 39 8.33 1.51 -10.17
C GLN A 39 9.01 0.30 -9.52
N LEU A 40 9.09 0.35 -8.20
CA LEU A 40 9.70 -0.73 -7.44
C LEU A 40 8.95 -2.03 -7.72
N GLU A 41 7.62 -1.92 -7.71
CA GLU A 41 6.78 -3.08 -7.96
C GLU A 41 7.11 -3.69 -9.32
N SER A 42 7.11 -2.84 -10.34
CA SER A 42 7.41 -3.29 -11.69
C SER A 42 8.75 -4.04 -11.70
N MET A 43 9.75 -3.40 -11.13
CA MET A 43 11.08 -3.98 -11.07
C MET A 43 11.08 -5.28 -10.27
N GLY A 44 10.55 -5.19 -9.06
CA GLY A 44 10.48 -6.35 -8.18
C GLY A 44 11.30 -6.12 -6.91
N LYS A 45 11.14 -4.94 -6.34
CA LYS A 45 11.87 -4.59 -5.13
C LYS A 45 10.93 -4.75 -3.93
N ALA A 46 9.92 -3.90 -3.88
CA ALA A 46 8.95 -3.93 -2.80
C ALA A 46 7.81 -4.88 -3.17
N VAL A 47 6.91 -5.07 -2.22
CA VAL A 47 5.78 -5.95 -2.43
C VAL A 47 4.50 -5.26 -1.91
N ARG A 48 3.37 -5.68 -2.45
CA ARG A 48 2.09 -5.12 -2.06
C ARG A 48 1.52 -5.89 -0.87
N ILE A 49 1.05 -5.14 0.11
CA ILE A 49 0.48 -5.74 1.30
C ILE A 49 -1.03 -5.49 1.33
N GLN A 50 -1.74 -6.41 1.96
CA GLN A 50 -3.19 -6.30 2.06
C GLN A 50 -3.61 -6.11 3.51
N GLU A 51 -4.75 -5.45 3.69
CA GLU A 51 -5.26 -5.19 5.02
C GLU A 51 -6.48 -6.09 5.30
N GLU A 52 -6.90 -6.07 6.55
CA GLU A 52 -8.04 -6.87 6.97
C GLU A 52 -9.16 -6.78 5.93
N PRO A 53 -9.46 -7.94 5.28
CA PRO A 53 -10.49 -8.00 4.27
C PRO A 53 -11.89 -7.97 4.91
N ASP A 54 -12.87 -8.38 4.12
CA ASP A 54 -14.25 -8.40 4.60
C ASP A 54 -14.67 -9.85 4.84
N GLY A 55 -15.73 -10.01 5.63
CA GLY A 55 -16.24 -11.33 5.93
C GLY A 55 -17.63 -11.24 6.56
N CYS A 56 -18.61 -11.78 5.85
CA CYS A 56 -19.98 -11.77 6.32
C CYS A 56 -20.67 -13.06 5.86
N LEU A 57 -21.63 -13.49 6.66
CA LEU A 57 -22.37 -14.71 6.34
C LEU A 57 -23.17 -14.50 5.05
N SER A 58 -22.95 -15.41 4.11
CA SER A 58 -23.64 -15.33 2.83
C SER A 58 -25.02 -15.97 2.94
N GLY A 59 -25.80 -15.81 1.88
CA GLY A 59 -27.14 -16.36 1.84
C GLY A 59 -27.89 -15.90 0.60
N SER A 60 -28.82 -16.73 0.15
CA SER A 60 -29.61 -16.42 -1.02
C SER A 60 -28.73 -15.77 -2.09
N CYS A 61 -28.01 -16.62 -2.82
CA CYS A 61 -27.12 -16.15 -3.87
C CYS A 61 -26.85 -17.31 -4.82
N LYS A 62 -26.60 -16.96 -6.07
CA LYS A 62 -26.32 -17.96 -7.09
C LYS A 62 -24.86 -17.84 -7.53
N SER A 63 -24.55 -16.70 -8.14
CA SER A 63 -23.20 -16.45 -8.62
C SER A 63 -23.12 -15.08 -9.28
N CYS A 64 -22.61 -14.12 -8.52
CA CYS A 64 -22.47 -12.76 -9.02
C CYS A 64 -21.00 -12.37 -8.96
N PRO A 65 -20.58 -11.53 -9.94
CA PRO A 65 -19.20 -11.07 -10.01
C PRO A 65 -18.92 -10.02 -8.94
N GLU A 66 -17.83 -9.29 -9.14
CA GLU A 66 -17.43 -8.26 -8.20
C GLU A 66 -17.37 -6.90 -8.90
N GLY A 67 -16.48 -6.06 -8.42
CA GLY A 67 -16.31 -4.73 -8.99
C GLY A 67 -16.52 -3.65 -7.93
N LYS A 68 -15.69 -3.71 -6.89
CA LYS A 68 -15.78 -2.74 -5.81
C LYS A 68 -14.37 -2.25 -5.47
N ALA A 69 -14.31 -1.31 -4.54
CA ALA A 69 -13.05 -0.74 -4.11
C ALA A 69 -12.26 -1.79 -3.31
N CYS A 70 -10.97 -1.84 -3.57
CA CYS A 70 -10.11 -2.79 -2.89
C CYS A 70 -9.68 -2.18 -1.55
N LEU A 71 -9.46 -3.05 -0.58
CA LEU A 71 -9.05 -2.61 0.74
C LEU A 71 -7.78 -1.76 0.62
N ARG A 72 -7.52 -0.99 1.67
CA ARG A 72 -6.35 -0.13 1.69
C ARG A 72 -5.07 -0.97 1.62
N GLU A 73 -4.64 -1.24 0.40
CA GLU A 73 -3.44 -2.03 0.19
C GLU A 73 -2.23 -1.33 0.81
N TRP A 74 -1.44 -2.11 1.54
CA TRP A 74 -0.26 -1.58 2.19
C TRP A 74 0.96 -1.91 1.30
N TRP A 75 2.09 -1.33 1.67
CA TRP A 75 3.32 -1.55 0.92
C TRP A 75 4.38 -2.06 1.90
N ALA A 76 5.25 -2.93 1.38
CA ALA A 76 6.31 -3.50 2.19
C ALA A 76 7.46 -3.93 1.29
N LEU A 77 8.52 -4.38 1.92
CA LEU A 77 9.70 -4.84 1.19
C LEU A 77 9.60 -6.34 0.96
N ARG A 78 10.30 -6.80 -0.07
CA ARG A 78 10.29 -8.21 -0.41
C ARG A 78 10.88 -9.03 0.73
N MET A 1 16.65 16.11 1.24
CA MET A 1 15.26 16.06 0.82
C MET A 1 14.78 14.60 0.72
N ALA A 2 13.51 14.46 0.39
CA ALA A 2 12.91 13.14 0.25
C ALA A 2 13.85 12.25 -0.57
N SER A 3 13.52 10.96 -0.60
CA SER A 3 14.32 10.00 -1.32
C SER A 3 13.69 8.61 -1.22
N LEU A 4 14.14 7.71 -2.10
CA LEU A 4 13.63 6.36 -2.12
C LEU A 4 14.16 5.60 -0.90
N ILE A 5 15.41 5.89 -0.57
CA ILE A 5 16.06 5.25 0.57
C ILE A 5 15.23 5.50 1.82
N GLN A 6 14.57 6.64 1.84
CA GLN A 6 13.74 7.02 2.98
C GLN A 6 12.59 6.03 3.14
N VAL A 7 11.85 5.86 2.05
CA VAL A 7 10.71 4.95 2.06
C VAL A 7 11.22 3.51 2.19
N ARG A 8 12.34 3.24 1.53
CA ARG A 8 12.93 1.92 1.57
C ARG A 8 13.32 1.55 3.01
N ASP A 9 13.84 2.54 3.72
CA ASP A 9 14.25 2.33 5.09
C ASP A 9 13.02 2.27 5.98
N LEU A 10 12.13 3.23 5.80
CA LEU A 10 10.90 3.29 6.58
C LEU A 10 10.14 1.98 6.40
N LEU A 11 10.03 1.56 5.15
CA LEU A 11 9.32 0.33 4.84
C LEU A 11 9.90 -0.81 5.67
N ALA A 12 11.19 -0.71 5.96
CA ALA A 12 11.87 -1.72 6.73
C ALA A 12 11.72 -1.41 8.23
N LEU A 13 12.14 -0.20 8.58
CA LEU A 13 12.05 0.24 9.97
C LEU A 13 10.61 0.06 10.46
N ARG A 14 9.70 0.76 9.78
CA ARG A 14 8.29 0.69 10.13
C ARG A 14 7.65 -0.55 9.52
N GLY A 15 8.48 -1.35 8.86
CA GLY A 15 8.00 -2.56 8.23
C GLY A 15 6.90 -2.26 7.21
N ARG A 16 5.98 -3.21 7.09
CA ARG A 16 4.86 -3.05 6.17
C ARG A 16 3.94 -1.92 6.63
N MET A 17 3.77 -0.95 5.75
CA MET A 17 2.93 0.19 6.05
C MET A 17 2.38 0.82 4.77
N GLU A 18 1.52 1.81 4.95
CA GLU A 18 0.91 2.50 3.82
C GLU A 18 1.82 3.64 3.36
N ALA A 19 1.70 3.98 2.07
CA ALA A 19 2.49 5.04 1.49
C ALA A 19 2.15 6.37 2.18
N ALA A 20 0.85 6.61 2.30
CA ALA A 20 0.37 7.83 2.93
C ALA A 20 1.18 8.09 4.20
N GLN A 21 1.50 7.01 4.89
CA GLN A 21 2.27 7.12 6.12
C GLN A 21 3.73 7.48 5.81
N ILE A 22 4.31 6.70 4.91
CA ILE A 22 5.69 6.93 4.51
C ILE A 22 5.82 8.35 3.94
N SER A 23 4.85 8.71 3.12
CA SER A 23 4.86 10.03 2.50
C SER A 23 4.88 11.11 3.58
N GLN A 24 4.10 10.87 4.62
CA GLN A 24 4.02 11.82 5.72
C GLN A 24 5.36 11.93 6.43
N THR A 25 5.97 10.77 6.67
CA THR A 25 7.25 10.72 7.34
C THR A 25 8.21 11.75 6.74
N LEU A 26 8.23 11.78 5.41
CA LEU A 26 9.09 12.72 4.70
C LEU A 26 8.26 13.92 4.23
N ASN A 27 7.15 14.13 4.93
CA ASN A 27 6.27 15.23 4.60
C ASN A 27 6.17 15.37 3.07
N THR A 28 6.32 14.24 2.40
CA THR A 28 6.25 14.22 0.96
C THR A 28 4.79 14.11 0.49
N PRO A 29 4.58 14.45 -0.81
CA PRO A 29 3.25 14.39 -1.39
C PRO A 29 2.83 12.94 -1.66
N GLN A 30 1.57 12.66 -1.34
CA GLN A 30 1.04 11.32 -1.54
C GLN A 30 1.35 10.83 -2.96
N PRO A 31 1.02 11.71 -3.95
CA PRO A 31 1.26 11.37 -5.34
C PRO A 31 2.75 11.49 -5.68
N MET A 32 3.56 10.83 -4.89
CA MET A 32 5.00 10.85 -5.09
C MET A 32 5.63 9.50 -4.72
N ILE A 33 5.19 8.98 -3.58
CA ILE A 33 5.70 7.69 -3.10
C ILE A 33 5.01 6.56 -3.87
N ASN A 34 3.74 6.79 -4.16
CA ASN A 34 2.96 5.79 -4.88
C ASN A 34 3.62 5.51 -6.23
N ALA A 35 4.04 6.58 -6.89
CA ALA A 35 4.70 6.46 -8.18
C ALA A 35 5.93 5.58 -8.04
N MET A 36 6.72 5.87 -7.02
CA MET A 36 7.93 5.12 -6.77
C MET A 36 7.62 3.65 -6.49
N LEU A 37 6.68 3.44 -5.60
CA LEU A 37 6.28 2.08 -5.24
C LEU A 37 5.90 1.31 -6.51
N GLN A 38 5.15 1.99 -7.37
CA GLN A 38 4.71 1.39 -8.61
C GLN A 38 5.92 0.94 -9.44
N GLN A 39 6.91 1.83 -9.52
CA GLN A 39 8.11 1.54 -10.27
C GLN A 39 8.82 0.31 -9.69
N LEU A 40 8.98 0.33 -8.37
CA LEU A 40 9.63 -0.76 -7.68
C LEU A 40 8.88 -2.06 -7.97
N GLU A 41 7.57 -1.98 -7.87
CA GLU A 41 6.71 -3.14 -8.12
C GLU A 41 7.03 -3.74 -9.49
N SER A 42 7.04 -2.87 -10.50
CA SER A 42 7.32 -3.29 -11.86
C SER A 42 8.65 -4.05 -11.90
N MET A 43 9.65 -3.46 -11.29
CA MET A 43 10.98 -4.06 -11.26
C MET A 43 10.96 -5.37 -10.46
N GLY A 44 10.38 -5.29 -9.27
CA GLY A 44 10.29 -6.45 -8.41
C GLY A 44 11.14 -6.27 -7.16
N LYS A 45 10.98 -5.12 -6.52
CA LYS A 45 11.72 -4.80 -5.31
C LYS A 45 10.82 -5.03 -4.10
N ALA A 46 9.83 -4.16 -3.96
CA ALA A 46 8.90 -4.25 -2.86
C ALA A 46 7.72 -5.14 -3.25
N VAL A 47 6.81 -5.33 -2.31
CA VAL A 47 5.64 -6.16 -2.55
C VAL A 47 4.40 -5.45 -1.99
N ARG A 48 3.25 -5.82 -2.54
CA ARG A 48 2.00 -5.24 -2.10
C ARG A 48 1.44 -6.00 -0.90
N ILE A 49 0.90 -5.23 0.04
CA ILE A 49 0.34 -5.83 1.25
C ILE A 49 -1.16 -5.50 1.31
N GLN A 50 -1.89 -6.40 1.95
CA GLN A 50 -3.33 -6.21 2.09
C GLN A 50 -3.70 -5.98 3.56
N GLU A 51 -4.79 -5.26 3.75
CA GLU A 51 -5.26 -4.95 5.10
C GLU A 51 -6.41 -5.88 5.48
N GLU A 52 -6.81 -5.79 6.74
CA GLU A 52 -7.89 -6.62 7.25
C GLU A 52 -9.00 -6.73 6.20
N PRO A 53 -9.14 -7.96 5.63
CA PRO A 53 -10.15 -8.21 4.62
C PRO A 53 -11.54 -8.32 5.26
N ASP A 54 -12.46 -8.89 4.50
CA ASP A 54 -13.82 -9.06 4.97
C ASP A 54 -14.33 -10.45 4.58
N GLY A 55 -13.38 -11.34 4.33
CA GLY A 55 -13.72 -12.71 3.95
C GLY A 55 -14.41 -12.73 2.58
N CYS A 56 -15.73 -12.85 2.63
CA CYS A 56 -16.52 -12.89 1.41
C CYS A 56 -16.34 -14.27 0.77
N LEU A 57 -17.37 -14.67 0.03
CA LEU A 57 -17.34 -15.96 -0.64
C LEU A 57 -16.85 -15.78 -2.08
N SER A 58 -16.28 -16.85 -2.62
CA SER A 58 -15.77 -16.82 -3.98
C SER A 58 -16.03 -18.16 -4.67
N GLY A 59 -16.48 -18.08 -5.91
CA GLY A 59 -16.76 -19.28 -6.68
C GLY A 59 -17.88 -19.03 -7.70
N SER A 60 -19.02 -19.62 -7.43
CA SER A 60 -20.17 -19.47 -8.31
C SER A 60 -21.41 -19.13 -7.50
N CYS A 61 -21.58 -17.84 -7.25
CA CYS A 61 -22.72 -17.37 -6.48
C CYS A 61 -22.68 -15.84 -6.45
N LYS A 62 -21.62 -15.32 -5.86
CA LYS A 62 -21.45 -13.88 -5.76
C LYS A 62 -21.32 -13.28 -7.17
N SER A 63 -21.46 -11.97 -7.24
CA SER A 63 -21.36 -11.28 -8.51
C SER A 63 -19.91 -10.91 -8.79
N CYS A 64 -19.66 -10.48 -10.02
CA CYS A 64 -18.32 -10.09 -10.42
C CYS A 64 -17.87 -8.93 -9.53
N PRO A 65 -16.52 -8.88 -9.32
CA PRO A 65 -15.94 -7.83 -8.49
C PRO A 65 -15.91 -6.49 -9.23
N GLU A 66 -15.09 -5.59 -8.71
CA GLU A 66 -14.97 -4.27 -9.31
C GLU A 66 -13.49 -3.95 -9.57
N GLY A 67 -13.20 -2.65 -9.52
CA GLY A 67 -11.83 -2.19 -9.74
C GLY A 67 -11.59 -0.85 -9.04
N LYS A 68 -12.33 0.15 -9.50
CA LYS A 68 -12.20 1.48 -8.93
C LYS A 68 -12.23 1.39 -7.41
N ALA A 69 -11.31 2.13 -6.79
CA ALA A 69 -11.22 2.14 -5.34
C ALA A 69 -10.90 0.73 -4.84
N CYS A 70 -9.62 0.45 -4.71
CA CYS A 70 -9.18 -0.86 -4.24
C CYS A 70 -8.98 -0.79 -2.73
N LEU A 71 -8.97 -1.97 -2.11
CA LEU A 71 -8.80 -2.06 -0.67
C LEU A 71 -7.53 -1.31 -0.27
N ARG A 72 -7.46 -0.98 1.01
CA ARG A 72 -6.31 -0.27 1.54
C ARG A 72 -5.07 -1.18 1.52
N GLU A 73 -4.44 -1.23 0.36
CA GLU A 73 -3.25 -2.05 0.19
C GLU A 73 -2.02 -1.35 0.80
N TRP A 74 -1.23 -2.12 1.52
CA TRP A 74 -0.04 -1.60 2.15
C TRP A 74 1.17 -1.98 1.30
N TRP A 75 2.31 -1.43 1.66
CA TRP A 75 3.54 -1.72 0.94
C TRP A 75 4.58 -2.21 1.94
N ALA A 76 5.45 -3.08 1.47
CA ALA A 76 6.49 -3.64 2.31
C ALA A 76 7.65 -4.11 1.43
N LEU A 77 8.77 -4.38 2.09
CA LEU A 77 9.96 -4.84 1.38
C LEU A 77 9.86 -6.35 1.16
N ARG A 78 10.57 -6.82 0.14
CA ARG A 78 10.57 -8.23 -0.19
C ARG A 78 11.38 -9.02 0.84
N MET A 1 12.15 16.54 -1.06
CA MET A 1 13.28 15.99 -1.79
C MET A 1 13.78 14.70 -1.15
N ALA A 2 12.83 13.93 -0.63
CA ALA A 2 13.16 12.67 0.02
C ALA A 2 13.94 11.79 -0.95
N SER A 3 14.07 10.52 -0.59
CA SER A 3 14.78 9.56 -1.42
C SER A 3 14.13 8.19 -1.29
N LEU A 4 14.49 7.30 -2.21
CA LEU A 4 13.97 5.96 -2.20
C LEU A 4 14.42 5.24 -0.93
N ILE A 5 15.62 5.57 -0.49
CA ILE A 5 16.17 4.98 0.71
C ILE A 5 15.27 5.31 1.90
N GLN A 6 14.71 6.51 1.86
CA GLN A 6 13.82 6.96 2.92
C GLN A 6 12.59 6.06 3.02
N VAL A 7 11.91 5.92 1.88
CA VAL A 7 10.72 5.09 1.81
C VAL A 7 11.11 3.64 2.05
N ARG A 8 12.27 3.27 1.53
CA ARG A 8 12.76 1.91 1.68
C ARG A 8 13.12 1.63 3.14
N ASP A 9 13.86 2.56 3.72
CA ASP A 9 14.27 2.43 5.10
C ASP A 9 13.04 2.33 5.99
N LEU A 10 12.13 3.27 5.79
CA LEU A 10 10.90 3.31 6.57
C LEU A 10 10.13 1.99 6.36
N LEU A 11 9.95 1.64 5.09
CA LEU A 11 9.25 0.42 4.74
C LEU A 11 9.92 -0.77 5.43
N ALA A 12 11.20 -0.59 5.72
CA ALA A 12 11.98 -1.64 6.37
C ALA A 12 11.82 -1.51 7.89
N LEU A 13 12.23 -0.36 8.39
CA LEU A 13 12.14 -0.10 9.82
C LEU A 13 10.69 -0.25 10.27
N ARG A 14 9.83 0.57 9.69
CA ARG A 14 8.41 0.55 10.02
C ARG A 14 7.75 -0.68 9.40
N GLY A 15 8.52 -1.38 8.57
CA GLY A 15 8.01 -2.57 7.91
C GLY A 15 6.92 -2.22 6.90
N ARG A 16 5.91 -3.08 6.84
CA ARG A 16 4.80 -2.88 5.94
C ARG A 16 3.96 -1.68 6.38
N MET A 17 3.57 -0.86 5.41
CA MET A 17 2.77 0.31 5.69
C MET A 17 2.37 1.03 4.40
N GLU A 18 1.32 1.84 4.51
CA GLU A 18 0.83 2.59 3.37
C GLU A 18 1.75 3.77 3.08
N ALA A 19 1.58 4.34 1.88
CA ALA A 19 2.38 5.48 1.47
C ALA A 19 1.99 6.70 2.32
N ALA A 20 0.70 6.79 2.61
CA ALA A 20 0.20 7.90 3.41
C ALA A 20 1.14 8.14 4.59
N GLN A 21 1.64 7.05 5.13
CA GLN A 21 2.55 7.12 6.27
C GLN A 21 3.95 7.53 5.80
N ILE A 22 4.45 6.80 4.81
CA ILE A 22 5.77 7.07 4.27
C ILE A 22 5.84 8.54 3.84
N SER A 23 4.85 8.94 3.06
CA SER A 23 4.79 10.31 2.57
C SER A 23 4.84 11.29 3.74
N GLN A 24 4.11 10.94 4.80
CA GLN A 24 4.07 11.77 5.99
C GLN A 24 5.47 11.95 6.57
N THR A 25 6.19 10.84 6.64
CA THR A 25 7.54 10.86 7.17
C THR A 25 8.36 11.96 6.49
N LEU A 26 8.24 12.03 5.17
CA LEU A 26 8.96 13.02 4.40
C LEU A 26 8.00 14.15 4.00
N ASN A 27 6.89 14.24 4.74
CA ASN A 27 5.89 15.25 4.46
C ASN A 27 5.74 15.41 2.95
N THR A 28 5.92 14.31 2.25
CA THR A 28 5.81 14.32 0.80
C THR A 28 4.34 14.17 0.38
N PRO A 29 4.08 14.52 -0.90
CA PRO A 29 2.73 14.43 -1.44
C PRO A 29 2.34 12.98 -1.72
N GLN A 30 1.12 12.63 -1.36
CA GLN A 30 0.62 11.29 -1.56
C GLN A 30 0.98 10.80 -2.96
N PRO A 31 0.62 11.63 -3.98
CA PRO A 31 0.89 11.30 -5.36
C PRO A 31 2.37 11.50 -5.69
N MET A 32 3.21 10.88 -4.87
CA MET A 32 4.65 10.97 -5.06
C MET A 32 5.34 9.65 -4.73
N ILE A 33 4.97 9.10 -3.58
CA ILE A 33 5.54 7.84 -3.14
C ILE A 33 4.94 6.69 -3.96
N ASN A 34 3.65 6.84 -4.25
CA ASN A 34 2.95 5.82 -5.03
C ASN A 34 3.72 5.56 -6.33
N ALA A 35 4.20 6.64 -6.93
CA ALA A 35 4.96 6.54 -8.17
C ALA A 35 6.18 5.67 -7.94
N MET A 36 6.89 5.95 -6.86
CA MET A 36 8.08 5.19 -6.52
C MET A 36 7.75 3.73 -6.26
N LEU A 37 6.75 3.52 -5.40
CA LEU A 37 6.32 2.18 -5.06
C LEU A 37 6.00 1.40 -6.34
N GLN A 38 5.37 2.10 -7.28
CA GLN A 38 5.00 1.49 -8.54
C GLN A 38 6.26 1.01 -9.28
N GLN A 39 7.28 1.84 -9.25
CA GLN A 39 8.53 1.52 -9.91
C GLN A 39 9.13 0.25 -9.31
N LEU A 40 9.22 0.24 -7.98
CA LEU A 40 9.77 -0.90 -7.28
C LEU A 40 8.93 -2.14 -7.59
N GLU A 41 7.62 -1.93 -7.66
CA GLU A 41 6.70 -3.02 -7.95
C GLU A 41 6.96 -3.58 -9.34
N SER A 42 7.01 -2.67 -10.31
CA SER A 42 7.25 -3.05 -11.68
C SER A 42 8.53 -3.89 -11.78
N MET A 43 9.56 -3.41 -11.11
CA MET A 43 10.84 -4.11 -11.11
C MET A 43 10.76 -5.40 -10.30
N GLY A 44 10.19 -5.29 -9.10
CA GLY A 44 10.05 -6.43 -8.22
C GLY A 44 10.98 -6.32 -7.03
N LYS A 45 10.98 -5.14 -6.41
CA LYS A 45 11.82 -4.89 -5.26
C LYS A 45 10.97 -4.96 -3.99
N ALA A 46 9.78 -4.36 -4.07
CA ALA A 46 8.88 -4.35 -2.94
C ALA A 46 7.77 -5.38 -3.17
N VAL A 47 6.90 -5.51 -2.18
CA VAL A 47 5.80 -6.45 -2.27
C VAL A 47 4.51 -5.76 -1.82
N ARG A 48 3.40 -6.26 -2.33
CA ARG A 48 2.10 -5.70 -1.99
C ARG A 48 1.59 -6.30 -0.69
N ILE A 49 1.00 -5.44 0.13
CA ILE A 49 0.47 -5.88 1.42
C ILE A 49 -1.03 -5.59 1.45
N GLN A 50 -1.72 -6.42 2.23
CA GLN A 50 -3.17 -6.27 2.37
C GLN A 50 -3.53 -5.90 3.81
N GLU A 51 -4.66 -5.21 3.94
CA GLU A 51 -5.12 -4.78 5.25
C GLU A 51 -6.11 -5.81 5.81
N GLU A 52 -6.47 -5.60 7.07
CA GLU A 52 -7.39 -6.50 7.75
C GLU A 52 -8.60 -6.78 6.85
N PRO A 53 -9.19 -7.99 7.05
CA PRO A 53 -10.35 -8.39 6.27
C PRO A 53 -11.60 -7.66 6.73
N ASP A 54 -12.75 -8.20 6.35
CA ASP A 54 -14.03 -7.62 6.71
C ASP A 54 -15.15 -8.53 6.25
N GLY A 55 -16.36 -8.22 6.72
CA GLY A 55 -17.53 -8.99 6.36
C GLY A 55 -18.66 -8.79 7.38
N CYS A 56 -19.89 -8.88 6.88
CA CYS A 56 -21.05 -8.70 7.72
C CYS A 56 -22.16 -9.64 7.22
N LEU A 57 -22.46 -9.51 5.95
CA LEU A 57 -23.49 -10.33 5.33
C LEU A 57 -22.85 -11.58 4.73
N SER A 58 -23.70 -12.47 4.24
CA SER A 58 -23.22 -13.71 3.63
C SER A 58 -24.24 -14.20 2.60
N GLY A 59 -25.44 -14.46 3.08
CA GLY A 59 -26.51 -14.94 2.22
C GLY A 59 -27.23 -13.77 1.53
N SER A 60 -27.94 -14.10 0.47
CA SER A 60 -28.69 -13.09 -0.28
C SER A 60 -29.75 -12.45 0.62
N CYS A 61 -29.77 -11.13 0.62
CA CYS A 61 -30.73 -10.40 1.42
C CYS A 61 -30.64 -8.91 1.05
N LYS A 62 -31.79 -8.37 0.67
CA LYS A 62 -31.84 -6.96 0.29
C LYS A 62 -30.99 -6.74 -0.96
N SER A 63 -31.19 -5.59 -1.58
CA SER A 63 -30.44 -5.24 -2.78
C SER A 63 -28.94 -5.42 -2.53
N CYS A 64 -28.23 -5.72 -3.61
CA CYS A 64 -26.79 -5.90 -3.52
C CYS A 64 -26.11 -4.83 -4.37
N PRO A 65 -25.31 -3.97 -3.68
CA PRO A 65 -24.60 -2.90 -4.36
C PRO A 65 -23.40 -3.44 -5.14
N GLU A 66 -22.49 -2.55 -5.49
CA GLU A 66 -21.31 -2.92 -6.23
C GLU A 66 -20.05 -2.48 -5.47
N GLY A 67 -19.37 -3.46 -4.89
CA GLY A 67 -18.16 -3.19 -4.14
C GLY A 67 -16.97 -2.96 -5.08
N LYS A 68 -16.73 -1.70 -5.39
CA LYS A 68 -15.64 -1.34 -6.27
C LYS A 68 -14.42 -0.96 -5.42
N ALA A 69 -13.29 -0.80 -6.11
CA ALA A 69 -12.06 -0.45 -5.44
C ALA A 69 -11.60 -1.60 -4.54
N CYS A 70 -10.30 -1.80 -4.49
CA CYS A 70 -9.74 -2.86 -3.68
C CYS A 70 -9.43 -2.28 -2.29
N LEU A 71 -9.39 -3.17 -1.31
CA LEU A 71 -9.11 -2.77 0.06
C LEU A 71 -7.81 -1.95 0.08
N ARG A 72 -7.63 -1.23 1.18
CA ARG A 72 -6.45 -0.40 1.35
C ARG A 72 -5.19 -1.27 1.38
N GLU A 73 -4.64 -1.51 0.20
CA GLU A 73 -3.44 -2.32 0.08
C GLU A 73 -2.22 -1.54 0.59
N TRP A 74 -1.42 -2.24 1.39
CA TRP A 74 -0.22 -1.62 1.94
C TRP A 74 0.98 -2.08 1.11
N TRP A 75 2.13 -1.48 1.39
CA TRP A 75 3.34 -1.81 0.66
C TRP A 75 4.40 -2.23 1.69
N ALA A 76 5.26 -3.13 1.25
CA ALA A 76 6.32 -3.63 2.13
C ALA A 76 7.51 -4.07 1.26
N LEU A 77 8.58 -4.42 1.95
CA LEU A 77 9.80 -4.86 1.27
C LEU A 77 9.74 -6.38 1.07
N ARG A 78 10.52 -6.85 0.11
CA ARG A 78 10.57 -8.27 -0.19
C ARG A 78 11.33 -9.02 0.91
N MET A 1 15.62 16.64 2.04
CA MET A 1 15.87 15.83 0.86
C MET A 1 15.31 14.42 1.03
N ALA A 2 14.46 14.02 0.10
CA ALA A 2 13.86 12.70 0.14
C ALA A 2 14.67 11.74 -0.74
N SER A 3 14.18 10.52 -0.81
CA SER A 3 14.85 9.49 -1.62
C SER A 3 14.20 8.14 -1.37
N LEU A 4 14.47 7.21 -2.29
CA LEU A 4 13.92 5.88 -2.18
C LEU A 4 14.39 5.24 -0.88
N ILE A 5 15.63 5.52 -0.54
CA ILE A 5 16.21 4.97 0.68
C ILE A 5 15.31 5.32 1.86
N GLN A 6 14.82 6.55 1.85
CA GLN A 6 13.94 7.00 2.92
C GLN A 6 12.71 6.11 3.03
N VAL A 7 12.08 5.88 1.89
CA VAL A 7 10.89 5.04 1.84
C VAL A 7 11.29 3.59 2.11
N ARG A 8 12.36 3.16 1.45
CA ARG A 8 12.85 1.80 1.62
C ARG A 8 13.19 1.54 3.08
N ASP A 9 13.98 2.44 3.65
CA ASP A 9 14.38 2.32 5.04
C ASP A 9 13.13 2.23 5.93
N LEU A 10 12.24 3.19 5.72
CA LEU A 10 11.00 3.24 6.49
C LEU A 10 10.21 1.95 6.25
N LEU A 11 10.02 1.64 4.97
CA LEU A 11 9.29 0.44 4.60
C LEU A 11 9.93 -0.77 5.27
N ALA A 12 11.21 -0.64 5.58
CA ALA A 12 11.94 -1.71 6.21
C ALA A 12 11.78 -1.61 7.73
N LEU A 13 12.20 -0.48 8.27
CA LEU A 13 12.11 -0.24 9.69
C LEU A 13 10.64 -0.36 10.14
N ARG A 14 9.81 0.50 9.55
CA ARG A 14 8.40 0.49 9.87
C ARG A 14 7.72 -0.72 9.25
N GLY A 15 8.47 -1.42 8.41
CA GLY A 15 7.95 -2.60 7.75
C GLY A 15 6.77 -2.26 6.84
N ARG A 16 5.77 -3.12 6.86
CA ARG A 16 4.58 -2.91 6.04
C ARG A 16 3.81 -1.69 6.54
N MET A 17 3.64 -0.74 5.63
CA MET A 17 2.93 0.49 5.96
C MET A 17 2.46 1.20 4.69
N GLU A 18 1.32 1.87 4.81
CA GLU A 18 0.76 2.59 3.68
C GLU A 18 1.70 3.73 3.26
N ALA A 19 1.60 4.10 1.99
CA ALA A 19 2.43 5.15 1.45
C ALA A 19 2.09 6.47 2.15
N ALA A 20 0.79 6.69 2.34
CA ALA A 20 0.33 7.90 2.99
C ALA A 20 1.19 8.17 4.22
N GLN A 21 1.53 7.10 4.92
CA GLN A 21 2.35 7.21 6.11
C GLN A 21 3.81 7.47 5.73
N ILE A 22 4.32 6.62 4.85
CA ILE A 22 5.69 6.74 4.39
C ILE A 22 5.92 8.16 3.84
N SER A 23 5.06 8.54 2.90
CA SER A 23 5.15 9.85 2.29
C SER A 23 5.15 10.93 3.38
N GLN A 24 4.25 10.77 4.34
CA GLN A 24 4.14 11.72 5.44
C GLN A 24 5.49 11.89 6.13
N THR A 25 6.14 10.76 6.38
CA THR A 25 7.44 10.77 7.03
C THR A 25 8.32 11.87 6.43
N LEU A 26 8.21 12.04 5.12
CA LEU A 26 8.99 13.03 4.42
C LEU A 26 8.06 14.11 3.88
N ASN A 27 7.02 14.40 4.64
CA ASN A 27 6.05 15.40 4.25
C ASN A 27 5.79 15.29 2.74
N THR A 28 5.91 14.08 2.25
CA THR A 28 5.69 13.83 0.83
C THR A 28 4.20 13.66 0.53
N PRO A 29 3.79 14.13 -0.67
CA PRO A 29 2.40 14.04 -1.07
C PRO A 29 2.04 12.61 -1.48
N GLN A 30 0.88 12.16 -1.02
CA GLN A 30 0.41 10.83 -1.33
C GLN A 30 0.74 10.48 -2.78
N PRO A 31 0.30 11.38 -3.70
CA PRO A 31 0.54 11.17 -5.13
C PRO A 31 2.00 11.46 -5.48
N MET A 32 2.90 10.80 -4.77
CA MET A 32 4.32 10.97 -5.00
C MET A 32 5.08 9.68 -4.68
N ILE A 33 4.73 9.08 -3.56
CA ILE A 33 5.37 7.85 -3.13
C ILE A 33 4.84 6.69 -3.98
N ASN A 34 3.57 6.80 -4.34
CA ASN A 34 2.92 5.76 -5.13
C ASN A 34 3.73 5.54 -6.42
N ALA A 35 4.19 6.64 -6.99
CA ALA A 35 4.97 6.59 -8.22
C ALA A 35 6.25 5.79 -7.96
N MET A 36 6.91 6.12 -6.86
CA MET A 36 8.14 5.45 -6.49
C MET A 36 7.89 3.97 -6.18
N LEU A 37 6.81 3.73 -5.45
CA LEU A 37 6.45 2.37 -5.09
C LEU A 37 6.22 1.54 -6.35
N GLN A 38 5.49 2.13 -7.29
CA GLN A 38 5.21 1.46 -8.54
C GLN A 38 6.50 0.99 -9.21
N GLN A 39 7.50 1.87 -9.17
CA GLN A 39 8.78 1.56 -9.76
C GLN A 39 9.35 0.27 -9.15
N LEU A 40 9.34 0.24 -7.83
CA LEU A 40 9.85 -0.93 -7.11
C LEU A 40 9.04 -2.16 -7.50
N GLU A 41 7.73 -1.97 -7.61
CA GLU A 41 6.84 -3.06 -7.97
C GLU A 41 7.19 -3.58 -9.37
N SER A 42 7.31 -2.64 -10.31
CA SER A 42 7.63 -2.99 -11.68
C SER A 42 8.91 -3.83 -11.71
N MET A 43 9.92 -3.35 -10.99
CA MET A 43 11.20 -4.04 -10.93
C MET A 43 11.07 -5.34 -10.15
N GLY A 44 10.40 -5.26 -9.01
CA GLY A 44 10.20 -6.43 -8.17
C GLY A 44 11.05 -6.33 -6.89
N LYS A 45 10.98 -5.17 -6.26
CA LYS A 45 11.72 -4.93 -5.04
C LYS A 45 10.78 -5.05 -3.84
N ALA A 46 9.73 -4.23 -3.87
CA ALA A 46 8.75 -4.23 -2.80
C ALA A 46 7.61 -5.16 -3.16
N VAL A 47 6.70 -5.34 -2.20
CA VAL A 47 5.55 -6.20 -2.41
C VAL A 47 4.30 -5.50 -1.87
N ARG A 48 3.16 -5.93 -2.39
CA ARG A 48 1.89 -5.36 -1.97
C ARG A 48 1.39 -6.05 -0.70
N ILE A 49 0.86 -5.25 0.20
CA ILE A 49 0.34 -5.77 1.46
C ILE A 49 -1.17 -5.50 1.54
N GLN A 50 -1.85 -6.37 2.27
CA GLN A 50 -3.29 -6.23 2.44
C GLN A 50 -3.63 -5.97 3.90
N GLU A 51 -4.74 -5.28 4.10
CA GLU A 51 -5.20 -4.96 5.45
C GLU A 51 -6.42 -5.81 5.81
N GLU A 52 -6.78 -5.73 7.09
CA GLU A 52 -7.92 -6.49 7.59
C GLU A 52 -9.05 -6.47 6.55
N PRO A 53 -9.39 -7.68 6.04
CA PRO A 53 -10.45 -7.80 5.05
C PRO A 53 -11.83 -7.66 5.70
N ASP A 54 -12.85 -8.12 4.98
CA ASP A 54 -14.20 -8.04 5.47
C ASP A 54 -14.75 -9.46 5.66
N GLY A 55 -15.63 -9.59 6.65
CA GLY A 55 -16.24 -10.88 6.95
C GLY A 55 -17.71 -10.73 7.29
N CYS A 56 -18.48 -11.76 6.95
CA CYS A 56 -19.90 -11.75 7.21
C CYS A 56 -20.50 -13.05 6.68
N LEU A 57 -21.67 -13.39 7.19
CA LEU A 57 -22.36 -14.60 6.75
C LEU A 57 -23.14 -14.30 5.47
N SER A 58 -22.77 -15.02 4.42
CA SER A 58 -23.42 -14.85 3.13
C SER A 58 -24.51 -15.91 2.95
N GLY A 59 -25.60 -15.50 2.33
CA GLY A 59 -26.71 -16.40 2.09
C GLY A 59 -28.02 -15.62 1.89
N SER A 60 -28.04 -14.83 0.83
CA SER A 60 -29.22 -14.03 0.52
C SER A 60 -29.95 -14.63 -0.69
N CYS A 61 -31.22 -14.92 -0.48
CA CYS A 61 -32.05 -15.49 -1.53
C CYS A 61 -31.99 -14.56 -2.74
N LYS A 62 -32.49 -13.34 -2.54
CA LYS A 62 -32.50 -12.36 -3.60
C LYS A 62 -32.07 -11.00 -3.03
N SER A 63 -30.94 -10.53 -3.53
CA SER A 63 -30.40 -9.25 -3.09
C SER A 63 -29.30 -8.78 -4.04
N CYS A 64 -29.30 -7.48 -4.29
CA CYS A 64 -28.31 -6.89 -5.18
C CYS A 64 -26.93 -7.13 -4.59
N PRO A 65 -25.92 -7.26 -5.49
CA PRO A 65 -24.55 -7.48 -5.08
C PRO A 65 -23.92 -6.20 -4.51
N GLU A 66 -22.60 -6.21 -4.44
CA GLU A 66 -21.87 -5.06 -3.93
C GLU A 66 -20.80 -4.63 -4.92
N GLY A 67 -19.72 -4.08 -4.39
CA GLY A 67 -18.62 -3.61 -5.21
C GLY A 67 -17.54 -2.94 -4.36
N LYS A 68 -17.67 -1.63 -4.22
CA LYS A 68 -16.72 -0.86 -3.44
C LYS A 68 -15.30 -1.16 -3.94
N ALA A 69 -14.35 -0.44 -3.36
CA ALA A 69 -12.96 -0.62 -3.73
C ALA A 69 -12.32 -1.68 -2.83
N CYS A 70 -11.12 -2.10 -3.21
CA CYS A 70 -10.40 -3.09 -2.44
C CYS A 70 -9.88 -2.44 -1.16
N LEU A 71 -9.65 -3.28 -0.16
CA LEU A 71 -9.16 -2.80 1.11
C LEU A 71 -7.92 -1.94 0.89
N ARG A 72 -7.60 -1.14 1.89
CA ARG A 72 -6.43 -0.26 1.81
C ARG A 72 -5.15 -1.09 1.77
N GLU A 73 -4.73 -1.42 0.56
CA GLU A 73 -3.53 -2.21 0.37
C GLU A 73 -2.30 -1.44 0.88
N TRP A 74 -1.48 -2.15 1.64
CA TRP A 74 -0.28 -1.54 2.21
C TRP A 74 0.90 -1.91 1.30
N TRP A 75 2.03 -1.30 1.59
CA TRP A 75 3.24 -1.55 0.82
C TRP A 75 4.34 -1.98 1.78
N ALA A 76 5.21 -2.85 1.29
CA ALA A 76 6.31 -3.35 2.10
C ALA A 76 7.44 -3.83 1.19
N LEU A 77 8.52 -4.27 1.82
CA LEU A 77 9.66 -4.76 1.07
C LEU A 77 9.54 -6.27 0.87
N ARG A 78 10.39 -6.79 -0.02
CA ARG A 78 10.38 -8.21 -0.31
C ARG A 78 11.20 -8.97 0.73
N MET A 1 14.35 16.68 3.45
CA MET A 1 15.01 15.65 2.66
C MET A 1 14.03 14.52 2.31
N ALA A 2 14.28 13.89 1.18
CA ALA A 2 13.43 12.79 0.73
C ALA A 2 14.16 12.00 -0.35
N SER A 3 14.00 10.69 -0.29
CA SER A 3 14.63 9.80 -1.25
C SER A 3 14.08 8.38 -1.10
N LEU A 4 14.33 7.58 -2.11
CA LEU A 4 13.88 6.20 -2.11
C LEU A 4 14.44 5.49 -0.88
N ILE A 5 15.68 5.82 -0.56
CA ILE A 5 16.35 5.23 0.59
C ILE A 5 15.49 5.42 1.84
N GLN A 6 14.95 6.62 1.96
CA GLN A 6 14.09 6.95 3.09
C GLN A 6 12.90 6.00 3.16
N VAL A 7 12.19 5.90 2.05
CA VAL A 7 11.03 5.03 1.97
C VAL A 7 11.49 3.57 2.09
N ARG A 8 12.53 3.24 1.35
CA ARG A 8 13.06 1.88 1.37
C ARG A 8 13.42 1.48 2.80
N ASP A 9 13.99 2.44 3.52
CA ASP A 9 14.38 2.19 4.90
C ASP A 9 13.14 2.18 5.79
N LEU A 10 12.30 3.18 5.58
CA LEU A 10 11.07 3.30 6.35
C LEU A 10 10.25 2.02 6.19
N LEU A 11 10.05 1.63 4.94
CA LEU A 11 9.29 0.43 4.65
C LEU A 11 9.92 -0.76 5.37
N ALA A 12 11.20 -0.64 5.66
CA ALA A 12 11.93 -1.68 6.34
C ALA A 12 11.78 -1.50 7.85
N LEU A 13 12.22 -0.34 8.33
CA LEU A 13 12.13 -0.03 9.75
C LEU A 13 10.67 -0.14 10.20
N ARG A 14 9.83 0.66 9.58
CA ARG A 14 8.42 0.68 9.91
C ARG A 14 7.74 -0.58 9.35
N GLY A 15 8.48 -1.30 8.53
CA GLY A 15 7.97 -2.52 7.93
C GLY A 15 6.80 -2.21 6.98
N ARG A 16 5.88 -3.17 6.91
CA ARG A 16 4.71 -3.01 6.06
C ARG A 16 3.80 -1.90 6.59
N MET A 17 3.64 -0.87 5.78
CA MET A 17 2.81 0.26 6.15
C MET A 17 2.26 0.97 4.91
N GLU A 18 1.21 1.76 5.13
CA GLU A 18 0.59 2.50 4.05
C GLU A 18 1.53 3.58 3.53
N ALA A 19 1.31 3.97 2.29
CA ALA A 19 2.13 4.99 1.66
C ALA A 19 1.90 6.33 2.37
N ALA A 20 0.64 6.63 2.60
CA ALA A 20 0.27 7.87 3.26
C ALA A 20 1.21 8.10 4.45
N GLN A 21 1.55 7.01 5.11
CA GLN A 21 2.44 7.07 6.27
C GLN A 21 3.85 7.42 5.83
N ILE A 22 4.32 6.69 4.82
CA ILE A 22 5.67 6.91 4.30
C ILE A 22 5.78 8.35 3.80
N SER A 23 4.78 8.75 3.02
CA SER A 23 4.76 10.09 2.46
C SER A 23 4.88 11.13 3.59
N GLN A 24 4.16 10.87 4.67
CA GLN A 24 4.18 11.76 5.82
C GLN A 24 5.60 11.84 6.40
N THR A 25 6.20 10.68 6.56
CA THR A 25 7.55 10.60 7.10
C THR A 25 8.46 11.62 6.40
N LEU A 26 8.18 11.84 5.13
CA LEU A 26 8.95 12.78 4.35
C LEU A 26 8.06 13.95 3.92
N ASN A 27 7.01 14.16 4.69
CA ASN A 27 6.07 15.23 4.40
C ASN A 27 5.91 15.37 2.89
N THR A 28 5.97 14.23 2.21
CA THR A 28 5.83 14.20 0.77
C THR A 28 4.37 14.04 0.38
N PRO A 29 4.07 14.38 -0.91
CA PRO A 29 2.72 14.28 -1.42
C PRO A 29 2.33 12.82 -1.68
N GLN A 30 1.09 12.51 -1.33
CA GLN A 30 0.59 11.15 -1.51
C GLN A 30 0.91 10.66 -2.92
N PRO A 31 0.52 11.49 -3.93
CA PRO A 31 0.76 11.15 -5.33
C PRO A 31 2.23 11.35 -5.68
N MET A 32 3.10 10.72 -4.89
CA MET A 32 4.53 10.82 -5.12
C MET A 32 5.22 9.49 -4.79
N ILE A 33 4.90 8.97 -3.61
CA ILE A 33 5.49 7.71 -3.16
C ILE A 33 4.88 6.57 -3.97
N ASN A 34 3.61 6.71 -4.29
CA ASN A 34 2.90 5.70 -5.06
C ASN A 34 3.65 5.45 -6.37
N ALA A 35 4.11 6.54 -6.97
CA ALA A 35 4.84 6.45 -8.22
C ALA A 35 6.08 5.57 -8.02
N MET A 36 6.79 5.85 -6.95
CA MET A 36 8.00 5.10 -6.64
C MET A 36 7.67 3.63 -6.35
N LEU A 37 6.63 3.43 -5.55
CA LEU A 37 6.21 2.08 -5.19
C LEU A 37 5.94 1.29 -6.47
N GLN A 38 5.34 1.95 -7.43
CA GLN A 38 5.02 1.31 -8.70
C GLN A 38 6.30 0.87 -9.40
N GLN A 39 7.27 1.78 -9.43
CA GLN A 39 8.54 1.50 -10.07
C GLN A 39 9.22 0.31 -9.39
N LEU A 40 9.27 0.37 -8.07
CA LEU A 40 9.89 -0.70 -7.30
C LEU A 40 9.14 -2.00 -7.55
N GLU A 41 7.82 -1.90 -7.60
CA GLU A 41 6.99 -3.06 -7.82
C GLU A 41 7.30 -3.67 -9.19
N SER A 42 7.30 -2.82 -10.20
CA SER A 42 7.59 -3.26 -11.56
C SER A 42 8.92 -4.02 -11.60
N MET A 43 9.94 -3.39 -11.01
CA MET A 43 11.26 -3.99 -10.97
C MET A 43 11.25 -5.30 -10.17
N GLY A 44 10.59 -5.24 -9.02
CA GLY A 44 10.49 -6.40 -8.16
C GLY A 44 11.32 -6.20 -6.87
N LYS A 45 11.13 -5.03 -6.28
CA LYS A 45 11.85 -4.70 -5.06
C LYS A 45 10.91 -4.84 -3.86
N ALA A 46 9.87 -4.00 -3.86
CA ALA A 46 8.89 -4.02 -2.80
C ALA A 46 7.75 -4.97 -3.17
N VAL A 47 6.81 -5.11 -2.25
CA VAL A 47 5.67 -5.98 -2.47
C VAL A 47 4.41 -5.30 -1.94
N ARG A 48 3.28 -5.72 -2.50
CA ARG A 48 1.99 -5.16 -2.09
C ARG A 48 1.45 -5.90 -0.87
N ILE A 49 0.89 -5.13 0.04
CA ILE A 49 0.33 -5.69 1.26
C ILE A 49 -1.17 -5.42 1.30
N GLN A 50 -1.89 -6.32 1.96
CA GLN A 50 -3.33 -6.20 2.07
C GLN A 50 -3.72 -5.96 3.54
N GLU A 51 -4.83 -5.25 3.71
CA GLU A 51 -5.32 -4.95 5.05
C GLU A 51 -6.46 -5.91 5.42
N GLU A 52 -6.86 -5.83 6.68
CA GLU A 52 -7.93 -6.67 7.17
C GLU A 52 -9.03 -6.82 6.11
N PRO A 53 -8.96 -7.98 5.39
CA PRO A 53 -9.94 -8.26 4.35
C PRO A 53 -11.28 -8.66 4.95
N ASP A 54 -12.11 -9.27 4.11
CA ASP A 54 -13.42 -9.71 4.54
C ASP A 54 -13.75 -11.06 3.89
N GLY A 55 -14.63 -11.80 4.55
CA GLY A 55 -15.03 -13.11 4.05
C GLY A 55 -16.47 -13.43 4.46
N CYS A 56 -16.60 -14.38 5.37
CA CYS A 56 -17.91 -14.80 5.84
C CYS A 56 -18.70 -15.34 4.66
N LEU A 57 -19.72 -16.13 4.98
CA LEU A 57 -20.56 -16.72 3.95
C LEU A 57 -21.75 -15.80 3.69
N SER A 58 -22.56 -15.63 4.73
CA SER A 58 -23.74 -14.78 4.62
C SER A 58 -24.79 -15.46 3.74
N GLY A 59 -24.42 -15.67 2.49
CA GLY A 59 -25.32 -16.30 1.53
C GLY A 59 -26.64 -15.54 1.44
N SER A 60 -26.70 -14.65 0.46
CA SER A 60 -27.90 -13.86 0.25
C SER A 60 -28.06 -13.54 -1.25
N CYS A 61 -28.94 -14.30 -1.89
CA CYS A 61 -29.19 -14.11 -3.30
C CYS A 61 -27.86 -13.86 -4.00
N LYS A 62 -26.87 -14.66 -3.62
CA LYS A 62 -25.54 -14.53 -4.20
C LYS A 62 -24.84 -13.31 -3.60
N SER A 63 -23.56 -13.49 -3.32
CA SER A 63 -22.77 -12.42 -2.74
C SER A 63 -21.88 -11.77 -3.82
N CYS A 64 -22.12 -10.49 -4.03
CA CYS A 64 -21.36 -9.74 -5.02
C CYS A 64 -21.80 -8.28 -4.96
N PRO A 65 -20.82 -7.41 -4.58
CA PRO A 65 -21.09 -5.98 -4.48
C PRO A 65 -21.19 -5.34 -5.87
N GLU A 66 -21.06 -4.02 -5.88
CA GLU A 66 -21.12 -3.28 -7.13
C GLU A 66 -19.85 -2.45 -7.32
N GLY A 67 -18.78 -3.15 -7.70
CA GLY A 67 -17.50 -2.50 -7.92
C GLY A 67 -17.18 -1.53 -6.79
N LYS A 68 -16.41 -2.02 -5.83
CA LYS A 68 -16.02 -1.20 -4.69
C LYS A 68 -14.50 -1.10 -4.64
N ALA A 69 -14.03 0.05 -4.17
CA ALA A 69 -12.60 0.29 -4.07
C ALA A 69 -11.98 -0.76 -3.15
N CYS A 70 -11.00 -1.48 -3.70
CA CYS A 70 -10.32 -2.52 -2.94
C CYS A 70 -9.89 -1.93 -1.60
N LEU A 71 -9.65 -2.82 -0.65
CA LEU A 71 -9.24 -2.41 0.68
C LEU A 71 -7.96 -1.58 0.57
N ARG A 72 -7.68 -0.84 1.63
CA ARG A 72 -6.49 0.00 1.68
C ARG A 72 -5.22 -0.87 1.64
N GLU A 73 -4.75 -1.13 0.43
CA GLU A 73 -3.56 -1.93 0.25
C GLU A 73 -2.35 -1.23 0.86
N TRP A 74 -1.53 -2.02 1.53
CA TRP A 74 -0.33 -1.49 2.17
C TRP A 74 0.87 -1.86 1.28
N TRP A 75 2.02 -1.28 1.63
CA TRP A 75 3.23 -1.53 0.89
C TRP A 75 4.28 -2.06 1.86
N ALA A 76 5.14 -2.94 1.36
CA ALA A 76 6.18 -3.53 2.17
C ALA A 76 7.33 -3.99 1.27
N LEU A 77 8.38 -4.50 1.90
CA LEU A 77 9.54 -4.97 1.16
C LEU A 77 9.46 -6.50 1.03
N ARG A 78 10.19 -7.02 0.05
CA ARG A 78 10.20 -8.45 -0.18
C ARG A 78 10.78 -9.18 1.03
N MET A 1 14.86 17.07 1.63
CA MET A 1 15.58 15.81 1.74
C MET A 1 14.61 14.62 1.63
N ALA A 2 14.70 13.93 0.50
CA ALA A 2 13.84 12.78 0.25
C ALA A 2 14.53 11.86 -0.75
N SER A 3 14.13 10.60 -0.72
CA SER A 3 14.69 9.60 -1.61
C SER A 3 14.08 8.23 -1.32
N LEU A 4 14.28 7.32 -2.26
CA LEU A 4 13.76 5.97 -2.12
C LEU A 4 14.31 5.35 -0.83
N ILE A 5 15.57 5.66 -0.55
CA ILE A 5 16.22 5.15 0.64
C ILE A 5 15.35 5.45 1.86
N GLN A 6 14.83 6.66 1.88
CA GLN A 6 13.97 7.09 2.99
C GLN A 6 12.78 6.14 3.12
N VAL A 7 12.07 5.96 2.01
CA VAL A 7 10.91 5.09 2.00
C VAL A 7 11.35 3.65 2.25
N ARG A 8 12.39 3.25 1.53
CA ARG A 8 12.91 1.90 1.65
C ARG A 8 13.30 1.61 3.11
N ASP A 9 14.01 2.57 3.69
CA ASP A 9 14.44 2.43 5.08
C ASP A 9 13.22 2.34 5.99
N LEU A 10 12.32 3.30 5.81
CA LEU A 10 11.10 3.34 6.60
C LEU A 10 10.32 2.04 6.39
N LEU A 11 10.14 1.70 5.13
CA LEU A 11 9.41 0.48 4.78
C LEU A 11 9.98 -0.70 5.57
N ALA A 12 11.26 -0.59 5.89
CA ALA A 12 11.93 -1.64 6.65
C ALA A 12 11.72 -1.39 8.14
N LEU A 13 12.15 -0.23 8.60
CA LEU A 13 12.02 0.13 10.00
C LEU A 13 10.56 -0.04 10.42
N ARG A 14 9.68 0.71 9.75
CA ARG A 14 8.26 0.65 10.04
C ARG A 14 7.65 -0.62 9.45
N GLY A 15 8.45 -1.31 8.65
CA GLY A 15 8.00 -2.53 8.01
C GLY A 15 6.89 -2.25 7.00
N ARG A 16 5.97 -3.20 6.89
CA ARG A 16 4.86 -3.07 5.98
C ARG A 16 3.88 -1.99 6.46
N MET A 17 3.70 -0.99 5.62
CA MET A 17 2.81 0.11 5.95
C MET A 17 2.28 0.79 4.69
N GLU A 18 1.38 1.74 4.90
CA GLU A 18 0.81 2.48 3.79
C GLU A 18 1.74 3.60 3.34
N ALA A 19 1.72 3.86 2.05
CA ALA A 19 2.57 4.91 1.48
C ALA A 19 2.21 6.25 2.12
N ALA A 20 0.91 6.47 2.26
CA ALA A 20 0.43 7.71 2.85
C ALA A 20 1.26 8.04 4.08
N GLN A 21 1.61 7.00 4.82
CA GLN A 21 2.40 7.16 6.03
C GLN A 21 3.86 7.46 5.67
N ILE A 22 4.40 6.64 4.77
CA ILE A 22 5.77 6.80 4.34
C ILE A 22 5.97 8.22 3.80
N SER A 23 5.02 8.64 2.97
CA SER A 23 5.07 9.96 2.38
C SER A 23 5.14 11.03 3.48
N GLN A 24 4.24 10.88 4.45
CA GLN A 24 4.17 11.82 5.56
C GLN A 24 5.54 11.92 6.25
N THR A 25 6.14 10.76 6.47
CA THR A 25 7.44 10.70 7.11
C THR A 25 8.40 11.70 6.47
N LEU A 26 8.22 11.90 5.17
CA LEU A 26 9.05 12.82 4.42
C LEU A 26 8.19 13.97 3.90
N ASN A 27 7.18 14.32 4.67
CA ASN A 27 6.28 15.39 4.30
C ASN A 27 6.00 15.32 2.80
N THR A 28 6.04 14.10 2.28
CA THR A 28 5.81 13.87 0.86
C THR A 28 4.31 13.71 0.59
N PRO A 29 3.89 14.20 -0.61
CA PRO A 29 2.48 14.11 -0.99
C PRO A 29 2.11 12.69 -1.41
N GLN A 30 0.97 12.24 -0.91
CA GLN A 30 0.50 10.90 -1.22
C GLN A 30 0.80 10.55 -2.67
N PRO A 31 0.35 11.45 -3.59
CA PRO A 31 0.57 11.25 -5.01
C PRO A 31 2.03 11.53 -5.39
N MET A 32 2.92 10.87 -4.68
CA MET A 32 4.35 11.04 -4.93
C MET A 32 5.11 9.74 -4.66
N ILE A 33 4.78 9.12 -3.55
CA ILE A 33 5.42 7.87 -3.16
C ILE A 33 4.86 6.74 -4.02
N ASN A 34 3.58 6.84 -4.33
CA ASN A 34 2.93 5.83 -5.15
C ASN A 34 3.71 5.64 -6.44
N ALA A 35 4.18 6.75 -6.98
CA ALA A 35 4.96 6.71 -8.21
C ALA A 35 6.15 5.79 -8.03
N MET A 36 6.84 5.97 -6.92
CA MET A 36 8.01 5.16 -6.61
C MET A 36 7.62 3.69 -6.42
N LEU A 37 6.59 3.48 -5.61
CA LEU A 37 6.12 2.14 -5.34
C LEU A 37 5.77 1.45 -6.66
N GLN A 38 5.20 2.23 -7.56
CA GLN A 38 4.80 1.70 -8.86
C GLN A 38 6.04 1.23 -9.63
N GLN A 39 7.14 1.92 -9.42
CA GLN A 39 8.39 1.58 -10.09
C GLN A 39 9.01 0.33 -9.44
N LEU A 40 9.01 0.33 -8.12
CA LEU A 40 9.57 -0.79 -7.38
C LEU A 40 8.78 -2.06 -7.72
N GLU A 41 7.47 -1.89 -7.85
CA GLU A 41 6.61 -3.01 -8.16
C GLU A 41 7.03 -3.65 -9.49
N SER A 42 7.15 -2.80 -10.50
CA SER A 42 7.55 -3.26 -11.83
C SER A 42 8.85 -4.06 -11.72
N MET A 43 9.81 -3.50 -11.01
CA MET A 43 11.10 -4.15 -10.83
C MET A 43 10.94 -5.47 -10.08
N GLY A 44 10.26 -5.41 -8.96
CA GLY A 44 10.04 -6.59 -8.14
C GLY A 44 10.92 -6.57 -6.89
N LYS A 45 10.92 -5.42 -6.23
CA LYS A 45 11.72 -5.27 -5.02
C LYS A 45 10.82 -5.38 -3.80
N ALA A 46 9.80 -4.53 -3.77
CA ALA A 46 8.85 -4.52 -2.67
C ALA A 46 7.65 -5.41 -3.02
N VAL A 47 6.82 -5.64 -2.03
CA VAL A 47 5.63 -6.46 -2.22
C VAL A 47 4.39 -5.67 -1.80
N ARG A 48 3.26 -6.06 -2.36
CA ARG A 48 2.00 -5.41 -2.06
C ARG A 48 1.30 -6.10 -0.89
N ILE A 49 0.78 -5.29 0.01
CA ILE A 49 0.09 -5.81 1.18
C ILE A 49 -1.37 -5.34 1.17
N GLN A 50 -2.22 -6.14 1.78
CA GLN A 50 -3.64 -5.82 1.84
C GLN A 50 -4.09 -5.70 3.29
N GLU A 51 -5.09 -4.85 3.50
CA GLU A 51 -5.62 -4.65 4.84
C GLU A 51 -6.94 -5.41 5.01
N GLU A 52 -7.43 -5.42 6.24
CA GLU A 52 -8.67 -6.11 6.55
C GLU A 52 -9.68 -5.90 5.41
N PRO A 53 -9.81 -6.96 4.56
CA PRO A 53 -10.72 -6.92 3.44
C PRO A 53 -12.17 -7.08 3.91
N ASP A 54 -13.03 -7.42 2.96
CA ASP A 54 -14.44 -7.60 3.25
C ASP A 54 -14.83 -9.05 2.95
N GLY A 55 -15.95 -9.46 3.53
CA GLY A 55 -16.45 -10.81 3.33
C GLY A 55 -17.65 -11.10 4.24
N CYS A 56 -18.77 -11.40 3.60
CA CYS A 56 -19.99 -11.70 4.34
C CYS A 56 -19.99 -13.19 4.68
N LEU A 57 -20.87 -13.56 5.60
CA LEU A 57 -20.98 -14.93 6.03
C LEU A 57 -22.17 -15.59 5.31
N SER A 58 -21.86 -16.65 4.58
CA SER A 58 -22.88 -17.37 3.83
C SER A 58 -23.51 -16.46 2.79
N GLY A 59 -23.42 -16.89 1.54
CA GLY A 59 -23.98 -16.11 0.45
C GLY A 59 -23.07 -16.17 -0.78
N SER A 60 -23.70 -16.29 -1.95
CA SER A 60 -22.96 -16.36 -3.20
C SER A 60 -23.35 -15.18 -4.10
N CYS A 61 -22.33 -14.49 -4.57
CA CYS A 61 -22.55 -13.35 -5.45
C CYS A 61 -23.00 -13.87 -6.82
N LYS A 62 -22.08 -14.54 -7.50
CA LYS A 62 -22.37 -15.08 -8.81
C LYS A 62 -21.21 -15.99 -9.24
N SER A 63 -20.05 -15.38 -9.38
CA SER A 63 -18.87 -16.11 -9.80
C SER A 63 -17.60 -15.35 -9.38
N CYS A 64 -17.50 -14.12 -9.88
CA CYS A 64 -16.36 -13.28 -9.57
C CYS A 64 -16.89 -11.90 -9.16
N PRO A 65 -16.03 -11.17 -8.39
CA PRO A 65 -16.39 -9.84 -7.92
C PRO A 65 -16.29 -8.82 -9.05
N GLU A 66 -16.24 -7.55 -8.67
CA GLU A 66 -16.14 -6.48 -9.63
C GLU A 66 -14.85 -5.68 -9.41
N GLY A 67 -14.92 -4.39 -9.74
CA GLY A 67 -13.77 -3.52 -9.59
C GLY A 67 -13.91 -2.66 -8.32
N LYS A 68 -14.20 -1.39 -8.55
CA LYS A 68 -14.36 -0.45 -7.45
C LYS A 68 -13.03 -0.31 -6.71
N ALA A 69 -12.82 0.88 -6.15
CA ALA A 69 -11.60 1.15 -5.42
C ALA A 69 -11.24 -0.07 -4.56
N CYS A 70 -9.95 -0.35 -4.52
CA CYS A 70 -9.45 -1.49 -3.73
C CYS A 70 -9.14 -0.99 -2.32
N LEU A 71 -9.11 -1.94 -1.39
CA LEU A 71 -8.81 -1.62 -0.01
C LEU A 71 -7.46 -0.92 0.07
N ARG A 72 -7.25 -0.24 1.19
CA ARG A 72 -6.00 0.47 1.41
C ARG A 72 -4.82 -0.50 1.39
N GLU A 73 -4.30 -0.74 0.19
CA GLU A 73 -3.18 -1.64 0.02
C GLU A 73 -1.93 -1.07 0.69
N TRP A 74 -1.23 -1.95 1.38
CA TRP A 74 -0.02 -1.55 2.08
C TRP A 74 1.19 -1.98 1.22
N TRP A 75 2.36 -1.50 1.61
CA TRP A 75 3.57 -1.82 0.89
C TRP A 75 4.64 -2.20 1.92
N ALA A 76 5.52 -3.11 1.50
CA ALA A 76 6.59 -3.57 2.37
C ALA A 76 7.74 -4.09 1.52
N LEU A 77 8.85 -4.40 2.20
CA LEU A 77 10.03 -4.90 1.51
C LEU A 77 9.92 -6.41 1.37
N ARG A 78 10.63 -6.93 0.37
CA ARG A 78 10.62 -8.37 0.12
C ARG A 78 11.63 -9.07 1.03
N MET A 1 14.01 16.39 2.59
CA MET A 1 14.61 15.09 2.30
C MET A 1 13.58 14.14 1.69
N ALA A 2 14.00 13.44 0.65
CA ALA A 2 13.13 12.50 -0.02
C ALA A 2 13.95 11.63 -0.98
N SER A 3 13.74 10.34 -0.89
CA SER A 3 14.46 9.40 -1.74
C SER A 3 13.95 7.97 -1.49
N LEU A 4 14.25 7.10 -2.44
CA LEU A 4 13.84 5.71 -2.33
C LEU A 4 14.36 5.11 -1.03
N ILE A 5 15.60 5.44 -0.72
CA ILE A 5 16.23 4.95 0.49
C ILE A 5 15.38 5.36 1.70
N GLN A 6 14.90 6.59 1.66
CA GLN A 6 14.07 7.11 2.73
C GLN A 6 12.84 6.23 2.93
N VAL A 7 12.12 6.02 1.83
CA VAL A 7 10.93 5.20 1.88
C VAL A 7 11.31 3.75 2.18
N ARG A 8 12.31 3.28 1.45
CA ARG A 8 12.78 1.92 1.63
C ARG A 8 13.16 1.68 3.09
N ASP A 9 13.95 2.59 3.63
CA ASP A 9 14.39 2.48 5.01
C ASP A 9 13.17 2.40 5.92
N LEU A 10 12.25 3.34 5.73
CA LEU A 10 11.04 3.38 6.53
C LEU A 10 10.25 2.09 6.30
N LEU A 11 10.03 1.78 5.02
CA LEU A 11 9.29 0.59 4.66
C LEU A 11 9.89 -0.63 5.38
N ALA A 12 11.18 -0.53 5.64
CA ALA A 12 11.89 -1.61 6.32
C ALA A 12 11.76 -1.42 7.84
N LEU A 13 12.22 -0.26 8.29
CA LEU A 13 12.16 0.05 9.71
C LEU A 13 10.72 -0.13 10.21
N ARG A 14 9.83 0.64 9.62
CA ARG A 14 8.42 0.57 10.00
C ARG A 14 7.77 -0.67 9.39
N GLY A 15 8.52 -1.33 8.52
CA GLY A 15 8.03 -2.54 7.88
C GLY A 15 6.85 -2.23 6.96
N ARG A 16 6.03 -3.23 6.73
CA ARG A 16 4.86 -3.08 5.89
C ARG A 16 3.90 -2.05 6.47
N MET A 17 3.69 -0.97 5.74
CA MET A 17 2.81 0.08 6.18
C MET A 17 2.17 0.80 4.99
N GLU A 18 1.27 1.72 5.30
CA GLU A 18 0.59 2.49 4.26
C GLU A 18 1.55 3.49 3.63
N ALA A 19 1.43 3.63 2.32
CA ALA A 19 2.28 4.56 1.58
C ALA A 19 2.12 5.96 2.16
N ALA A 20 0.88 6.37 2.33
CA ALA A 20 0.57 7.68 2.88
C ALA A 20 1.49 7.94 4.08
N GLN A 21 1.68 6.90 4.88
CA GLN A 21 2.53 7.00 6.05
C GLN A 21 3.98 7.25 5.65
N ILE A 22 4.41 6.51 4.63
CA ILE A 22 5.78 6.65 4.14
C ILE A 22 5.99 8.08 3.64
N SER A 23 5.08 8.51 2.77
CA SER A 23 5.17 9.85 2.21
C SER A 23 5.21 10.89 3.33
N GLN A 24 4.34 10.70 4.31
CA GLN A 24 4.27 11.61 5.43
C GLN A 24 5.65 11.74 6.10
N THR A 25 6.28 10.59 6.28
CA THR A 25 7.60 10.56 6.90
C THR A 25 8.48 11.67 6.33
N LEU A 26 8.32 11.90 5.03
CA LEU A 26 9.10 12.92 4.34
C LEU A 26 8.15 14.02 3.86
N ASN A 27 7.14 14.30 4.66
CA ASN A 27 6.16 15.33 4.32
C ASN A 27 5.86 15.26 2.82
N THR A 28 5.96 14.05 2.29
CA THR A 28 5.70 13.84 0.87
C THR A 28 4.20 13.66 0.62
N PRO A 29 3.76 14.16 -0.57
CA PRO A 29 2.35 14.06 -0.93
C PRO A 29 1.99 12.63 -1.35
N GLN A 30 0.86 12.17 -0.81
CA GLN A 30 0.39 10.83 -1.12
C GLN A 30 0.66 10.48 -2.57
N PRO A 31 0.19 11.39 -3.48
CA PRO A 31 0.39 11.19 -4.91
C PRO A 31 1.83 11.48 -5.31
N MET A 32 2.75 10.83 -4.62
CA MET A 32 4.16 11.01 -4.90
C MET A 32 4.94 9.70 -4.66
N ILE A 33 4.62 9.06 -3.55
CA ILE A 33 5.28 7.81 -3.19
C ILE A 33 4.72 6.68 -4.06
N ASN A 34 3.43 6.80 -4.35
CA ASN A 34 2.77 5.80 -5.16
C ASN A 34 3.55 5.59 -6.47
N ALA A 35 4.12 6.69 -6.94
CA ALA A 35 4.89 6.65 -8.18
C ALA A 35 6.15 5.80 -7.95
N MET A 36 6.82 6.09 -6.85
CA MET A 36 8.03 5.37 -6.51
C MET A 36 7.76 3.88 -6.30
N LEU A 37 6.76 3.61 -5.47
CA LEU A 37 6.37 2.24 -5.18
C LEU A 37 6.11 1.50 -6.49
N GLN A 38 5.43 2.19 -7.40
CA GLN A 38 5.10 1.61 -8.69
C GLN A 38 6.38 1.17 -9.41
N GLN A 39 7.44 1.92 -9.18
CA GLN A 39 8.72 1.62 -9.80
C GLN A 39 9.31 0.35 -9.19
N LEU A 40 9.28 0.29 -7.87
CA LEU A 40 9.81 -0.86 -7.15
C LEU A 40 9.06 -2.12 -7.58
N GLU A 41 7.74 -1.97 -7.69
CA GLU A 41 6.90 -3.09 -8.10
C GLU A 41 7.40 -3.67 -9.43
N SER A 42 7.59 -2.78 -10.39
CA SER A 42 8.06 -3.19 -11.70
C SER A 42 9.35 -4.01 -11.57
N MET A 43 10.25 -3.50 -10.74
CA MET A 43 11.51 -4.18 -10.51
C MET A 43 11.32 -5.48 -9.73
N GLY A 44 10.53 -5.37 -8.68
CA GLY A 44 10.25 -6.53 -7.84
C GLY A 44 11.03 -6.46 -6.53
N LYS A 45 11.00 -5.28 -5.92
CA LYS A 45 11.70 -5.07 -4.66
C LYS A 45 10.69 -5.10 -3.51
N ALA A 46 9.67 -4.28 -3.65
CA ALA A 46 8.62 -4.20 -2.63
C ALA A 46 7.45 -5.09 -3.03
N VAL A 47 6.53 -5.26 -2.10
CA VAL A 47 5.35 -6.09 -2.35
C VAL A 47 4.11 -5.34 -1.86
N ARG A 48 2.97 -5.73 -2.42
CA ARG A 48 1.71 -5.12 -2.05
C ARG A 48 1.05 -5.89 -0.90
N ILE A 49 0.50 -5.14 0.04
CA ILE A 49 -0.15 -5.74 1.19
C ILE A 49 -1.61 -5.28 1.23
N GLN A 50 -2.46 -6.17 1.72
CA GLN A 50 -3.88 -5.89 1.82
C GLN A 50 -4.28 -5.71 3.29
N GLU A 51 -5.33 -4.91 3.48
CA GLU A 51 -5.82 -4.66 4.82
C GLU A 51 -7.22 -5.26 5.00
N GLU A 52 -7.67 -5.28 6.25
CA GLU A 52 -8.97 -5.83 6.56
C GLU A 52 -9.99 -5.43 5.48
N PRO A 53 -10.50 -6.48 4.77
CA PRO A 53 -11.48 -6.25 3.72
C PRO A 53 -12.85 -5.92 4.29
N ASP A 54 -13.87 -6.06 3.45
CA ASP A 54 -15.23 -5.78 3.87
C ASP A 54 -16.04 -7.08 3.84
N GLY A 55 -17.21 -7.01 4.46
CA GLY A 55 -18.09 -8.17 4.50
C GLY A 55 -19.35 -7.94 3.66
N CYS A 56 -19.19 -8.14 2.36
CA CYS A 56 -20.30 -7.96 1.44
C CYS A 56 -20.44 -9.23 0.60
N LEU A 57 -21.35 -9.17 -0.36
CA LEU A 57 -21.59 -10.30 -1.24
C LEU A 57 -22.33 -9.83 -2.49
N SER A 58 -22.08 -10.52 -3.58
CA SER A 58 -22.72 -10.18 -4.85
C SER A 58 -22.66 -11.38 -5.80
N GLY A 59 -21.44 -11.84 -6.04
CA GLY A 59 -21.22 -12.97 -6.94
C GLY A 59 -21.79 -12.68 -8.33
N SER A 60 -20.89 -12.63 -9.29
CA SER A 60 -21.28 -12.37 -10.67
C SER A 60 -20.08 -12.57 -11.60
N CYS A 61 -20.37 -12.52 -12.90
CA CYS A 61 -19.34 -12.69 -13.90
C CYS A 61 -19.67 -11.81 -15.10
N LYS A 62 -18.66 -11.59 -15.94
CA LYS A 62 -18.83 -10.77 -17.11
C LYS A 62 -19.01 -9.31 -16.69
N SER A 63 -20.16 -9.03 -16.09
CA SER A 63 -20.46 -7.68 -15.63
C SER A 63 -19.24 -7.09 -14.91
N CYS A 64 -18.86 -5.90 -15.34
CA CYS A 64 -17.72 -5.22 -14.75
C CYS A 64 -17.67 -3.80 -15.30
N PRO A 65 -18.18 -2.84 -14.48
CA PRO A 65 -18.20 -1.44 -14.88
C PRO A 65 -16.80 -0.83 -14.78
N GLU A 66 -16.77 0.50 -14.76
CA GLU A 66 -15.51 1.22 -14.66
C GLU A 66 -15.50 2.12 -13.42
N GLY A 67 -14.75 1.68 -12.42
CA GLY A 67 -14.65 2.43 -11.18
C GLY A 67 -14.52 1.49 -9.98
N LYS A 68 -13.37 0.83 -9.90
CA LYS A 68 -13.12 -0.09 -8.82
C LYS A 68 -12.51 0.67 -7.63
N ALA A 69 -12.30 -0.06 -6.55
CA ALA A 69 -11.73 0.54 -5.35
C ALA A 69 -11.43 -0.57 -4.33
N CYS A 70 -10.16 -0.91 -4.23
CA CYS A 70 -9.73 -1.94 -3.30
C CYS A 70 -9.32 -1.27 -1.99
N LEU A 71 -9.26 -2.08 -0.94
CA LEU A 71 -8.88 -1.58 0.37
C LEU A 71 -7.51 -0.91 0.28
N ARG A 72 -7.21 -0.08 1.28
CA ARG A 72 -5.94 0.63 1.32
C ARG A 72 -4.78 -0.38 1.43
N GLU A 73 -4.34 -0.84 0.27
CA GLU A 73 -3.24 -1.79 0.23
C GLU A 73 -1.97 -1.16 0.79
N TRP A 74 -1.32 -1.90 1.68
CA TRP A 74 -0.09 -1.44 2.30
C TRP A 74 1.09 -1.87 1.42
N TRP A 75 2.23 -1.26 1.67
CA TRP A 75 3.43 -1.58 0.91
C TRP A 75 4.49 -2.06 1.89
N ALA A 76 5.37 -2.93 1.40
CA ALA A 76 6.44 -3.47 2.22
C ALA A 76 7.61 -3.87 1.32
N LEU A 77 8.70 -4.26 1.97
CA LEU A 77 9.90 -4.68 1.25
C LEU A 77 9.93 -6.21 1.15
N ARG A 78 10.63 -6.69 0.13
CA ARG A 78 10.75 -8.12 -0.08
C ARG A 78 11.99 -8.66 0.63
N MET A 1 17.74 15.52 0.43
CA MET A 1 16.43 15.42 -0.19
C MET A 1 15.85 14.01 -0.03
N ALA A 2 14.61 13.87 -0.44
CA ALA A 2 13.92 12.59 -0.35
C ALA A 2 14.74 11.53 -1.10
N SER A 3 14.13 10.37 -1.27
CA SER A 3 14.78 9.27 -1.97
C SER A 3 14.08 7.95 -1.65
N LEU A 4 14.39 6.95 -2.46
CA LEU A 4 13.80 5.63 -2.26
C LEU A 4 14.31 5.04 -0.95
N ILE A 5 15.59 5.23 -0.70
CA ILE A 5 16.19 4.71 0.52
C ILE A 5 15.35 5.12 1.72
N GLN A 6 14.84 6.34 1.66
CA GLN A 6 14.01 6.86 2.74
C GLN A 6 12.79 5.96 2.95
N VAL A 7 12.15 5.62 1.83
CA VAL A 7 10.97 4.78 1.87
C VAL A 7 11.39 3.34 2.18
N ARG A 8 12.40 2.88 1.46
CA ARG A 8 12.91 1.53 1.65
C ARG A 8 13.26 1.30 3.12
N ASP A 9 13.86 2.30 3.72
CA ASP A 9 14.26 2.23 5.12
C ASP A 9 13.00 2.23 5.99
N LEU A 10 12.14 3.19 5.74
CA LEU A 10 10.90 3.31 6.49
C LEU A 10 10.10 2.02 6.35
N LEU A 11 9.92 1.61 5.11
CA LEU A 11 9.17 0.39 4.82
C LEU A 11 9.79 -0.78 5.60
N ALA A 12 11.07 -0.63 5.89
CA ALA A 12 11.79 -1.66 6.62
C ALA A 12 11.62 -1.44 8.12
N LEU A 13 12.04 -0.26 8.57
CA LEU A 13 11.93 0.08 9.97
C LEU A 13 10.47 -0.01 10.41
N ARG A 14 9.63 0.77 9.75
CA ARG A 14 8.21 0.79 10.06
C ARG A 14 7.54 -0.48 9.52
N GLY A 15 8.30 -1.21 8.72
CA GLY A 15 7.79 -2.45 8.14
C GLY A 15 6.67 -2.16 7.13
N ARG A 16 5.72 -3.09 7.07
CA ARG A 16 4.61 -2.94 6.15
C ARG A 16 3.71 -1.77 6.59
N MET A 17 3.57 -0.82 5.68
CA MET A 17 2.75 0.35 5.96
C MET A 17 2.22 0.96 4.66
N GLU A 18 1.38 1.97 4.82
CA GLU A 18 0.80 2.65 3.67
C GLU A 18 1.70 3.81 3.23
N ALA A 19 1.46 4.27 2.01
CA ALA A 19 2.24 5.35 1.45
C ALA A 19 1.92 6.64 2.23
N ALA A 20 0.65 6.79 2.56
CA ALA A 20 0.21 7.97 3.29
C ALA A 20 1.18 8.24 4.45
N GLN A 21 1.62 7.15 5.07
CA GLN A 21 2.55 7.26 6.19
C GLN A 21 3.96 7.55 5.69
N ILE A 22 4.40 6.75 4.74
CA ILE A 22 5.73 6.92 4.18
C ILE A 22 5.88 8.36 3.69
N SER A 23 4.87 8.82 2.96
CA SER A 23 4.88 10.17 2.43
C SER A 23 5.10 11.18 3.57
N GLN A 24 4.35 10.97 4.65
CA GLN A 24 4.44 11.84 5.80
C GLN A 24 5.89 11.88 6.33
N THR A 25 6.47 10.70 6.43
CA THR A 25 7.83 10.58 6.91
C THR A 25 8.73 11.62 6.23
N LEU A 26 8.50 11.80 4.94
CA LEU A 26 9.27 12.76 4.18
C LEU A 26 8.38 13.95 3.80
N ASN A 27 7.34 14.15 4.60
CA ASN A 27 6.41 15.24 4.35
C ASN A 27 6.20 15.39 2.84
N THR A 28 6.25 14.27 2.16
CA THR A 28 6.05 14.26 0.71
C THR A 28 4.57 14.17 0.37
N PRO A 29 4.25 14.53 -0.90
CA PRO A 29 2.87 14.49 -1.37
C PRO A 29 2.42 13.05 -1.63
N GLN A 30 1.21 12.75 -1.17
CA GLN A 30 0.66 11.41 -1.34
C GLN A 30 0.90 10.92 -2.77
N PRO A 31 0.51 11.78 -3.75
CA PRO A 31 0.67 11.44 -5.15
C PRO A 31 2.14 11.57 -5.57
N MET A 32 3.00 10.91 -4.83
CA MET A 32 4.42 10.94 -5.12
C MET A 32 5.07 9.59 -4.83
N ILE A 33 4.78 9.06 -3.65
CA ILE A 33 5.33 7.78 -3.24
C ILE A 33 4.66 6.67 -4.04
N ASN A 34 3.39 6.90 -4.37
CA ASN A 34 2.64 5.92 -5.14
C ASN A 34 3.35 5.64 -6.45
N ALA A 35 3.93 6.70 -7.02
CA ALA A 35 4.65 6.58 -8.27
C ALA A 35 5.91 5.76 -8.05
N MET A 36 6.63 6.11 -6.99
CA MET A 36 7.86 5.41 -6.66
C MET A 36 7.59 3.94 -6.35
N LEU A 37 6.63 3.72 -5.46
CA LEU A 37 6.27 2.37 -5.07
C LEU A 37 5.96 1.54 -6.32
N GLN A 38 5.27 2.18 -7.25
CA GLN A 38 4.90 1.53 -8.50
C GLN A 38 6.15 1.06 -9.24
N GLN A 39 7.15 1.92 -9.26
CA GLN A 39 8.40 1.61 -9.93
C GLN A 39 9.02 0.36 -9.33
N LEU A 40 9.16 0.37 -8.01
CA LEU A 40 9.74 -0.76 -7.31
C LEU A 40 9.00 -2.04 -7.72
N GLU A 41 7.68 -1.94 -7.74
CA GLU A 41 6.85 -3.07 -8.11
C GLU A 41 7.27 -3.63 -9.46
N SER A 42 7.32 -2.75 -10.44
CA SER A 42 7.72 -3.14 -11.78
C SER A 42 9.07 -3.85 -11.75
N MET A 43 10.00 -3.25 -11.01
CA MET A 43 11.33 -3.83 -10.88
C MET A 43 11.30 -5.15 -10.13
N GLY A 44 10.59 -5.15 -9.01
CA GLY A 44 10.46 -6.35 -8.19
C GLY A 44 11.32 -6.23 -6.93
N LYS A 45 11.25 -5.06 -6.31
CA LYS A 45 12.01 -4.81 -5.10
C LYS A 45 11.08 -4.94 -3.88
N ALA A 46 10.00 -4.18 -3.92
CA ALA A 46 9.03 -4.19 -2.84
C ALA A 46 7.90 -5.17 -3.19
N VAL A 47 7.02 -5.36 -2.23
CA VAL A 47 5.89 -6.27 -2.41
C VAL A 47 4.61 -5.59 -1.92
N ARG A 48 3.49 -6.06 -2.43
CA ARG A 48 2.20 -5.52 -2.05
C ARG A 48 1.68 -6.20 -0.78
N ILE A 49 1.11 -5.39 0.10
CA ILE A 49 0.58 -5.91 1.35
C ILE A 49 -0.94 -5.68 1.39
N GLN A 50 -1.63 -6.56 2.08
CA GLN A 50 -3.07 -6.47 2.21
C GLN A 50 -3.45 -6.04 3.62
N GLU A 51 -4.68 -5.54 3.75
CA GLU A 51 -5.18 -5.10 5.04
C GLU A 51 -6.35 -5.98 5.49
N GLU A 52 -6.77 -5.76 6.72
CA GLU A 52 -7.86 -6.52 7.29
C GLU A 52 -9.01 -6.64 6.27
N PRO A 53 -9.10 -7.84 5.65
CA PRO A 53 -10.15 -8.09 4.66
C PRO A 53 -11.50 -8.28 5.33
N ASP A 54 -12.42 -8.87 4.58
CA ASP A 54 -13.76 -9.12 5.09
C ASP A 54 -14.41 -7.80 5.47
N GLY A 55 -15.73 -7.79 5.42
CA GLY A 55 -16.49 -6.59 5.77
C GLY A 55 -17.98 -6.78 5.47
N CYS A 56 -18.75 -6.88 6.55
CA CYS A 56 -20.19 -7.06 6.43
C CYS A 56 -20.45 -8.42 5.76
N LEU A 57 -21.69 -8.87 5.88
CA LEU A 57 -22.06 -10.15 5.30
C LEU A 57 -22.21 -10.00 3.78
N SER A 58 -22.16 -11.13 3.09
CA SER A 58 -22.29 -11.13 1.65
C SER A 58 -23.73 -10.81 1.24
N GLY A 59 -24.64 -11.64 1.74
CA GLY A 59 -26.05 -11.46 1.44
C GLY A 59 -26.28 -11.43 -0.08
N SER A 60 -26.24 -12.60 -0.68
CA SER A 60 -26.45 -12.72 -2.11
C SER A 60 -27.93 -12.98 -2.40
N CYS A 61 -28.35 -12.52 -3.56
CA CYS A 61 -29.74 -12.70 -3.98
C CYS A 61 -29.93 -11.97 -5.32
N LYS A 62 -29.36 -12.55 -6.36
CA LYS A 62 -29.46 -11.99 -7.69
C LYS A 62 -28.77 -10.63 -7.70
N SER A 63 -28.55 -10.11 -8.92
CA SER A 63 -27.91 -8.83 -9.08
C SER A 63 -28.67 -7.75 -8.31
N CYS A 64 -27.94 -6.70 -7.95
CA CYS A 64 -28.53 -5.60 -7.21
C CYS A 64 -27.41 -4.66 -6.76
N PRO A 65 -26.43 -5.25 -6.03
CA PRO A 65 -25.30 -4.48 -5.53
C PRO A 65 -24.31 -4.17 -6.66
N GLU A 66 -23.10 -3.80 -6.26
CA GLU A 66 -22.07 -3.49 -7.23
C GLU A 66 -20.75 -4.16 -6.83
N GLY A 67 -19.66 -3.58 -7.31
CA GLY A 67 -18.34 -4.13 -7.02
C GLY A 67 -17.42 -3.04 -6.46
N LYS A 68 -17.33 -3.01 -5.14
CA LYS A 68 -16.49 -2.03 -4.46
C LYS A 68 -15.02 -2.32 -4.78
N ALA A 69 -14.16 -1.46 -4.28
CA ALA A 69 -12.73 -1.61 -4.50
C ALA A 69 -12.16 -2.59 -3.47
N CYS A 70 -10.86 -2.81 -3.55
CA CYS A 70 -10.20 -3.71 -2.64
C CYS A 70 -9.75 -2.92 -1.41
N LEU A 71 -9.51 -3.66 -0.33
CA LEU A 71 -9.09 -3.04 0.91
C LEU A 71 -7.85 -2.19 0.66
N ARG A 72 -7.60 -1.28 1.58
CA ARG A 72 -6.44 -0.39 1.47
C ARG A 72 -5.15 -1.21 1.50
N GLU A 73 -4.70 -1.60 0.32
CA GLU A 73 -3.48 -2.37 0.20
C GLU A 73 -2.29 -1.59 0.77
N TRP A 74 -1.43 -2.31 1.47
CA TRP A 74 -0.26 -1.70 2.07
C TRP A 74 0.96 -2.08 1.22
N TRP A 75 2.09 -1.45 1.54
CA TRP A 75 3.32 -1.71 0.82
C TRP A 75 4.38 -2.15 1.83
N ALA A 76 5.28 -3.00 1.37
CA ALA A 76 6.34 -3.50 2.22
C ALA A 76 7.52 -3.94 1.34
N LEU A 77 8.59 -4.35 2.02
CA LEU A 77 9.79 -4.79 1.32
C LEU A 77 9.75 -6.30 1.15
N ARG A 78 10.58 -6.80 0.25
CA ARG A 78 10.64 -8.23 -0.02
C ARG A 78 11.42 -8.93 1.09
N MET A 1 13.15 15.41 -4.93
CA MET A 1 13.33 16.05 -3.63
C MET A 1 13.65 15.01 -2.56
N ALA A 2 12.81 13.99 -2.50
CA ALA A 2 12.98 12.94 -1.52
C ALA A 2 13.84 11.82 -2.12
N SER A 3 14.15 10.83 -1.30
CA SER A 3 14.96 9.71 -1.74
C SER A 3 14.20 8.40 -1.53
N LEU A 4 14.61 7.38 -2.28
CA LEU A 4 13.97 6.08 -2.17
C LEU A 4 14.43 5.40 -0.88
N ILE A 5 15.70 5.61 -0.56
CA ILE A 5 16.26 5.02 0.65
C ILE A 5 15.38 5.38 1.85
N GLN A 6 14.84 6.59 1.81
CA GLN A 6 13.97 7.06 2.88
C GLN A 6 12.77 6.12 3.04
N VAL A 7 12.08 5.89 1.94
CA VAL A 7 10.92 5.02 1.95
C VAL A 7 11.37 3.59 2.23
N ARG A 8 12.39 3.16 1.51
CA ARG A 8 12.92 1.81 1.68
C ARG A 8 13.26 1.56 3.15
N ASP A 9 13.94 2.53 3.75
CA ASP A 9 14.33 2.42 5.15
C ASP A 9 13.07 2.32 6.02
N LEU A 10 12.15 3.26 5.79
CA LEU A 10 10.92 3.29 6.54
C LEU A 10 10.16 1.97 6.32
N LEU A 11 10.05 1.59 5.06
CA LEU A 11 9.36 0.36 4.72
C LEU A 11 10.00 -0.81 5.48
N ALA A 12 11.28 -0.64 5.79
CA ALA A 12 12.00 -1.67 6.52
C ALA A 12 11.80 -1.47 8.02
N LEU A 13 12.20 -0.29 8.49
CA LEU A 13 12.07 0.03 9.90
C LEU A 13 10.61 -0.17 10.33
N ARG A 14 9.73 0.55 9.66
CA ARG A 14 8.30 0.46 9.96
C ARG A 14 7.68 -0.75 9.25
N GLY A 15 8.56 -1.56 8.65
CA GLY A 15 8.11 -2.74 7.95
C GLY A 15 7.00 -2.39 6.95
N ARG A 16 6.02 -3.29 6.87
CA ARG A 16 4.89 -3.10 5.98
C ARG A 16 3.98 -2.00 6.51
N MET A 17 3.79 -0.97 5.69
CA MET A 17 2.94 0.14 6.05
C MET A 17 2.29 0.76 4.82
N GLU A 18 1.41 1.73 5.08
CA GLU A 18 0.71 2.40 4.00
C GLU A 18 1.59 3.50 3.40
N ALA A 19 1.24 3.88 2.17
CA ALA A 19 1.99 4.91 1.47
C ALA A 19 1.77 6.26 2.18
N ALA A 20 0.54 6.47 2.60
CA ALA A 20 0.20 7.71 3.28
C ALA A 20 1.19 7.96 4.41
N GLN A 21 1.56 6.88 5.09
CA GLN A 21 2.50 6.97 6.20
C GLN A 21 3.89 7.31 5.67
N ILE A 22 4.25 6.67 4.56
CA ILE A 22 5.55 6.90 3.95
C ILE A 22 5.68 8.37 3.58
N SER A 23 4.64 8.88 2.93
CA SER A 23 4.63 10.27 2.50
C SER A 23 4.76 11.19 3.72
N GLN A 24 4.07 10.80 4.79
CA GLN A 24 4.10 11.57 6.01
C GLN A 24 5.53 11.67 6.56
N THR A 25 6.22 10.53 6.53
CA THR A 25 7.59 10.48 7.01
C THR A 25 8.41 11.62 6.41
N LEU A 26 8.25 11.80 5.11
CA LEU A 26 8.97 12.85 4.40
C LEU A 26 7.99 13.95 4.01
N ASN A 27 6.87 14.01 4.73
CA ASN A 27 5.86 15.01 4.47
C ASN A 27 5.73 15.22 2.96
N THR A 28 5.98 14.14 2.21
CA THR A 28 5.90 14.19 0.77
C THR A 28 4.44 14.11 0.31
N PRO A 29 4.22 14.51 -0.97
CA PRO A 29 2.88 14.48 -1.54
C PRO A 29 2.45 13.06 -1.87
N GLN A 30 1.22 12.74 -1.50
CA GLN A 30 0.67 11.42 -1.75
C GLN A 30 1.02 10.96 -3.17
N PRO A 31 0.69 11.85 -4.15
CA PRO A 31 0.97 11.55 -5.55
C PRO A 31 2.45 11.70 -5.86
N MET A 32 3.26 11.00 -5.08
CA MET A 32 4.70 11.05 -5.27
C MET A 32 5.34 9.70 -4.93
N ILE A 33 4.95 9.17 -3.78
CA ILE A 33 5.48 7.89 -3.34
C ILE A 33 4.85 6.77 -4.17
N ASN A 34 3.58 6.96 -4.52
CA ASN A 34 2.86 5.98 -5.30
C ASN A 34 3.66 5.68 -6.57
N ALA A 35 4.27 6.71 -7.11
CA ALA A 35 5.07 6.57 -8.32
C ALA A 35 6.26 5.64 -8.05
N MET A 36 6.93 5.90 -6.94
CA MET A 36 8.08 5.10 -6.55
C MET A 36 7.67 3.65 -6.26
N LEU A 37 6.62 3.52 -5.45
CA LEU A 37 6.12 2.21 -5.08
C LEU A 37 5.82 1.41 -6.36
N GLN A 38 5.30 2.12 -7.35
CA GLN A 38 4.97 1.49 -8.62
C GLN A 38 6.23 0.97 -9.30
N GLN A 39 7.24 1.83 -9.34
CA GLN A 39 8.51 1.47 -9.96
C GLN A 39 9.09 0.23 -9.29
N LEU A 40 9.13 0.27 -7.97
CA LEU A 40 9.66 -0.84 -7.20
C LEU A 40 8.89 -2.12 -7.55
N GLU A 41 7.57 -1.98 -7.56
CA GLU A 41 6.71 -3.11 -7.88
C GLU A 41 7.04 -3.65 -9.27
N SER A 42 7.05 -2.74 -10.24
CA SER A 42 7.35 -3.11 -11.61
C SER A 42 8.68 -3.87 -11.68
N MET A 43 9.68 -3.29 -11.04
CA MET A 43 11.00 -3.89 -11.01
C MET A 43 10.99 -5.21 -10.24
N GLY A 44 10.28 -5.19 -9.12
CA GLY A 44 10.18 -6.37 -8.27
C GLY A 44 11.05 -6.23 -7.01
N LYS A 45 10.96 -5.06 -6.40
CA LYS A 45 11.73 -4.79 -5.20
C LYS A 45 10.83 -4.96 -3.97
N ALA A 46 9.81 -4.12 -3.91
CA ALA A 46 8.87 -4.17 -2.80
C ALA A 46 7.71 -5.11 -3.15
N VAL A 47 6.84 -5.32 -2.18
CA VAL A 47 5.69 -6.19 -2.37
C VAL A 47 4.44 -5.48 -1.87
N ARG A 48 3.30 -5.89 -2.42
CA ARG A 48 2.03 -5.31 -2.03
C ARG A 48 1.47 -6.02 -0.79
N ILE A 49 0.92 -5.23 0.11
CA ILE A 49 0.35 -5.77 1.34
C ILE A 49 -1.15 -5.46 1.38
N GLN A 50 -1.87 -6.34 2.07
CA GLN A 50 -3.31 -6.17 2.19
C GLN A 50 -3.70 -5.98 3.66
N GLU A 51 -4.81 -5.28 3.86
CA GLU A 51 -5.31 -5.01 5.20
C GLU A 51 -6.49 -5.93 5.51
N GLU A 52 -6.85 -5.94 6.79
CA GLU A 52 -7.97 -6.76 7.24
C GLU A 52 -9.26 -6.35 6.52
N PRO A 53 -9.90 -7.35 5.87
CA PRO A 53 -11.14 -7.11 5.14
C PRO A 53 -12.31 -6.94 6.11
N ASP A 54 -13.51 -7.07 5.57
CA ASP A 54 -14.72 -6.93 6.36
C ASP A 54 -14.92 -8.20 7.20
N GLY A 55 -15.76 -8.08 8.21
CA GLY A 55 -16.05 -9.20 9.08
C GLY A 55 -17.16 -8.85 10.09
N CYS A 56 -18.37 -8.77 9.57
CA CYS A 56 -19.51 -8.44 10.40
C CYS A 56 -20.70 -9.29 9.95
N LEU A 57 -21.65 -9.45 10.86
CA LEU A 57 -22.84 -10.23 10.57
C LEU A 57 -23.85 -9.36 9.83
N SER A 58 -24.11 -9.72 8.58
CA SER A 58 -25.05 -8.99 7.76
C SER A 58 -26.27 -9.86 7.45
N GLY A 59 -27.43 -9.20 7.40
CA GLY A 59 -28.67 -9.91 7.12
C GLY A 59 -29.85 -8.94 7.11
N SER A 60 -30.10 -8.38 5.93
CA SER A 60 -31.20 -7.43 5.77
C SER A 60 -31.66 -7.43 4.31
N CYS A 61 -32.85 -6.88 4.11
CA CYS A 61 -33.42 -6.80 2.77
C CYS A 61 -33.34 -5.35 2.30
N LYS A 62 -32.32 -5.07 1.51
CA LYS A 62 -32.12 -3.74 0.98
C LYS A 62 -31.91 -2.76 2.14
N SER A 63 -30.69 -2.25 2.24
CA SER A 63 -30.35 -1.31 3.29
C SER A 63 -28.88 -0.94 3.20
N CYS A 64 -28.03 -1.95 3.25
CA CYS A 64 -26.60 -1.74 3.18
C CYS A 64 -26.32 -0.74 2.06
N PRO A 65 -25.30 0.13 2.31
CA PRO A 65 -24.91 1.14 1.33
C PRO A 65 -24.16 0.52 0.16
N GLU A 66 -23.46 1.37 -0.58
CA GLU A 66 -22.69 0.92 -1.72
C GLU A 66 -21.23 1.34 -1.57
N GLY A 67 -20.59 1.57 -2.72
CA GLY A 67 -19.20 1.97 -2.73
C GLY A 67 -18.31 0.85 -3.28
N LYS A 68 -17.57 1.18 -4.32
CA LYS A 68 -16.68 0.22 -4.94
C LYS A 68 -15.22 0.66 -4.72
N ALA A 69 -14.51 -0.13 -3.94
CA ALA A 69 -13.12 0.16 -3.64
C ALA A 69 -12.53 -0.98 -2.82
N CYS A 70 -11.30 -1.35 -3.18
CA CYS A 70 -10.61 -2.42 -2.49
C CYS A 70 -10.00 -1.86 -1.20
N LEU A 71 -9.76 -2.75 -0.25
CA LEU A 71 -9.18 -2.36 1.01
C LEU A 71 -7.91 -1.54 0.77
N ARG A 72 -7.50 -0.80 1.78
CA ARG A 72 -6.31 0.03 1.68
C ARG A 72 -5.05 -0.85 1.72
N GLU A 73 -4.61 -1.25 0.54
CA GLU A 73 -3.43 -2.08 0.42
C GLU A 73 -2.21 -1.36 1.01
N TRP A 74 -1.34 -2.15 1.64
CA TRP A 74 -0.15 -1.59 2.24
C TRP A 74 1.05 -1.96 1.35
N TRP A 75 2.19 -1.38 1.67
CA TRP A 75 3.40 -1.64 0.91
C TRP A 75 4.48 -2.13 1.88
N ALA A 76 5.34 -3.01 1.37
CA ALA A 76 6.41 -3.55 2.19
C ALA A 76 7.55 -4.01 1.27
N LEU A 77 8.68 -4.33 1.89
CA LEU A 77 9.85 -4.78 1.15
C LEU A 77 9.74 -6.28 0.94
N ARG A 78 10.44 -6.75 -0.09
CA ARG A 78 10.44 -8.16 -0.43
C ARG A 78 11.15 -8.97 0.67
N MET A 1 13.82 16.46 2.98
CA MET A 1 14.19 15.09 3.25
C MET A 1 13.20 14.11 2.63
N ALA A 2 13.63 13.48 1.55
CA ALA A 2 12.80 12.52 0.85
C ALA A 2 13.64 11.79 -0.20
N SER A 3 13.35 10.51 -0.35
CA SER A 3 14.07 9.68 -1.30
C SER A 3 13.53 8.25 -1.28
N LEU A 4 13.94 7.48 -2.27
CA LEU A 4 13.51 6.09 -2.37
C LEU A 4 14.03 5.32 -1.15
N ILE A 5 15.23 5.67 -0.73
CA ILE A 5 15.84 5.02 0.42
C ILE A 5 15.03 5.33 1.68
N GLN A 6 14.48 6.54 1.70
CA GLN A 6 13.68 6.97 2.83
C GLN A 6 12.45 6.08 2.99
N VAL A 7 11.70 5.95 1.90
CA VAL A 7 10.50 5.14 1.90
C VAL A 7 10.89 3.67 2.12
N ARG A 8 12.01 3.30 1.53
CA ARG A 8 12.51 1.94 1.65
C ARG A 8 12.93 1.65 3.09
N ASP A 9 13.80 2.53 3.60
CA ASP A 9 14.29 2.38 4.96
C ASP A 9 13.10 2.33 5.92
N LEU A 10 12.20 3.28 5.76
CA LEU A 10 11.02 3.35 6.61
C LEU A 10 10.20 2.07 6.44
N LEU A 11 9.98 1.71 5.18
CA LEU A 11 9.21 0.51 4.87
C LEU A 11 9.83 -0.68 5.60
N ALA A 12 11.14 -0.60 5.81
CA ALA A 12 11.85 -1.67 6.49
C ALA A 12 11.79 -1.43 8.00
N LEU A 13 12.24 -0.26 8.40
CA LEU A 13 12.24 0.10 9.82
C LEU A 13 10.82 -0.04 10.38
N ARG A 14 9.91 0.73 9.80
CA ARG A 14 8.53 0.69 10.22
C ARG A 14 7.82 -0.53 9.65
N GLY A 15 8.53 -1.23 8.77
CA GLY A 15 8.00 -2.42 8.15
C GLY A 15 6.88 -2.06 7.16
N ARG A 16 6.00 -3.03 6.93
CA ARG A 16 4.90 -2.84 6.01
C ARG A 16 4.02 -1.67 6.47
N MET A 17 3.60 -0.86 5.51
CA MET A 17 2.76 0.29 5.81
C MET A 17 2.36 1.02 4.52
N GLU A 18 1.29 1.77 4.62
CA GLU A 18 0.78 2.52 3.48
C GLU A 18 1.74 3.66 3.13
N ALA A 19 1.71 4.05 1.86
CA ALA A 19 2.57 5.12 1.39
C ALA A 19 2.16 6.43 2.06
N ALA A 20 0.85 6.59 2.21
CA ALA A 20 0.31 7.79 2.83
C ALA A 20 1.10 8.10 4.10
N GLN A 21 1.48 7.05 4.80
CA GLN A 21 2.24 7.20 6.03
C GLN A 21 3.70 7.50 5.71
N ILE A 22 4.27 6.67 4.85
CA ILE A 22 5.66 6.85 4.45
C ILE A 22 5.86 8.26 3.90
N SER A 23 4.86 8.72 3.17
CA SER A 23 4.91 10.05 2.58
C SER A 23 5.00 11.11 3.68
N GLN A 24 4.11 10.98 4.65
CA GLN A 24 4.08 11.91 5.77
C GLN A 24 5.44 11.95 6.47
N THR A 25 6.00 10.77 6.68
CA THR A 25 7.29 10.64 7.34
C THR A 25 8.27 11.66 6.76
N LEU A 26 8.28 11.74 5.44
CA LEU A 26 9.17 12.67 4.76
C LEU A 26 8.36 13.86 4.25
N ASN A 27 7.31 14.19 4.99
CA ASN A 27 6.45 15.30 4.63
C ASN A 27 6.27 15.32 3.11
N THR A 28 6.32 14.14 2.52
CA THR A 28 6.16 14.02 1.08
C THR A 28 4.68 13.91 0.72
N PRO A 29 4.36 14.39 -0.51
CA PRO A 29 2.98 14.35 -1.00
C PRO A 29 2.59 12.93 -1.41
N GLN A 30 1.41 12.52 -0.95
CA GLN A 30 0.91 11.20 -1.25
C GLN A 30 1.26 10.82 -2.70
N PRO A 31 0.89 11.73 -3.64
CA PRO A 31 1.15 11.49 -5.04
C PRO A 31 2.63 11.71 -5.37
N MET A 32 3.48 11.03 -4.62
CA MET A 32 4.91 11.13 -4.82
C MET A 32 5.61 9.79 -4.57
N ILE A 33 5.22 9.16 -3.47
CA ILE A 33 5.80 7.87 -3.11
C ILE A 33 5.18 6.77 -3.99
N ASN A 34 3.88 6.92 -4.24
CA ASN A 34 3.17 5.96 -5.06
C ASN A 34 3.92 5.77 -6.39
N ALA A 35 4.46 6.87 -6.89
CA ALA A 35 5.20 6.84 -8.14
C ALA A 35 6.39 5.89 -8.00
N MET A 36 7.09 6.04 -6.88
CA MET A 36 8.25 5.22 -6.62
C MET A 36 7.85 3.75 -6.41
N LEU A 37 6.84 3.56 -5.56
CA LEU A 37 6.35 2.22 -5.28
C LEU A 37 5.95 1.54 -6.59
N GLN A 38 5.39 2.34 -7.48
CA GLN A 38 4.95 1.83 -8.78
C GLN A 38 6.15 1.27 -9.56
N GLN A 39 7.28 1.96 -9.42
CA GLN A 39 8.49 1.56 -10.10
C GLN A 39 9.05 0.27 -9.48
N LEU A 40 9.08 0.26 -8.15
CA LEU A 40 9.58 -0.89 -7.43
C LEU A 40 8.74 -2.11 -7.76
N GLU A 41 7.43 -1.88 -7.82
CA GLU A 41 6.49 -2.96 -8.13
C GLU A 41 6.84 -3.60 -9.46
N SER A 42 7.00 -2.75 -10.47
CA SER A 42 7.34 -3.22 -11.80
C SER A 42 8.60 -4.11 -11.74
N MET A 43 9.63 -3.56 -11.13
CA MET A 43 10.89 -4.28 -11.00
C MET A 43 10.70 -5.59 -10.22
N GLY A 44 9.97 -5.47 -9.12
CA GLY A 44 9.71 -6.63 -8.27
C GLY A 44 10.65 -6.66 -7.07
N LYS A 45 10.80 -5.50 -6.44
CA LYS A 45 11.67 -5.39 -5.28
C LYS A 45 10.83 -5.45 -4.01
N ALA A 46 9.78 -4.65 -4.00
CA ALA A 46 8.88 -4.62 -2.84
C ALA A 46 7.75 -5.62 -3.06
N VAL A 47 6.91 -5.74 -2.04
CA VAL A 47 5.78 -6.65 -2.10
C VAL A 47 4.51 -5.92 -1.64
N ARG A 48 3.38 -6.40 -2.13
CA ARG A 48 2.10 -5.80 -1.79
C ARG A 48 1.57 -6.42 -0.49
N ILE A 49 1.01 -5.56 0.34
CA ILE A 49 0.45 -6.01 1.61
C ILE A 49 -1.05 -5.73 1.63
N GLN A 50 -1.76 -6.55 2.40
CA GLN A 50 -3.20 -6.40 2.52
C GLN A 50 -3.57 -5.90 3.92
N GLU A 51 -4.70 -5.20 4.00
CA GLU A 51 -5.17 -4.68 5.27
C GLU A 51 -6.16 -5.65 5.90
N GLU A 52 -6.49 -5.38 7.16
CA GLU A 52 -7.42 -6.22 7.89
C GLU A 52 -8.62 -6.57 7.01
N PRO A 53 -8.93 -7.89 6.96
CA PRO A 53 -10.04 -8.37 6.16
C PRO A 53 -11.38 -8.06 6.85
N ASP A 54 -12.41 -8.75 6.40
CA ASP A 54 -13.73 -8.57 6.96
C ASP A 54 -14.25 -9.89 7.52
N GLY A 55 -15.30 -9.80 8.33
CA GLY A 55 -15.88 -10.98 8.93
C GLY A 55 -17.02 -11.54 8.06
N CYS A 56 -18.16 -10.89 8.16
CA CYS A 56 -19.33 -11.31 7.40
C CYS A 56 -19.72 -12.72 7.84
N LEU A 57 -20.97 -12.85 8.25
CA LEU A 57 -21.49 -14.13 8.70
C LEU A 57 -21.89 -14.97 7.49
N SER A 58 -22.23 -16.22 7.76
CA SER A 58 -22.64 -17.14 6.71
C SER A 58 -23.03 -18.48 7.31
N GLY A 59 -23.72 -19.27 6.51
CA GLY A 59 -24.17 -20.58 6.95
C GLY A 59 -24.24 -21.57 5.77
N SER A 60 -23.12 -22.24 5.54
CA SER A 60 -23.04 -23.20 4.46
C SER A 60 -23.47 -22.55 3.14
N CYS A 61 -22.52 -21.84 2.54
CA CYS A 61 -22.78 -21.15 1.29
C CYS A 61 -21.45 -20.63 0.74
N LYS A 62 -21.40 -20.49 -0.57
CA LYS A 62 -20.21 -20.01 -1.24
C LYS A 62 -20.58 -18.94 -2.25
N SER A 63 -20.25 -17.70 -1.91
CA SER A 63 -20.55 -16.58 -2.79
C SER A 63 -19.66 -15.39 -2.44
N CYS A 64 -19.27 -14.66 -3.47
CA CYS A 64 -18.42 -13.49 -3.29
C CYS A 64 -18.97 -12.35 -4.15
N PRO A 65 -20.16 -11.85 -3.73
CA PRO A 65 -20.80 -10.75 -4.46
C PRO A 65 -20.10 -9.43 -4.18
N GLU A 66 -20.80 -8.35 -4.47
CA GLU A 66 -20.26 -7.01 -4.26
C GLU A 66 -18.80 -6.95 -4.72
N GLY A 67 -18.62 -6.55 -5.97
CA GLY A 67 -17.29 -6.46 -6.54
C GLY A 67 -16.83 -4.99 -6.60
N LYS A 68 -16.40 -4.50 -5.45
CA LYS A 68 -15.92 -3.13 -5.36
C LYS A 68 -14.40 -3.12 -5.29
N ALA A 69 -13.84 -1.91 -5.25
CA ALA A 69 -12.40 -1.75 -5.19
C ALA A 69 -11.84 -2.69 -4.11
N CYS A 70 -10.53 -2.86 -4.16
CA CYS A 70 -9.85 -3.72 -3.20
C CYS A 70 -9.50 -2.89 -1.98
N LEU A 71 -9.42 -3.57 -0.84
CA LEU A 71 -9.08 -2.91 0.41
C LEU A 71 -7.80 -2.09 0.22
N ARG A 72 -7.59 -1.16 1.14
CA ARG A 72 -6.41 -0.31 1.10
C ARG A 72 -5.14 -1.15 1.21
N GLU A 73 -4.65 -1.59 0.07
CA GLU A 73 -3.45 -2.40 0.03
C GLU A 73 -2.26 -1.62 0.59
N TRP A 74 -1.41 -2.32 1.33
CA TRP A 74 -0.24 -1.71 1.92
C TRP A 74 0.98 -2.09 1.07
N TRP A 75 2.10 -1.45 1.39
CA TRP A 75 3.34 -1.71 0.66
C TRP A 75 4.40 -2.11 1.68
N ALA A 76 5.32 -2.95 1.24
CA ALA A 76 6.39 -3.41 2.10
C ALA A 76 7.57 -3.88 1.24
N LEU A 77 8.64 -4.29 1.92
CA LEU A 77 9.83 -4.75 1.23
C LEU A 77 9.81 -6.28 1.16
N ARG A 78 10.52 -6.79 0.17
CA ARG A 78 10.60 -8.24 -0.02
C ARG A 78 11.41 -8.88 1.09
N MET A 1 12.16 17.06 -0.92
CA MET A 1 13.43 16.80 -0.26
C MET A 1 13.41 15.44 0.43
N ALA A 2 13.68 14.40 -0.35
CA ALA A 2 13.70 13.04 0.17
C ALA A 2 14.27 12.10 -0.89
N SER A 3 14.20 10.82 -0.59
CA SER A 3 14.70 9.81 -1.50
C SER A 3 14.08 8.44 -1.18
N LEU A 4 14.25 7.52 -2.10
CA LEU A 4 13.71 6.18 -1.93
C LEU A 4 14.33 5.54 -0.67
N ILE A 5 15.63 5.77 -0.52
CA ILE A 5 16.35 5.23 0.62
C ILE A 5 15.57 5.52 1.89
N GLN A 6 15.04 6.74 1.96
CA GLN A 6 14.26 7.15 3.12
C GLN A 6 13.07 6.22 3.32
N VAL A 7 12.37 5.96 2.23
CA VAL A 7 11.21 5.08 2.27
C VAL A 7 11.67 3.64 2.46
N ARG A 8 12.65 3.25 1.66
CA ARG A 8 13.18 1.90 1.73
C ARG A 8 13.56 1.55 3.16
N ASP A 9 14.05 2.55 3.88
CA ASP A 9 14.44 2.37 5.27
C ASP A 9 13.20 2.28 6.14
N LEU A 10 12.30 3.25 5.94
CA LEU A 10 11.07 3.29 6.70
C LEU A 10 10.28 2.00 6.47
N LEU A 11 10.10 1.68 5.19
CA LEU A 11 9.36 0.50 4.82
C LEU A 11 9.99 -0.73 5.51
N ALA A 12 11.26 -0.59 5.85
CA ALA A 12 11.99 -1.66 6.50
C ALA A 12 11.79 -1.54 8.02
N LEU A 13 12.20 -0.41 8.55
CA LEU A 13 12.07 -0.15 9.97
C LEU A 13 10.59 -0.28 10.38
N ARG A 14 9.77 0.57 9.78
CA ARG A 14 8.36 0.55 10.06
C ARG A 14 7.69 -0.69 9.46
N GLY A 15 8.43 -1.34 8.58
CA GLY A 15 7.94 -2.56 7.94
C GLY A 15 6.79 -2.24 6.99
N ARG A 16 5.96 -3.24 6.76
CA ARG A 16 4.81 -3.07 5.88
C ARG A 16 3.84 -2.04 6.45
N MET A 17 3.61 -0.99 5.66
CA MET A 17 2.71 0.07 6.08
C MET A 17 2.16 0.82 4.86
N GLU A 18 1.25 1.74 5.15
CA GLU A 18 0.63 2.53 4.09
C GLU A 18 1.62 3.58 3.57
N ALA A 19 1.44 3.94 2.31
CA ALA A 19 2.30 4.93 1.68
C ALA A 19 2.05 6.31 2.33
N ALA A 20 0.78 6.57 2.59
CA ALA A 20 0.39 7.83 3.19
C ALA A 20 1.34 8.15 4.35
N GLN A 21 1.71 7.10 5.07
CA GLN A 21 2.62 7.26 6.21
C GLN A 21 4.01 7.64 5.72
N ILE A 22 4.48 6.91 4.72
CA ILE A 22 5.79 7.15 4.15
C ILE A 22 5.86 8.59 3.65
N SER A 23 4.80 9.00 2.96
CA SER A 23 4.74 10.34 2.42
C SER A 23 4.89 11.37 3.54
N GLN A 24 4.20 11.10 4.64
CA GLN A 24 4.25 11.99 5.79
C GLN A 24 5.69 12.10 6.32
N THR A 25 6.33 10.94 6.41
CA THR A 25 7.70 10.89 6.90
C THR A 25 8.54 11.99 6.26
N LEU A 26 8.40 12.09 4.94
CA LEU A 26 9.15 13.09 4.18
C LEU A 26 8.20 14.22 3.78
N ASN A 27 7.13 14.36 4.55
CA ASN A 27 6.14 15.39 4.29
C ASN A 27 5.95 15.52 2.77
N THR A 28 6.11 14.40 2.08
CA THR A 28 5.97 14.38 0.64
C THR A 28 4.49 14.22 0.27
N PRO A 29 4.19 14.55 -1.02
CA PRO A 29 2.83 14.45 -1.52
C PRO A 29 2.46 12.98 -1.78
N GLN A 30 1.24 12.64 -1.38
CA GLN A 30 0.75 11.29 -1.56
C GLN A 30 1.05 10.78 -2.98
N PRO A 31 0.65 11.62 -3.97
CA PRO A 31 0.88 11.28 -5.37
C PRO A 31 2.35 11.47 -5.75
N MET A 32 3.22 10.86 -4.96
CA MET A 32 4.65 10.96 -5.20
C MET A 32 5.36 9.64 -4.87
N ILE A 33 4.97 9.08 -3.72
CA ILE A 33 5.55 7.83 -3.28
C ILE A 33 4.94 6.66 -4.08
N ASN A 34 3.65 6.80 -4.35
CA ASN A 34 2.94 5.78 -5.10
C ASN A 34 3.66 5.52 -6.42
N ALA A 35 4.08 6.62 -7.05
CA ALA A 35 4.78 6.53 -8.31
C ALA A 35 6.03 5.65 -8.15
N MET A 36 6.77 5.93 -7.08
CA MET A 36 7.98 5.19 -6.79
C MET A 36 7.66 3.72 -6.46
N LEU A 37 6.67 3.55 -5.60
CA LEU A 37 6.26 2.22 -5.19
C LEU A 37 5.88 1.41 -6.44
N GLN A 38 5.26 2.09 -7.38
CA GLN A 38 4.84 1.45 -8.62
C GLN A 38 6.05 0.96 -9.40
N GLN A 39 7.08 1.80 -9.44
CA GLN A 39 8.30 1.46 -10.14
C GLN A 39 8.98 0.25 -9.48
N LEU A 40 9.15 0.37 -8.17
CA LEU A 40 9.79 -0.69 -7.41
C LEU A 40 9.02 -2.00 -7.61
N GLU A 41 7.70 -1.89 -7.54
CA GLU A 41 6.83 -3.04 -7.71
C GLU A 41 7.11 -3.70 -9.06
N SER A 42 7.11 -2.89 -10.10
CA SER A 42 7.36 -3.39 -11.45
C SER A 42 8.68 -4.15 -11.48
N MET A 43 9.71 -3.54 -10.92
CA MET A 43 11.02 -4.15 -10.87
C MET A 43 11.00 -5.46 -10.09
N GLY A 44 10.51 -5.37 -8.86
CA GLY A 44 10.42 -6.53 -8.00
C GLY A 44 11.20 -6.32 -6.70
N LYS A 45 11.13 -5.09 -6.19
CA LYS A 45 11.83 -4.74 -4.97
C LYS A 45 10.81 -4.61 -3.83
N ALA A 46 9.64 -4.08 -4.19
CA ALA A 46 8.58 -3.89 -3.21
C ALA A 46 7.56 -5.02 -3.35
N VAL A 47 6.53 -4.96 -2.52
CA VAL A 47 5.49 -5.96 -2.54
C VAL A 47 4.20 -5.36 -1.98
N ARG A 48 3.07 -5.81 -2.54
CA ARG A 48 1.78 -5.33 -2.10
C ARG A 48 1.24 -6.19 -0.95
N ILE A 49 0.66 -5.52 0.02
CA ILE A 49 0.11 -6.21 1.17
C ILE A 49 -1.39 -5.91 1.27
N GLN A 50 -2.11 -6.87 1.86
CA GLN A 50 -3.54 -6.72 2.01
C GLN A 50 -3.90 -6.54 3.49
N GLU A 51 -5.00 -5.82 3.72
CA GLU A 51 -5.46 -5.57 5.07
C GLU A 51 -6.77 -6.30 5.34
N GLU A 52 -7.17 -6.30 6.61
CA GLU A 52 -8.40 -6.95 7.00
C GLU A 52 -9.52 -6.63 6.01
N PRO A 53 -10.08 -7.71 5.39
CA PRO A 53 -11.14 -7.55 4.44
C PRO A 53 -12.48 -7.22 5.13
N ASP A 54 -13.55 -7.42 4.40
CA ASP A 54 -14.88 -7.15 4.93
C ASP A 54 -15.13 -8.06 6.14
N GLY A 55 -16.13 -7.68 6.92
CA GLY A 55 -16.48 -8.45 8.11
C GLY A 55 -17.03 -9.83 7.73
N CYS A 56 -17.74 -10.42 8.67
CA CYS A 56 -18.33 -11.73 8.45
C CYS A 56 -19.79 -11.54 8.05
N LEU A 57 -20.12 -12.04 6.86
CA LEU A 57 -21.47 -11.93 6.35
C LEU A 57 -22.12 -13.31 6.36
N SER A 58 -23.41 -13.32 6.06
CA SER A 58 -24.16 -14.57 6.03
C SER A 58 -23.74 -15.41 4.82
N GLY A 59 -24.10 -16.69 4.87
CA GLY A 59 -23.77 -17.59 3.79
C GLY A 59 -24.87 -17.63 2.74
N SER A 60 -24.93 -18.73 2.02
CA SER A 60 -25.93 -18.90 0.98
C SER A 60 -25.63 -17.95 -0.19
N CYS A 61 -26.25 -18.25 -1.32
CA CYS A 61 -26.07 -17.43 -2.51
C CYS A 61 -24.62 -17.60 -2.98
N LYS A 62 -23.72 -16.92 -2.29
CA LYS A 62 -22.31 -16.99 -2.62
C LYS A 62 -22.03 -16.03 -3.79
N SER A 63 -20.74 -15.84 -4.05
CA SER A 63 -20.32 -14.96 -5.13
C SER A 63 -20.70 -13.51 -4.81
N CYS A 64 -19.68 -12.66 -4.81
CA CYS A 64 -19.89 -11.26 -4.52
C CYS A 64 -19.90 -10.49 -5.84
N PRO A 65 -20.54 -9.29 -5.81
CA PRO A 65 -20.63 -8.45 -6.99
C PRO A 65 -19.29 -7.76 -7.27
N GLU A 66 -19.35 -6.71 -8.08
CA GLU A 66 -18.17 -5.96 -8.43
C GLU A 66 -18.50 -4.47 -8.58
N GLY A 67 -17.88 -3.68 -7.73
CA GLY A 67 -18.10 -2.24 -7.75
C GLY A 67 -17.01 -1.51 -6.97
N LYS A 68 -17.02 -1.72 -5.67
CA LYS A 68 -16.04 -1.08 -4.80
C LYS A 68 -14.63 -1.49 -5.24
N ALA A 69 -13.65 -0.85 -4.62
CA ALA A 69 -12.26 -1.14 -4.95
C ALA A 69 -11.68 -2.11 -3.91
N CYS A 70 -10.52 -2.64 -4.22
CA CYS A 70 -9.86 -3.58 -3.33
C CYS A 70 -9.49 -2.84 -2.04
N LEU A 71 -9.43 -3.59 -0.95
CA LEU A 71 -9.09 -3.02 0.34
C LEU A 71 -7.81 -2.20 0.21
N ARG A 72 -7.57 -1.35 1.19
CA ARG A 72 -6.40 -0.51 1.20
C ARG A 72 -5.14 -1.35 1.33
N GLU A 73 -4.62 -1.77 0.19
CA GLU A 73 -3.42 -2.59 0.17
C GLU A 73 -2.24 -1.82 0.75
N TRP A 74 -1.44 -2.53 1.54
CA TRP A 74 -0.28 -1.91 2.16
C TRP A 74 0.93 -2.17 1.27
N TRP A 75 2.02 -1.49 1.59
CA TRP A 75 3.25 -1.63 0.82
C TRP A 75 4.36 -2.06 1.78
N ALA A 76 5.25 -2.90 1.26
CA ALA A 76 6.37 -3.38 2.06
C ALA A 76 7.50 -3.80 1.13
N LEU A 77 8.59 -4.25 1.74
CA LEU A 77 9.76 -4.68 0.98
C LEU A 77 9.63 -6.17 0.68
N ARG A 78 10.25 -6.57 -0.42
CA ARG A 78 10.21 -7.97 -0.84
C ARG A 78 10.83 -8.85 0.24
N MET A 1 15.80 15.84 1.40
CA MET A 1 14.60 15.67 0.60
C MET A 1 14.21 14.19 0.49
N ALA A 2 13.01 13.97 -0.02
CA ALA A 2 12.51 12.62 -0.19
C ALA A 2 13.55 11.77 -0.93
N SER A 3 13.30 10.47 -0.95
CA SER A 3 14.20 9.55 -1.62
C SER A 3 13.67 8.13 -1.52
N LEU A 4 14.18 7.27 -2.38
CA LEU A 4 13.77 5.87 -2.40
C LEU A 4 14.24 5.19 -1.12
N ILE A 5 15.43 5.56 -0.69
CA ILE A 5 16.00 5.00 0.52
C ILE A 5 15.14 5.38 1.72
N GLN A 6 14.58 6.58 1.64
CA GLN A 6 13.72 7.08 2.70
C GLN A 6 12.49 6.19 2.86
N VAL A 7 11.80 5.98 1.75
CA VAL A 7 10.60 5.15 1.76
C VAL A 7 11.00 3.70 2.03
N ARG A 8 12.15 3.32 1.48
CA ARG A 8 12.65 1.97 1.65
C ARG A 8 13.03 1.73 3.11
N ASP A 9 13.81 2.64 3.64
CA ASP A 9 14.26 2.54 5.02
C ASP A 9 13.04 2.43 5.94
N LEU A 10 12.10 3.33 5.73
CA LEU A 10 10.88 3.35 6.52
C LEU A 10 10.12 2.04 6.31
N LEU A 11 9.98 1.68 5.04
CA LEU A 11 9.27 0.46 4.68
C LEU A 11 9.97 -0.73 5.35
N ALA A 12 11.25 -0.55 5.62
CA ALA A 12 12.03 -1.61 6.25
C ALA A 12 11.89 -1.49 7.77
N LEU A 13 12.29 -0.34 8.29
CA LEU A 13 12.22 -0.10 9.71
C LEU A 13 10.78 -0.29 10.19
N ARG A 14 9.88 0.49 9.61
CA ARG A 14 8.48 0.41 9.96
C ARG A 14 7.82 -0.79 9.26
N GLY A 15 8.64 -1.51 8.52
CA GLY A 15 8.16 -2.68 7.80
C GLY A 15 7.04 -2.30 6.83
N ARG A 16 6.06 -3.19 6.72
CA ARG A 16 4.93 -2.96 5.83
C ARG A 16 4.10 -1.78 6.33
N MET A 17 3.80 -0.87 5.41
CA MET A 17 3.02 0.30 5.74
C MET A 17 2.58 1.04 4.48
N GLU A 18 1.45 1.74 4.60
CA GLU A 18 0.91 2.49 3.47
C GLU A 18 1.82 3.68 3.15
N ALA A 19 1.68 4.18 1.93
CA ALA A 19 2.49 5.30 1.48
C ALA A 19 2.08 6.55 2.25
N ALA A 20 0.78 6.67 2.48
CA ALA A 20 0.24 7.82 3.21
C ALA A 20 1.12 8.10 4.42
N GLN A 21 1.59 7.01 5.05
CA GLN A 21 2.43 7.13 6.22
C GLN A 21 3.85 7.50 5.80
N ILE A 22 4.36 6.79 4.81
CA ILE A 22 5.70 7.03 4.31
C ILE A 22 5.81 8.49 3.85
N SER A 23 4.80 8.92 3.12
CA SER A 23 4.77 10.28 2.61
C SER A 23 4.90 11.28 3.77
N GLN A 24 4.12 11.03 4.81
CA GLN A 24 4.14 11.89 5.98
C GLN A 24 5.54 11.95 6.57
N THR A 25 6.16 10.79 6.68
CA THR A 25 7.51 10.70 7.22
C THR A 25 8.41 11.77 6.60
N LEU A 26 8.33 11.87 5.29
CA LEU A 26 9.13 12.84 4.56
C LEU A 26 8.24 14.01 4.14
N ASN A 27 7.15 14.18 4.89
CA ASN A 27 6.22 15.26 4.60
C ASN A 27 6.08 15.43 3.10
N THR A 28 6.18 14.30 2.39
CA THR A 28 6.06 14.31 0.95
C THR A 28 4.59 14.18 0.53
N PRO A 29 4.33 14.55 -0.75
CA PRO A 29 2.98 14.47 -1.30
C PRO A 29 2.58 13.03 -1.58
N GLN A 30 1.35 12.71 -1.19
CA GLN A 30 0.83 11.36 -1.39
C GLN A 30 1.12 10.90 -2.82
N PRO A 31 0.75 11.77 -3.80
CA PRO A 31 0.96 11.45 -5.19
C PRO A 31 2.43 11.61 -5.57
N MET A 32 3.28 10.93 -4.80
CA MET A 32 4.72 10.99 -5.05
C MET A 32 5.38 9.65 -4.71
N ILE A 33 4.99 9.10 -3.57
CA ILE A 33 5.53 7.83 -3.13
C ILE A 33 4.87 6.69 -3.91
N ASN A 34 3.59 6.88 -4.20
CA ASN A 34 2.84 5.89 -4.94
C ASN A 34 3.55 5.60 -6.27
N ALA A 35 4.04 6.66 -6.89
CA ALA A 35 4.73 6.54 -8.16
C ALA A 35 6.00 5.71 -7.95
N MET A 36 6.73 6.04 -6.90
CA MET A 36 7.96 5.34 -6.59
C MET A 36 7.69 3.86 -6.28
N LEU A 37 6.75 3.65 -5.36
CA LEU A 37 6.38 2.30 -4.98
C LEU A 37 6.03 1.49 -6.22
N GLN A 38 5.34 2.15 -7.14
CA GLN A 38 4.93 1.51 -8.37
C GLN A 38 6.15 1.03 -9.16
N GLN A 39 7.24 1.76 -9.00
CA GLN A 39 8.48 1.43 -9.67
C GLN A 39 9.08 0.15 -9.09
N LEU A 40 9.24 0.16 -7.77
CA LEU A 40 9.80 -0.98 -7.07
C LEU A 40 8.99 -2.24 -7.42
N GLU A 41 7.67 -2.06 -7.44
CA GLU A 41 6.79 -3.16 -7.76
C GLU A 41 7.11 -3.73 -9.14
N SER A 42 7.19 -2.83 -10.12
CA SER A 42 7.49 -3.23 -11.48
C SER A 42 8.79 -4.05 -11.51
N MET A 43 9.79 -3.53 -10.83
CA MET A 43 11.08 -4.18 -10.77
C MET A 43 10.99 -5.50 -9.99
N GLY A 44 10.28 -5.42 -8.86
CA GLY A 44 10.11 -6.59 -8.02
C GLY A 44 10.97 -6.49 -6.76
N LYS A 45 10.93 -5.31 -6.14
CA LYS A 45 11.70 -5.07 -4.94
C LYS A 45 10.77 -5.18 -3.73
N ALA A 46 9.70 -4.39 -3.75
CA ALA A 46 8.74 -4.39 -2.67
C ALA A 46 7.60 -5.36 -3.00
N VAL A 47 6.71 -5.52 -2.05
CA VAL A 47 5.57 -6.41 -2.22
C VAL A 47 4.28 -5.69 -1.81
N ARG A 48 3.17 -6.19 -2.33
CA ARG A 48 1.88 -5.60 -2.02
C ARG A 48 1.25 -6.29 -0.81
N ILE A 49 0.70 -5.48 0.08
CA ILE A 49 0.07 -6.00 1.28
C ILE A 49 -1.40 -5.60 1.29
N GLN A 50 -2.21 -6.43 1.94
CA GLN A 50 -3.63 -6.19 2.04
C GLN A 50 -4.02 -5.81 3.47
N GLU A 51 -5.09 -5.04 3.58
CA GLU A 51 -5.56 -4.62 4.89
C GLU A 51 -6.95 -5.20 5.16
N GLU A 52 -7.41 -5.01 6.39
CA GLU A 52 -8.71 -5.52 6.79
C GLU A 52 -9.71 -5.37 5.65
N PRO A 53 -9.92 -6.49 4.92
CA PRO A 53 -10.85 -6.50 3.80
C PRO A 53 -12.30 -6.51 4.29
N ASP A 54 -13.19 -6.88 3.39
CA ASP A 54 -14.61 -6.93 3.72
C ASP A 54 -15.11 -5.52 4.03
N GLY A 55 -16.43 -5.38 4.01
CA GLY A 55 -17.05 -4.09 4.29
C GLY A 55 -18.50 -4.26 4.73
N CYS A 56 -19.29 -4.82 3.83
CA CYS A 56 -20.70 -5.06 4.09
C CYS A 56 -20.83 -6.24 5.05
N LEU A 57 -21.98 -6.35 5.67
CA LEU A 57 -22.24 -7.43 6.61
C LEU A 57 -22.49 -8.73 5.83
N SER A 58 -23.56 -8.72 5.05
CA SER A 58 -23.91 -9.88 4.25
C SER A 58 -25.04 -9.52 3.29
N GLY A 59 -25.31 -10.44 2.37
CA GLY A 59 -26.36 -10.24 1.38
C GLY A 59 -27.19 -11.50 1.20
N SER A 60 -28.36 -11.49 1.81
CA SER A 60 -29.26 -12.64 1.71
C SER A 60 -30.59 -12.20 1.09
N CYS A 61 -31.41 -13.20 0.77
CA CYS A 61 -32.70 -12.94 0.16
C CYS A 61 -32.47 -12.38 -1.24
N LYS A 62 -33.54 -12.40 -2.03
CA LYS A 62 -33.46 -11.90 -3.39
C LYS A 62 -32.66 -10.60 -3.42
N SER A 63 -32.13 -10.29 -4.59
CA SER A 63 -31.33 -9.08 -4.76
C SER A 63 -30.07 -9.17 -3.91
N CYS A 64 -28.93 -9.06 -4.59
CA CYS A 64 -27.64 -9.12 -3.91
C CYS A 64 -26.97 -7.76 -4.05
N PRO A 65 -26.04 -7.48 -3.10
CA PRO A 65 -25.32 -6.22 -3.10
C PRO A 65 -24.25 -6.21 -4.20
N GLU A 66 -23.31 -5.28 -4.06
CA GLU A 66 -22.23 -5.15 -5.02
C GLU A 66 -20.89 -4.98 -4.31
N GLY A 67 -19.89 -4.58 -5.07
CA GLY A 67 -18.56 -4.37 -4.53
C GLY A 67 -17.61 -3.83 -5.60
N LYS A 68 -16.71 -2.96 -5.15
CA LYS A 68 -15.74 -2.35 -6.05
C LYS A 68 -14.63 -1.69 -5.23
N ALA A 69 -13.53 -1.42 -5.90
CA ALA A 69 -12.39 -0.79 -5.24
C ALA A 69 -11.85 -1.72 -4.16
N CYS A 70 -10.57 -2.04 -4.28
CA CYS A 70 -9.92 -2.93 -3.33
C CYS A 70 -9.40 -2.07 -2.16
N LEU A 71 -9.36 -2.69 -1.00
CA LEU A 71 -8.89 -2.01 0.20
C LEU A 71 -7.54 -1.36 -0.09
N ARG A 72 -7.18 -0.40 0.75
CA ARG A 72 -5.92 0.30 0.60
C ARG A 72 -4.75 -0.66 0.86
N GLU A 73 -4.30 -1.29 -0.21
CA GLU A 73 -3.19 -2.23 -0.12
C GLU A 73 -1.94 -1.52 0.42
N TRP A 74 -1.25 -2.21 1.32
CA TRP A 74 -0.05 -1.66 1.91
C TRP A 74 1.14 -2.12 1.07
N TRP A 75 2.30 -1.53 1.35
CA TRP A 75 3.51 -1.87 0.63
C TRP A 75 4.58 -2.25 1.66
N ALA A 76 5.45 -3.16 1.24
CA ALA A 76 6.51 -3.62 2.10
C ALA A 76 7.68 -4.13 1.25
N LEU A 77 8.85 -4.20 1.87
CA LEU A 77 10.04 -4.66 1.17
C LEU A 77 9.99 -6.18 1.04
N ARG A 78 10.74 -6.69 0.08
CA ARG A 78 10.79 -8.12 -0.17
C ARG A 78 11.94 -8.76 0.60
N MET A 1 15.44 17.17 -0.65
CA MET A 1 14.33 16.27 -0.90
C MET A 1 14.58 14.90 -0.25
N ALA A 2 13.60 14.03 -0.37
CA ALA A 2 13.70 12.69 0.19
C ALA A 2 14.32 11.76 -0.84
N SER A 3 14.26 10.47 -0.55
CA SER A 3 14.81 9.46 -1.43
C SER A 3 14.18 8.10 -1.15
N LEU A 4 14.36 7.18 -2.09
CA LEU A 4 13.81 5.84 -1.95
C LEU A 4 14.31 5.23 -0.65
N ILE A 5 15.55 5.56 -0.31
CA ILE A 5 16.15 5.04 0.91
C ILE A 5 15.28 5.42 2.10
N GLN A 6 14.79 6.65 2.08
CA GLN A 6 13.95 7.14 3.15
C GLN A 6 12.71 6.26 3.30
N VAL A 7 12.11 5.94 2.16
CA VAL A 7 10.93 5.10 2.15
C VAL A 7 11.32 3.65 2.43
N ARG A 8 12.38 3.21 1.76
CA ARG A 8 12.87 1.86 1.94
C ARG A 8 13.26 1.62 3.40
N ASP A 9 13.89 2.64 3.98
CA ASP A 9 14.31 2.55 5.36
C ASP A 9 13.09 2.47 6.28
N LEU A 10 12.14 3.36 6.00
CA LEU A 10 10.92 3.41 6.79
C LEU A 10 10.12 2.12 6.57
N LEU A 11 9.92 1.80 5.29
CA LEU A 11 9.18 0.60 4.95
C LEU A 11 9.82 -0.61 5.64
N ALA A 12 11.11 -0.50 5.88
CA ALA A 12 11.84 -1.57 6.52
C ALA A 12 11.74 -1.41 8.04
N LEU A 13 12.21 -0.26 8.52
CA LEU A 13 12.17 0.03 9.94
C LEU A 13 10.73 -0.12 10.45
N ARG A 14 9.85 0.70 9.89
CA ARG A 14 8.44 0.67 10.28
C ARG A 14 7.75 -0.54 9.66
N GLY A 15 8.48 -1.23 8.78
CA GLY A 15 7.95 -2.39 8.11
C GLY A 15 6.87 -2.00 7.11
N ARG A 16 5.98 -2.95 6.84
CA ARG A 16 4.90 -2.72 5.91
C ARG A 16 4.02 -1.56 6.38
N MET A 17 3.60 -0.74 5.42
CA MET A 17 2.77 0.40 5.73
C MET A 17 2.37 1.14 4.45
N GLU A 18 1.20 1.78 4.51
CA GLU A 18 0.71 2.52 3.38
C GLU A 18 1.66 3.66 3.02
N ALA A 19 1.55 4.12 1.78
CA ALA A 19 2.39 5.20 1.30
C ALA A 19 2.04 6.49 2.04
N ALA A 20 0.73 6.68 2.23
CA ALA A 20 0.24 7.86 2.91
C ALA A 20 1.10 8.13 4.14
N GLN A 21 1.49 7.04 4.80
CA GLN A 21 2.31 7.14 5.99
C GLN A 21 3.75 7.54 5.62
N ILE A 22 4.31 6.78 4.69
CA ILE A 22 5.66 7.04 4.24
C ILE A 22 5.79 8.51 3.81
N SER A 23 4.81 8.95 3.04
CA SER A 23 4.80 10.32 2.56
C SER A 23 4.91 11.28 3.74
N GLN A 24 4.09 11.02 4.76
CA GLN A 24 4.09 11.85 5.94
C GLN A 24 5.48 11.90 6.57
N THR A 25 6.09 10.73 6.69
CA THR A 25 7.41 10.63 7.26
C THR A 25 8.34 11.67 6.64
N LEU A 26 8.12 11.93 5.36
CA LEU A 26 8.93 12.91 4.64
C LEU A 26 8.04 14.07 4.20
N ASN A 27 6.95 14.25 4.93
CA ASN A 27 6.01 15.31 4.62
C ASN A 27 5.90 15.47 3.10
N THR A 28 6.04 14.34 2.41
CA THR A 28 5.95 14.33 0.96
C THR A 28 4.50 14.18 0.51
N PRO A 29 4.24 14.57 -0.76
CA PRO A 29 2.91 14.48 -1.32
C PRO A 29 2.56 13.04 -1.66
N GLN A 30 1.35 12.64 -1.29
CA GLN A 30 0.88 11.29 -1.56
C GLN A 30 1.23 10.88 -2.99
N PRO A 31 0.86 11.75 -3.95
CA PRO A 31 1.13 11.49 -5.35
C PRO A 31 2.61 11.72 -5.67
N MET A 32 3.46 11.06 -4.90
CA MET A 32 4.90 11.19 -5.08
C MET A 32 5.60 9.87 -4.78
N ILE A 33 5.26 9.30 -3.63
CA ILE A 33 5.86 8.05 -3.20
C ILE A 33 5.28 6.90 -4.05
N ASN A 34 4.00 7.01 -4.34
CA ASN A 34 3.32 6.01 -5.13
C ASN A 34 4.11 5.77 -6.42
N ALA A 35 4.64 6.86 -6.96
CA ALA A 35 5.42 6.79 -8.18
C ALA A 35 6.55 5.77 -8.00
N MET A 36 7.18 5.82 -6.84
CA MET A 36 8.27 4.91 -6.53
C MET A 36 7.75 3.50 -6.27
N LEU A 37 6.66 3.44 -5.52
CA LEU A 37 6.05 2.16 -5.18
C LEU A 37 5.63 1.44 -6.47
N GLN A 38 5.25 2.24 -7.45
CA GLN A 38 4.82 1.70 -8.74
C GLN A 38 6.02 1.11 -9.49
N GLN A 39 7.14 1.82 -9.40
CA GLN A 39 8.35 1.38 -10.07
C GLN A 39 8.85 0.07 -9.45
N LEU A 40 8.91 0.06 -8.13
CA LEU A 40 9.35 -1.12 -7.41
C LEU A 40 8.47 -2.31 -7.79
N GLU A 41 7.18 -2.04 -7.88
CA GLU A 41 6.22 -3.07 -8.23
C GLU A 41 6.52 -3.62 -9.63
N SER A 42 6.57 -2.71 -10.59
CA SER A 42 6.84 -3.09 -11.96
C SER A 42 8.14 -3.89 -12.04
N MET A 43 9.17 -3.35 -11.40
CA MET A 43 10.46 -4.01 -11.39
C MET A 43 10.41 -5.33 -10.62
N GLY A 44 9.81 -5.27 -9.44
CA GLY A 44 9.68 -6.44 -8.60
C GLY A 44 10.67 -6.40 -7.43
N LYS A 45 10.76 -5.23 -6.82
CA LYS A 45 11.65 -5.04 -5.69
C LYS A 45 10.85 -5.09 -4.40
N ALA A 46 9.70 -4.44 -4.42
CA ALA A 46 8.84 -4.40 -3.26
C ALA A 46 7.74 -5.46 -3.40
N VAL A 47 6.89 -5.55 -2.39
CA VAL A 47 5.80 -6.51 -2.40
C VAL A 47 4.53 -5.83 -1.88
N ARG A 48 3.40 -6.38 -2.28
CA ARG A 48 2.12 -5.84 -1.88
C ARG A 48 1.67 -6.49 -0.56
N ILE A 49 1.12 -5.66 0.31
CA ILE A 49 0.64 -6.13 1.60
C ILE A 49 -0.88 -5.95 1.68
N GLN A 50 -1.50 -6.80 2.46
CA GLN A 50 -2.94 -6.75 2.64
C GLN A 50 -3.29 -6.34 4.07
N GLU A 51 -4.45 -5.70 4.21
CA GLU A 51 -4.91 -5.25 5.51
C GLU A 51 -5.81 -6.31 6.15
N GLU A 52 -6.14 -6.08 7.42
CA GLU A 52 -6.99 -7.00 8.15
C GLU A 52 -8.12 -7.52 7.24
N PRO A 53 -8.50 -8.80 7.48
CA PRO A 53 -9.56 -9.42 6.70
C PRO A 53 -10.93 -8.90 7.11
N ASP A 54 -11.95 -9.65 6.74
CA ASP A 54 -13.32 -9.27 7.06
C ASP A 54 -14.09 -10.52 7.51
N GLY A 55 -15.24 -10.27 8.11
CA GLY A 55 -16.09 -11.35 8.59
C GLY A 55 -17.44 -11.36 7.86
N CYS A 56 -17.94 -12.56 7.64
CA CYS A 56 -19.21 -12.72 6.95
C CYS A 56 -20.30 -12.14 7.84
N LEU A 57 -21.46 -11.89 7.22
CA LEU A 57 -22.59 -11.34 7.95
C LEU A 57 -23.45 -12.47 8.51
N SER A 58 -23.99 -13.26 7.59
CA SER A 58 -24.83 -14.38 7.97
C SER A 58 -25.96 -13.91 8.88
N GLY A 59 -27.06 -13.50 8.25
CA GLY A 59 -28.21 -13.02 8.98
C GLY A 59 -29.44 -12.91 8.07
N SER A 60 -29.42 -11.90 7.21
CA SER A 60 -30.52 -11.69 6.28
C SER A 60 -30.00 -11.71 4.84
N CYS A 61 -30.78 -12.35 3.98
CA CYS A 61 -30.41 -12.46 2.58
C CYS A 61 -31.03 -11.27 1.84
N LYS A 62 -32.36 -11.24 1.86
CA LYS A 62 -33.09 -10.17 1.19
C LYS A 62 -32.48 -8.82 1.58
N SER A 63 -32.32 -7.97 0.58
CA SER A 63 -31.75 -6.65 0.81
C SER A 63 -30.29 -6.77 1.27
N CYS A 64 -29.39 -6.63 0.31
CA CYS A 64 -27.98 -6.72 0.58
C CYS A 64 -27.21 -6.53 -0.72
N PRO A 65 -26.76 -5.27 -0.95
CA PRO A 65 -26.02 -4.96 -2.17
C PRO A 65 -24.58 -5.48 -2.08
N GLU A 66 -23.74 -4.94 -2.95
CA GLU A 66 -22.35 -5.35 -2.98
C GLU A 66 -21.43 -4.14 -2.81
N GLY A 67 -20.26 -4.23 -3.43
CA GLY A 67 -19.30 -3.14 -3.34
C GLY A 67 -17.91 -3.62 -3.79
N LYS A 68 -17.70 -3.59 -5.10
CA LYS A 68 -16.43 -4.01 -5.66
C LYS A 68 -15.33 -3.07 -5.18
N ALA A 69 -14.46 -3.59 -4.32
CA ALA A 69 -13.36 -2.81 -3.79
C ALA A 69 -12.49 -3.70 -2.90
N CYS A 70 -11.19 -3.66 -3.17
CA CYS A 70 -10.25 -4.46 -2.41
C CYS A 70 -9.80 -3.64 -1.19
N LEU A 71 -9.47 -4.36 -0.13
CA LEU A 71 -9.02 -3.71 1.09
C LEU A 71 -7.84 -2.80 0.78
N ARG A 72 -7.59 -1.87 1.70
CA ARG A 72 -6.49 -0.93 1.53
C ARG A 72 -5.15 -1.68 1.54
N GLU A 73 -4.73 -2.08 0.35
CA GLU A 73 -3.47 -2.80 0.22
C GLU A 73 -2.30 -1.95 0.72
N TRP A 74 -1.42 -2.59 1.45
CA TRP A 74 -0.26 -1.90 2.00
C TRP A 74 0.95 -2.26 1.14
N TRP A 75 2.04 -1.53 1.37
CA TRP A 75 3.27 -1.77 0.63
C TRP A 75 4.37 -2.11 1.64
N ALA A 76 5.30 -2.94 1.18
CA ALA A 76 6.42 -3.34 2.03
C ALA A 76 7.60 -3.75 1.15
N LEU A 77 8.69 -4.11 1.81
CA LEU A 77 9.89 -4.51 1.10
C LEU A 77 9.93 -6.04 1.02
N ARG A 78 10.71 -6.53 0.06
CA ARG A 78 10.84 -7.95 -0.14
C ARG A 78 11.71 -8.57 0.96
N MET A 1 13.20 16.50 -2.07
CA MET A 1 12.62 15.25 -2.55
C MET A 1 13.07 14.07 -1.69
N ALA A 2 12.23 13.06 -1.65
CA ALA A 2 12.52 11.86 -0.88
C ALA A 2 13.40 10.92 -1.71
N SER A 3 14.04 10.00 -1.01
CA SER A 3 14.91 9.03 -1.66
C SER A 3 14.30 7.63 -1.57
N LEU A 4 14.68 6.79 -2.53
CA LEU A 4 14.18 5.42 -2.57
C LEU A 4 14.60 4.70 -1.29
N ILE A 5 15.81 4.99 -0.85
CA ILE A 5 16.34 4.37 0.36
C ILE A 5 15.46 4.76 1.55
N GLN A 6 14.99 6.00 1.52
CA GLN A 6 14.14 6.50 2.59
C GLN A 6 12.88 5.64 2.71
N VAL A 7 12.19 5.50 1.60
CA VAL A 7 10.97 4.71 1.56
C VAL A 7 11.31 3.24 1.83
N ARG A 8 12.45 2.83 1.30
CA ARG A 8 12.90 1.46 1.47
C ARG A 8 13.26 1.19 2.93
N ASP A 9 13.82 2.22 3.56
CA ASP A 9 14.22 2.11 4.96
C ASP A 9 12.98 2.17 5.84
N LEU A 10 12.13 3.16 5.55
CA LEU A 10 10.92 3.34 6.31
C LEU A 10 10.08 2.06 6.25
N LEU A 11 9.94 1.54 5.04
CA LEU A 11 9.17 0.33 4.83
C LEU A 11 9.70 -0.77 5.75
N ALA A 12 10.99 -0.71 6.01
CA ALA A 12 11.64 -1.69 6.87
C ALA A 12 11.47 -1.25 8.33
N LEU A 13 11.98 -0.05 8.61
CA LEU A 13 11.90 0.49 9.96
C LEU A 13 10.45 0.40 10.45
N ARG A 14 9.58 1.08 9.72
CA ARG A 14 8.16 1.09 10.08
C ARG A 14 7.50 -0.23 9.64
N GLY A 15 8.26 -1.02 8.90
CA GLY A 15 7.75 -2.29 8.42
C GLY A 15 6.65 -2.10 7.38
N ARG A 16 5.82 -3.12 7.25
CA ARG A 16 4.72 -3.07 6.30
C ARG A 16 3.74 -1.95 6.67
N MET A 17 3.61 -1.00 5.76
CA MET A 17 2.72 0.13 5.98
C MET A 17 2.26 0.74 4.66
N GLU A 18 1.37 1.70 4.76
CA GLU A 18 0.84 2.38 3.58
C GLU A 18 1.76 3.55 3.19
N ALA A 19 1.58 4.00 1.96
CA ALA A 19 2.38 5.11 1.46
C ALA A 19 2.00 6.39 2.21
N ALA A 20 0.71 6.51 2.48
CA ALA A 20 0.21 7.68 3.19
C ALA A 20 1.12 7.98 4.39
N GLN A 21 1.59 6.91 5.02
CA GLN A 21 2.47 7.05 6.17
C GLN A 21 3.87 7.46 5.72
N ILE A 22 4.35 6.78 4.70
CA ILE A 22 5.67 7.08 4.16
C ILE A 22 5.72 8.53 3.68
N SER A 23 4.78 8.86 2.80
CA SER A 23 4.70 10.20 2.27
C SER A 23 4.73 11.22 3.40
N GLN A 24 4.10 10.85 4.51
CA GLN A 24 4.05 11.72 5.67
C GLN A 24 5.45 11.90 6.27
N THR A 25 6.12 10.77 6.46
CA THR A 25 7.46 10.78 7.02
C THR A 25 8.42 11.54 6.09
N LEU A 26 8.38 11.16 4.82
CA LEU A 26 9.23 11.79 3.83
C LEU A 26 8.80 13.25 3.64
N ASN A 27 7.65 13.58 4.23
CA ASN A 27 7.13 14.93 4.14
C ASN A 27 6.77 15.24 2.68
N THR A 28 6.31 14.20 1.99
CA THR A 28 5.93 14.34 0.59
C THR A 28 4.42 14.13 0.42
N PRO A 29 3.92 14.56 -0.76
CA PRO A 29 2.50 14.42 -1.05
C PRO A 29 2.15 12.96 -1.39
N GLN A 30 1.04 12.51 -0.81
CA GLN A 30 0.59 11.15 -1.03
C GLN A 30 0.80 10.75 -2.50
N PRO A 31 0.29 11.61 -3.41
CA PRO A 31 0.42 11.36 -4.84
C PRO A 31 1.84 11.66 -5.31
N MET A 32 2.80 11.03 -4.65
CA MET A 32 4.19 11.21 -4.99
C MET A 32 4.98 9.92 -4.81
N ILE A 33 4.80 9.31 -3.64
CA ILE A 33 5.48 8.06 -3.32
C ILE A 33 4.84 6.92 -4.13
N ASN A 34 3.56 7.08 -4.39
CA ASN A 34 2.82 6.07 -5.13
C ASN A 34 3.52 5.80 -6.46
N ALA A 35 4.14 6.85 -6.98
CA ALA A 35 4.85 6.75 -8.25
C ALA A 35 6.09 5.86 -8.06
N MET A 36 6.81 6.13 -6.99
CA MET A 36 8.01 5.37 -6.68
C MET A 36 7.67 3.92 -6.40
N LEU A 37 6.69 3.72 -5.53
CA LEU A 37 6.27 2.38 -5.16
C LEU A 37 5.93 1.59 -6.43
N GLN A 38 5.36 2.30 -7.40
CA GLN A 38 4.99 1.69 -8.66
C GLN A 38 6.24 1.20 -9.40
N GLN A 39 7.27 2.03 -9.36
CA GLN A 39 8.52 1.69 -10.02
C GLN A 39 9.15 0.46 -9.38
N LEU A 40 9.30 0.53 -8.07
CA LEU A 40 9.88 -0.57 -7.32
C LEU A 40 9.08 -1.85 -7.60
N GLU A 41 7.77 -1.70 -7.62
CA GLU A 41 6.89 -2.82 -7.87
C GLU A 41 7.21 -3.46 -9.22
N SER A 42 7.24 -2.61 -10.24
CA SER A 42 7.53 -3.08 -11.58
C SER A 42 8.85 -3.85 -11.60
N MET A 43 9.85 -3.27 -10.96
CA MET A 43 11.15 -3.89 -10.88
C MET A 43 11.09 -5.22 -10.14
N GLY A 44 10.45 -5.18 -8.98
CA GLY A 44 10.31 -6.38 -8.16
C GLY A 44 11.22 -6.31 -6.94
N LYS A 45 11.15 -5.18 -6.26
CA LYS A 45 11.96 -4.96 -5.06
C LYS A 45 11.07 -5.13 -3.83
N ALA A 46 10.04 -4.30 -3.75
CA ALA A 46 9.12 -4.35 -2.63
C ALA A 46 7.97 -5.28 -2.97
N VAL A 47 7.04 -5.40 -2.02
CA VAL A 47 5.89 -6.27 -2.20
C VAL A 47 4.63 -5.53 -1.74
N ARG A 48 3.49 -5.97 -2.25
CA ARG A 48 2.23 -5.37 -1.89
C ARG A 48 1.60 -6.10 -0.70
N ILE A 49 1.03 -5.32 0.20
CA ILE A 49 0.40 -5.87 1.39
C ILE A 49 -1.09 -5.55 1.36
N GLN A 50 -1.86 -6.41 2.00
CA GLN A 50 -3.30 -6.24 2.05
C GLN A 50 -3.74 -5.96 3.49
N GLU A 51 -4.84 -5.23 3.62
CA GLU A 51 -5.37 -4.90 4.93
C GLU A 51 -6.54 -5.81 5.27
N GLU A 52 -6.94 -5.76 6.54
CA GLU A 52 -8.04 -6.58 7.01
C GLU A 52 -9.18 -6.58 5.98
N PRO A 53 -9.33 -7.76 5.31
CA PRO A 53 -10.38 -7.91 4.30
C PRO A 53 -11.75 -8.06 4.96
N ASP A 54 -12.70 -8.57 4.18
CA ASP A 54 -14.05 -8.76 4.66
C ASP A 54 -14.73 -9.84 3.82
N GLY A 55 -15.65 -10.55 4.46
CA GLY A 55 -16.38 -11.61 3.78
C GLY A 55 -16.54 -12.83 4.69
N CYS A 56 -17.76 -13.33 4.75
CA CYS A 56 -18.05 -14.49 5.57
C CYS A 56 -19.54 -14.84 5.41
N LEU A 57 -19.85 -16.09 5.70
CA LEU A 57 -21.23 -16.56 5.60
C LEU A 57 -22.14 -15.63 6.39
N SER A 58 -23.43 -15.79 6.18
CA SER A 58 -24.42 -14.98 6.87
C SER A 58 -25.78 -15.69 6.87
N GLY A 59 -26.69 -15.16 7.67
CA GLY A 59 -28.02 -15.72 7.79
C GLY A 59 -29.09 -14.65 7.57
N SER A 60 -29.94 -14.90 6.58
CA SER A 60 -31.00 -13.96 6.27
C SER A 60 -30.43 -12.63 5.79
N CYS A 61 -31.06 -12.06 4.79
CA CYS A 61 -30.62 -10.79 4.23
C CYS A 61 -31.23 -9.67 5.06
N LYS A 62 -30.55 -8.54 5.07
CA LYS A 62 -31.01 -7.38 5.81
C LYS A 62 -30.18 -6.15 5.42
N SER A 63 -28.89 -6.23 5.72
CA SER A 63 -27.99 -5.15 5.41
C SER A 63 -27.81 -5.03 3.90
N CYS A 64 -27.26 -3.89 3.49
CA CYS A 64 -27.04 -3.64 2.08
C CYS A 64 -25.53 -3.65 1.82
N PRO A 65 -25.16 -4.07 0.58
CA PRO A 65 -23.75 -4.13 0.20
C PRO A 65 -23.20 -2.72 -0.07
N GLU A 66 -22.07 -2.69 -0.76
CA GLU A 66 -21.43 -1.44 -1.08
C GLU A 66 -21.18 -1.34 -2.59
N GLY A 67 -20.14 -0.60 -2.94
CA GLY A 67 -19.78 -0.43 -4.34
C GLY A 67 -18.50 -1.19 -4.68
N LYS A 68 -17.72 -0.61 -5.58
CA LYS A 68 -16.49 -1.23 -6.02
C LYS A 68 -15.30 -0.47 -5.41
N ALA A 69 -14.44 -1.21 -4.73
CA ALA A 69 -13.27 -0.62 -4.10
C ALA A 69 -12.44 -1.72 -3.45
N CYS A 70 -11.12 -1.59 -3.59
CA CYS A 70 -10.21 -2.56 -3.01
C CYS A 70 -9.73 -2.02 -1.66
N LEU A 71 -9.44 -2.95 -0.76
CA LEU A 71 -8.96 -2.59 0.56
C LEU A 71 -7.70 -1.72 0.43
N ARG A 72 -7.40 -1.01 1.49
CA ARG A 72 -6.23 -0.14 1.52
C ARG A 72 -4.95 -0.98 1.49
N GLU A 73 -4.48 -1.25 0.28
CA GLU A 73 -3.28 -2.04 0.10
C GLU A 73 -2.09 -1.33 0.73
N TRP A 74 -1.27 -2.13 1.41
CA TRP A 74 -0.09 -1.60 2.08
C TRP A 74 1.13 -1.97 1.24
N TRP A 75 2.26 -1.38 1.61
CA TRP A 75 3.51 -1.64 0.90
C TRP A 75 4.53 -2.14 1.92
N ALA A 76 5.42 -3.00 1.44
CA ALA A 76 6.45 -3.56 2.29
C ALA A 76 7.63 -4.01 1.42
N LEU A 77 8.66 -4.52 2.09
CA LEU A 77 9.85 -4.99 1.40
C LEU A 77 9.79 -6.51 1.25
N ARG A 78 10.51 -7.00 0.26
CA ARG A 78 10.54 -8.43 0.00
C ARG A 78 11.32 -9.16 1.11
#